data_3AG0
# 
_entry.id   3AG0 
# 
_audit_conform.dict_name       mmcif_pdbx.dic 
_audit_conform.dict_version    5.381 
_audit_conform.dict_location   http://mmcif.pdb.org/dictionaries/ascii/mmcif_pdbx.dic 
# 
loop_
_database_2.database_id 
_database_2.database_code 
_database_2.pdbx_database_accession 
_database_2.pdbx_DOI 
PDB   3AG0         pdb_00003ag0 10.2210/pdb3ag0/pdb 
RCSB  RCSB029206   ?            ?                   
WWPDB D_1000029206 ?            ?                   
# 
loop_
_pdbx_database_related.db_name 
_pdbx_database_related.db_id 
_pdbx_database_related.details 
_pdbx_database_related.content_type 
PDB 1v5h 'The same protein in ferric form' unspecified 
PDB 2DC3 'The same protein in ferric form' unspecified 
# 
_pdbx_database_status.entry_id                        3AG0 
_pdbx_database_status.deposit_site                    PDBJ 
_pdbx_database_status.process_site                    PDBJ 
_pdbx_database_status.recvd_initial_deposition_date   2010-03-17 
_pdbx_database_status.status_code                     REL 
_pdbx_database_status.status_code_sf                  REL 
_pdbx_database_status.status_code_mr                  ? 
_pdbx_database_status.SG_entry                        ? 
_pdbx_database_status.status_code_cs                  ? 
_pdbx_database_status.pdb_format_compatible           Y 
_pdbx_database_status.status_code_nmr_data            ? 
_pdbx_database_status.methods_development_category    ? 
# 
loop_
_audit_author.name 
_audit_author.pdbx_ordinal 
_audit_author.identifier_ORCID 
'Makino, M.'   1 ? 
'Sawai, H.'    2 ? 
'Shiro, Y.'    3 ? 
'Sugimoto, H.' 4 ? 
# 
_citation.id                        primary 
_citation.title                     'Crystal structure of the carbon monoxide complex of human cytoglobin' 
_citation.journal_abbrev            Proteins 
_citation.journal_volume            79 
_citation.page_first                1143 
_citation.page_last                 1153 
_citation.year                      2011 
_citation.journal_id_ASTM           PSFGEY 
_citation.country                   US 
_citation.journal_id_ISSN           0887-3585 
_citation.journal_id_CSD            0867 
_citation.book_publisher            ? 
_citation.pdbx_database_id_PubMed   21254233 
_citation.pdbx_database_id_DOI      10.1002/prot.22950 
# 
loop_
_citation_author.citation_id 
_citation_author.name 
_citation_author.ordinal 
_citation_author.identifier_ORCID 
primary 'Makino, M.'   1 ? 
primary 'Sawai, H.'    2 ? 
primary 'Shiro, Y.'    3 ? 
primary 'Sugimoto, H.' 4 ? 
# 
_cell.entry_id           3AG0 
_cell.length_a           36.198 
_cell.length_b           43.977 
_cell.length_c           94.019 
_cell.angle_alpha        90.00 
_cell.angle_beta         90.00 
_cell.angle_gamma        90.00 
_cell.Z_PDB              4 
_cell.pdbx_unique_axis   ? 
_cell.length_a_esd       ? 
_cell.length_b_esd       ? 
_cell.length_c_esd       ? 
_cell.angle_alpha_esd    ? 
_cell.angle_beta_esd     ? 
_cell.angle_gamma_esd    ? 
# 
_symmetry.entry_id                         3AG0 
_symmetry.space_group_name_H-M             'P 21 21 21' 
_symmetry.pdbx_full_space_group_name_H-M   ? 
_symmetry.cell_setting                     ? 
_symmetry.Int_Tables_number                19 
_symmetry.space_group_name_Hall            ? 
# 
loop_
_entity.id 
_entity.type 
_entity.src_method 
_entity.pdbx_description 
_entity.formula_weight 
_entity.pdbx_number_of_molecules 
_entity.pdbx_ec 
_entity.pdbx_mutation 
_entity.pdbx_fragment 
_entity.details 
1 polymer     man Cytoglobin                        21577.744 1  ? ? ? ? 
2 non-polymer syn 'PROTOPORPHYRIN IX CONTAINING FE' 616.487   1  ? ? ? ? 
3 non-polymer syn 'CARBON MONOXIDE'                 28.010    1  ? ? ? ? 
4 water       nat water                             18.015    43 ? ? ? ? 
# 
_entity_name_com.entity_id   1 
_entity_name_com.name        'Histoglobin, HGb, Stellate cell activation-associated protein' 
# 
_entity_poly.entity_id                      1 
_entity_poly.type                           'polypeptide(L)' 
_entity_poly.nstd_linkage                   no 
_entity_poly.nstd_monomer                   no 
_entity_poly.pdbx_seq_one_letter_code       
;GSMEKVPGEMEIERRERSEELSEAERKAVQAMWARLYANCEDVGVAILVRFFVNFPSAKQYFSQFKHMEDPLEMERSPQL
RKHACRVMGALNTVVENLHDPDKVSSVLALVGKAHALKHKVEPVYFKILSGVILEVVAEEFASDFPPETQRAWAKLRGLI
YSHVTAAYKEVGWVQQVPNATTPPATLPSSGP
;
_entity_poly.pdbx_seq_one_letter_code_can   
;GSMEKVPGEMEIERRERSEELSEAERKAVQAMWARLYANCEDVGVAILVRFFVNFPSAKQYFSQFKHMEDPLEMERSPQL
RKHACRVMGALNTVVENLHDPDKVSSVLALVGKAHALKHKVEPVYFKILSGVILEVVAEEFASDFPPETQRAWAKLRGLI
YSHVTAAYKEVGWVQQVPNATTPPATLPSSGP
;
_entity_poly.pdbx_strand_id                 A 
_entity_poly.pdbx_target_identifier         ? 
# 
loop_
_entity_poly_seq.entity_id 
_entity_poly_seq.num 
_entity_poly_seq.mon_id 
_entity_poly_seq.hetero 
1 1   GLY n 
1 2   SER n 
1 3   MET n 
1 4   GLU n 
1 5   LYS n 
1 6   VAL n 
1 7   PRO n 
1 8   GLY n 
1 9   GLU n 
1 10  MET n 
1 11  GLU n 
1 12  ILE n 
1 13  GLU n 
1 14  ARG n 
1 15  ARG n 
1 16  GLU n 
1 17  ARG n 
1 18  SER n 
1 19  GLU n 
1 20  GLU n 
1 21  LEU n 
1 22  SER n 
1 23  GLU n 
1 24  ALA n 
1 25  GLU n 
1 26  ARG n 
1 27  LYS n 
1 28  ALA n 
1 29  VAL n 
1 30  GLN n 
1 31  ALA n 
1 32  MET n 
1 33  TRP n 
1 34  ALA n 
1 35  ARG n 
1 36  LEU n 
1 37  TYR n 
1 38  ALA n 
1 39  ASN n 
1 40  CYS n 
1 41  GLU n 
1 42  ASP n 
1 43  VAL n 
1 44  GLY n 
1 45  VAL n 
1 46  ALA n 
1 47  ILE n 
1 48  LEU n 
1 49  VAL n 
1 50  ARG n 
1 51  PHE n 
1 52  PHE n 
1 53  VAL n 
1 54  ASN n 
1 55  PHE n 
1 56  PRO n 
1 57  SER n 
1 58  ALA n 
1 59  LYS n 
1 60  GLN n 
1 61  TYR n 
1 62  PHE n 
1 63  SER n 
1 64  GLN n 
1 65  PHE n 
1 66  LYS n 
1 67  HIS n 
1 68  MET n 
1 69  GLU n 
1 70  ASP n 
1 71  PRO n 
1 72  LEU n 
1 73  GLU n 
1 74  MET n 
1 75  GLU n 
1 76  ARG n 
1 77  SER n 
1 78  PRO n 
1 79  GLN n 
1 80  LEU n 
1 81  ARG n 
1 82  LYS n 
1 83  HIS n 
1 84  ALA n 
1 85  CYS n 
1 86  ARG n 
1 87  VAL n 
1 88  MET n 
1 89  GLY n 
1 90  ALA n 
1 91  LEU n 
1 92  ASN n 
1 93  THR n 
1 94  VAL n 
1 95  VAL n 
1 96  GLU n 
1 97  ASN n 
1 98  LEU n 
1 99  HIS n 
1 100 ASP n 
1 101 PRO n 
1 102 ASP n 
1 103 LYS n 
1 104 VAL n 
1 105 SER n 
1 106 SER n 
1 107 VAL n 
1 108 LEU n 
1 109 ALA n 
1 110 LEU n 
1 111 VAL n 
1 112 GLY n 
1 113 LYS n 
1 114 ALA n 
1 115 HIS n 
1 116 ALA n 
1 117 LEU n 
1 118 LYS n 
1 119 HIS n 
1 120 LYS n 
1 121 VAL n 
1 122 GLU n 
1 123 PRO n 
1 124 VAL n 
1 125 TYR n 
1 126 PHE n 
1 127 LYS n 
1 128 ILE n 
1 129 LEU n 
1 130 SER n 
1 131 GLY n 
1 132 VAL n 
1 133 ILE n 
1 134 LEU n 
1 135 GLU n 
1 136 VAL n 
1 137 VAL n 
1 138 ALA n 
1 139 GLU n 
1 140 GLU n 
1 141 PHE n 
1 142 ALA n 
1 143 SER n 
1 144 ASP n 
1 145 PHE n 
1 146 PRO n 
1 147 PRO n 
1 148 GLU n 
1 149 THR n 
1 150 GLN n 
1 151 ARG n 
1 152 ALA n 
1 153 TRP n 
1 154 ALA n 
1 155 LYS n 
1 156 LEU n 
1 157 ARG n 
1 158 GLY n 
1 159 LEU n 
1 160 ILE n 
1 161 TYR n 
1 162 SER n 
1 163 HIS n 
1 164 VAL n 
1 165 THR n 
1 166 ALA n 
1 167 ALA n 
1 168 TYR n 
1 169 LYS n 
1 170 GLU n 
1 171 VAL n 
1 172 GLY n 
1 173 TRP n 
1 174 VAL n 
1 175 GLN n 
1 176 GLN n 
1 177 VAL n 
1 178 PRO n 
1 179 ASN n 
1 180 ALA n 
1 181 THR n 
1 182 THR n 
1 183 PRO n 
1 184 PRO n 
1 185 ALA n 
1 186 THR n 
1 187 LEU n 
1 188 PRO n 
1 189 SER n 
1 190 SER n 
1 191 GLY n 
1 192 PRO n 
# 
_entity_src_gen.entity_id                          1 
_entity_src_gen.pdbx_src_id                        1 
_entity_src_gen.pdbx_alt_source_flag               sample 
_entity_src_gen.pdbx_seq_type                      ? 
_entity_src_gen.pdbx_beg_seq_num                   ? 
_entity_src_gen.pdbx_end_seq_num                   ? 
_entity_src_gen.gene_src_common_name               human 
_entity_src_gen.gene_src_genus                     ? 
_entity_src_gen.pdbx_gene_src_gene                 'CYGB, STAP' 
_entity_src_gen.gene_src_species                   ? 
_entity_src_gen.gene_src_strain                    ? 
_entity_src_gen.gene_src_tissue                    ? 
_entity_src_gen.gene_src_tissue_fraction           ? 
_entity_src_gen.gene_src_details                   ? 
_entity_src_gen.pdbx_gene_src_fragment             ? 
_entity_src_gen.pdbx_gene_src_scientific_name      'Homo sapiens' 
_entity_src_gen.pdbx_gene_src_ncbi_taxonomy_id     9606 
_entity_src_gen.pdbx_gene_src_variant              ? 
_entity_src_gen.pdbx_gene_src_cell_line            ? 
_entity_src_gen.pdbx_gene_src_atcc                 ? 
_entity_src_gen.pdbx_gene_src_organ                ? 
_entity_src_gen.pdbx_gene_src_organelle            ? 
_entity_src_gen.pdbx_gene_src_cell                 ? 
_entity_src_gen.pdbx_gene_src_cellular_location    ? 
_entity_src_gen.host_org_common_name               ? 
_entity_src_gen.pdbx_host_org_scientific_name      'Escherichia coli' 
_entity_src_gen.pdbx_host_org_ncbi_taxonomy_id     562 
_entity_src_gen.host_org_genus                     ? 
_entity_src_gen.pdbx_host_org_gene                 ? 
_entity_src_gen.pdbx_host_org_organ                ? 
_entity_src_gen.host_org_species                   ? 
_entity_src_gen.pdbx_host_org_tissue               ? 
_entity_src_gen.pdbx_host_org_tissue_fraction      ? 
_entity_src_gen.pdbx_host_org_strain               'BL21(DE3)' 
_entity_src_gen.pdbx_host_org_variant              ? 
_entity_src_gen.pdbx_host_org_cell_line            ? 
_entity_src_gen.pdbx_host_org_atcc                 ? 
_entity_src_gen.pdbx_host_org_culture_collection   ? 
_entity_src_gen.pdbx_host_org_cell                 ? 
_entity_src_gen.pdbx_host_org_organelle            ? 
_entity_src_gen.pdbx_host_org_cellular_location    ? 
_entity_src_gen.pdbx_host_org_vector_type          PLASMID 
_entity_src_gen.pdbx_host_org_vector               ? 
_entity_src_gen.host_org_details                   ? 
_entity_src_gen.expression_system_id               ? 
_entity_src_gen.plasmid_name                       pET15B 
_entity_src_gen.plasmid_details                    ? 
_entity_src_gen.pdbx_description                   ? 
# 
_struct_ref.id                         1 
_struct_ref.db_name                    UNP 
_struct_ref.db_code                    CYGB_HUMAN 
_struct_ref.pdbx_db_accession          Q8WWM9 
_struct_ref.entity_id                  1 
_struct_ref.pdbx_seq_one_letter_code   
;MEKVPGEMEIERRERSEELSEAERKAVQAMWARLYANCEDVGVAILVRFFVNFPSAKQYFSQFKHMEDPLEMERSPQLRK
HACRVMGALNTVVENLHDPDKVSSVLALVGKAHALKHKVEPVYFKILSGVILEVVAEEFASDFPPETQRAWAKLRGLIYS
HVTAAYKEVGWVQQVPNATTPPATLPSSGP
;
_struct_ref.pdbx_align_begin           1 
_struct_ref.pdbx_db_isoform            ? 
# 
_struct_ref_seq.align_id                      1 
_struct_ref_seq.ref_id                        1 
_struct_ref_seq.pdbx_PDB_id_code              3AG0 
_struct_ref_seq.pdbx_strand_id                A 
_struct_ref_seq.seq_align_beg                 3 
_struct_ref_seq.pdbx_seq_align_beg_ins_code   ? 
_struct_ref_seq.seq_align_end                 192 
_struct_ref_seq.pdbx_seq_align_end_ins_code   ? 
_struct_ref_seq.pdbx_db_accession             Q8WWM9 
_struct_ref_seq.db_align_beg                  1 
_struct_ref_seq.pdbx_db_align_beg_ins_code    ? 
_struct_ref_seq.db_align_end                  190 
_struct_ref_seq.pdbx_db_align_end_ins_code    ? 
_struct_ref_seq.pdbx_auth_seq_align_beg       1 
_struct_ref_seq.pdbx_auth_seq_align_end       190 
# 
loop_
_struct_ref_seq_dif.align_id 
_struct_ref_seq_dif.pdbx_pdb_id_code 
_struct_ref_seq_dif.mon_id 
_struct_ref_seq_dif.pdbx_pdb_strand_id 
_struct_ref_seq_dif.seq_num 
_struct_ref_seq_dif.pdbx_pdb_ins_code 
_struct_ref_seq_dif.pdbx_seq_db_name 
_struct_ref_seq_dif.pdbx_seq_db_accession_code 
_struct_ref_seq_dif.db_mon_id 
_struct_ref_seq_dif.pdbx_seq_db_seq_num 
_struct_ref_seq_dif.details 
_struct_ref_seq_dif.pdbx_auth_seq_num 
_struct_ref_seq_dif.pdbx_ordinal 
1 3AG0 GLY A 1 ? UNP Q8WWM9 ? ? 'expression tag' -1 1 
1 3AG0 SER A 2 ? UNP Q8WWM9 ? ? 'expression tag' 0  2 
# 
loop_
_chem_comp.id 
_chem_comp.type 
_chem_comp.mon_nstd_flag 
_chem_comp.name 
_chem_comp.pdbx_synonyms 
_chem_comp.formula 
_chem_comp.formula_weight 
ALA 'L-peptide linking' y ALANINE                           ?    'C3 H7 N O2'       89.093  
ARG 'L-peptide linking' y ARGININE                          ?    'C6 H15 N4 O2 1'   175.209 
ASN 'L-peptide linking' y ASPARAGINE                        ?    'C4 H8 N2 O3'      132.118 
ASP 'L-peptide linking' y 'ASPARTIC ACID'                   ?    'C4 H7 N O4'       133.103 
CMO non-polymer         . 'CARBON MONOXIDE'                 ?    'C O'              28.010  
CYS 'L-peptide linking' y CYSTEINE                          ?    'C3 H7 N O2 S'     121.158 
GLN 'L-peptide linking' y GLUTAMINE                         ?    'C5 H10 N2 O3'     146.144 
GLU 'L-peptide linking' y 'GLUTAMIC ACID'                   ?    'C5 H9 N O4'       147.129 
GLY 'peptide linking'   y GLYCINE                           ?    'C2 H5 N O2'       75.067  
HEM non-polymer         . 'PROTOPORPHYRIN IX CONTAINING FE' HEME 'C34 H32 Fe N4 O4' 616.487 
HIS 'L-peptide linking' y HISTIDINE                         ?    'C6 H10 N3 O2 1'   156.162 
HOH non-polymer         . WATER                             ?    'H2 O'             18.015  
ILE 'L-peptide linking' y ISOLEUCINE                        ?    'C6 H13 N O2'      131.173 
LEU 'L-peptide linking' y LEUCINE                           ?    'C6 H13 N O2'      131.173 
LYS 'L-peptide linking' y LYSINE                            ?    'C6 H15 N2 O2 1'   147.195 
MET 'L-peptide linking' y METHIONINE                        ?    'C5 H11 N O2 S'    149.211 
PHE 'L-peptide linking' y PHENYLALANINE                     ?    'C9 H11 N O2'      165.189 
PRO 'L-peptide linking' y PROLINE                           ?    'C5 H9 N O2'       115.130 
SER 'L-peptide linking' y SERINE                            ?    'C3 H7 N O3'       105.093 
THR 'L-peptide linking' y THREONINE                         ?    'C4 H9 N O3'       119.119 
TRP 'L-peptide linking' y TRYPTOPHAN                        ?    'C11 H12 N2 O2'    204.225 
TYR 'L-peptide linking' y TYROSINE                          ?    'C9 H11 N O3'      181.189 
VAL 'L-peptide linking' y VALINE                            ?    'C5 H11 N O2'      117.146 
# 
_exptl.entry_id          3AG0 
_exptl.method            'X-RAY DIFFRACTION' 
_exptl.crystals_number   1 
# 
_exptl_crystal.id                    1 
_exptl_crystal.density_meas          ? 
_exptl_crystal.density_Matthews      1.73 
_exptl_crystal.density_percent_sol   29.07 
_exptl_crystal.description           ? 
_exptl_crystal.F_000                 ? 
_exptl_crystal.preparation           ? 
# 
_exptl_crystal_grow.crystal_id      1 
_exptl_crystal_grow.method          batch 
_exptl_crystal_grow.temp            293 
_exptl_crystal_grow.temp_details    ? 
_exptl_crystal_grow.pH              8.0 
_exptl_crystal_grow.pdbx_pH_range   ? 
_exptl_crystal_grow.pdbx_details    '20% PEG 3350, 20mM ammonium acetate, 5mM sodium dithionite, pH 8.0, batch, temperature 293K' 
# 
_diffrn.id                     1 
_diffrn.ambient_temp           100 
_diffrn.ambient_temp_details   ? 
_diffrn.crystal_id             1 
# 
_diffrn_detector.diffrn_id              1 
_diffrn_detector.detector               CCD 
_diffrn_detector.type                   'ADSC QUANTUM 315' 
_diffrn_detector.pdbx_collection_date   2007-04-06 
_diffrn_detector.details                'K-B mirrors' 
# 
_diffrn_radiation.diffrn_id                        1 
_diffrn_radiation.wavelength_id                    1 
_diffrn_radiation.pdbx_monochromatic_or_laue_m_l   M 
_diffrn_radiation.monochromator                    'Si(111)' 
_diffrn_radiation.pdbx_diffrn_protocol             'SINGLE WAVELENGTH' 
_diffrn_radiation.pdbx_scattering_type             x-ray 
# 
_diffrn_radiation_wavelength.id           1 
_diffrn_radiation_wavelength.wavelength   1.0000 
_diffrn_radiation_wavelength.wt           1.0 
# 
_diffrn_source.diffrn_id                   1 
_diffrn_source.source                      SYNCHROTRON 
_diffrn_source.type                        'SPRING-8 BEAMLINE BL41XU' 
_diffrn_source.pdbx_synchrotron_site       SPring-8 
_diffrn_source.pdbx_synchrotron_beamline   BL41XU 
_diffrn_source.pdbx_wavelength             ? 
_diffrn_source.pdbx_wavelength_list        1.0000 
# 
_reflns.entry_id                     3AG0 
_reflns.d_resolution_high            2.600 
_reflns.pdbx_number_measured_all     34085 
_reflns.number_obs                   4892 
_reflns.pdbx_Rmerge_I_obs            0.104 
_reflns.pdbx_netI_over_sigmaI        16.310 
_reflns.percent_possible_obs         98.600 
_reflns.B_iso_Wilson_estimate        36.121 
_reflns.Rmerge_F_obs                 0.112 
_reflns.observed_criterion_sigma_I   -3.00 
_reflns.pdbx_Rrim_I_all              0.112 
_reflns.number_all                   ? 
_reflns.observed_criterion_sigma_F   ? 
_reflns.d_resolution_low             50 
_reflns.pdbx_Rsym_value              ? 
_reflns.pdbx_redundancy              ? 
_reflns.R_free_details               ? 
_reflns.limit_h_max                  ? 
_reflns.limit_h_min                  ? 
_reflns.limit_k_max                  ? 
_reflns.limit_k_min                  ? 
_reflns.limit_l_max                  ? 
_reflns.limit_l_min                  ? 
_reflns.observed_criterion_F_max     ? 
_reflns.observed_criterion_F_min     ? 
_reflns.pdbx_chi_squared             ? 
_reflns.pdbx_scaling_rejects         ? 
_reflns.pdbx_diffrn_id               1 
_reflns.pdbx_ordinal                 1 
# 
loop_
_reflns_shell.d_res_high 
_reflns_shell.d_res_low 
_reflns_shell.number_measured_obs 
_reflns_shell.number_measured_all 
_reflns_shell.number_unique_obs 
_reflns_shell.pdbx_rejects 
_reflns_shell.Rmerge_I_obs 
_reflns_shell.meanI_over_sigI_obs 
_reflns_shell.pdbx_Rsym_value 
_reflns_shell.pdbx_chi_squared 
_reflns_shell.pdbx_redundancy 
_reflns_shell.percent_possible_obs 
_reflns_shell.pdbx_netI_over_sigmaI_obs 
_reflns_shell.number_possible 
_reflns_shell.number_unique_all 
_reflns_shell.Rmerge_F_all 
_reflns_shell.Rmerge_F_obs 
_reflns_shell.Rmerge_I_all 
_reflns_shell.meanI_over_sigI_all 
_reflns_shell.percent_possible_all 
_reflns_shell.pdbx_Rrim_I_all 
_reflns_shell.pdbx_Rpim_I_all 
_reflns_shell.pdbx_diffrn_id 
_reflns_shell.pdbx_ordinal 
2.60 2.69 3327 ? 456 ? 0.498 4.5  ? ? ? ? ? 456 ? ? 0.428 ? ? 100.00 0.54 ? ? 1 
2.69 2.80 3406 ? 480 ? 0.360 5.7  ? ? ? ? ? 498 ? ? 0.318 ? ? 96.40  0.39 ? ? 2 
2.80 2.93 3528 ? 486 ? 0.280 7.1  ? ? ? ? ? 486 ? ? 0.259 ? ? 100.00 0.30 ? ? 3 
2.93 3.08 3329 ? 464 ? 0.224 8.9  ? ? ? ? ? 477 ? ? 0.197 ? ? 97.30  0.24 ? ? 4 
3.08 3.28 3546 ? 501 ? 0.158 11.9 ? ? ? ? ? 506 ? ? 0.140 ? ? 99.00  0.17 ? ? 5 
3.28 3.53 3436 ? 479 ? 0.109 15.6 ? ? ? ? ? 483 ? ? 0.098 ? ? 99.20  0.12 ? ? 6 
3.53 3.88 3351 ? 479 ? 0.080 21.1 ? ? ? ? ? 486 ? ? 0.061 ? ? 98.60  0.09 ? ? 7 
3.88 4.45 3453 ? 509 ? 0.060 26.2 ? ? ? ? ? 514 ? ? 0.043 ? ? 99.00  0.06 ? ? 8 
4.45 5.60 3310 ? 498 ? 0.059 27.2 ? ? ? ? ? 505 ? ? 0.043 ? ? 98.60  0.06 ? ? 9 
# 
_refine.pdbx_refine_id                           'X-RAY DIFFRACTION' 
_refine.entry_id                                 3AG0 
_refine.ls_number_reflns_obs                     4877 
_refine.ls_number_reflns_all                     ? 
_refine.pdbx_ls_sigma_I                          ? 
_refine.pdbx_ls_sigma_F                          0.0 
_refine.pdbx_data_cutoff_high_absF               1279585.97 
_refine.pdbx_data_cutoff_low_absF                0.000000 
_refine.pdbx_data_cutoff_high_rms_absF           ? 
_refine.ls_d_res_low                             19.92 
_refine.ls_d_res_high                            2.60 
_refine.ls_percent_reflns_obs                    98.6 
_refine.ls_R_factor_obs                          0.215 
_refine.ls_R_factor_all                          ? 
_refine.ls_R_factor_R_work                       0.215 
_refine.ls_R_factor_R_free                       0.248 
_refine.ls_R_factor_R_free_error                 0.016 
_refine.ls_R_factor_R_free_error_details         ? 
_refine.ls_percent_reflns_R_free                 5.0 
_refine.ls_number_reflns_R_free                  246 
_refine.ls_number_parameters                     ? 
_refine.ls_number_restraints                     ? 
_refine.occupancy_min                            ? 
_refine.occupancy_max                            ? 
_refine.correlation_coeff_Fo_to_Fc               ? 
_refine.correlation_coeff_Fo_to_Fc_free          ? 
_refine.B_iso_mean                               36.5 
_refine.aniso_B[1][1]                            -7.04 
_refine.aniso_B[2][2]                            -2.08 
_refine.aniso_B[3][3]                            9.12 
_refine.aniso_B[1][2]                            0.00 
_refine.aniso_B[1][3]                            0.00 
_refine.aniso_B[2][3]                            0.00 
_refine.solvent_model_details                    'FLAT MODEL' 
_refine.solvent_model_param_ksol                 0.33375 
_refine.solvent_model_param_bsol                 48.1626 
_refine.pdbx_solvent_vdw_probe_radii             ? 
_refine.pdbx_solvent_ion_probe_radii             ? 
_refine.pdbx_solvent_shrinkage_radii             ? 
_refine.pdbx_ls_cross_valid_method               THROUGHOUT 
_refine.details                                  ? 
_refine.pdbx_starting_model                      'PDB ENTRY 1V5H' 
_refine.pdbx_method_to_determine_struct          'MOLECULAR REPLACEMENT' 
_refine.pdbx_isotropic_thermal_model             RESTRAINED 
_refine.pdbx_stereochemistry_target_values       ? 
_refine.pdbx_stereochem_target_val_spec_case     ? 
_refine.pdbx_R_Free_selection_details            RANDOM 
_refine.pdbx_overall_ESU_R_Free                  ? 
_refine.overall_SU_ML                            ? 
_refine.pdbx_overall_phase_error                 ? 
_refine.overall_SU_B                             ? 
_refine.overall_SU_R_Cruickshank_DPI             ? 
_refine.pdbx_overall_SU_R_free_Cruickshank_DPI   ? 
_refine.pdbx_overall_SU_R_Blow_DPI               ? 
_refine.pdbx_overall_SU_R_free_Blow_DPI          ? 
_refine.ls_redundancy_reflns_obs                 ? 
_refine.B_iso_min                                ? 
_refine.B_iso_max                                ? 
_refine.overall_SU_R_free                        ? 
_refine.ls_wR_factor_R_free                      ? 
_refine.ls_wR_factor_R_work                      ? 
_refine.overall_FOM_free_R_set                   ? 
_refine.overall_FOM_work_R_set                   ? 
_refine.pdbx_overall_ESU_R                       ? 
_refine.pdbx_diffrn_id                           1 
_refine.pdbx_TLS_residual_ADP_flag               ? 
# 
_refine_analyze.pdbx_refine_id                  'X-RAY DIFFRACTION' 
_refine_analyze.entry_id                        3AG0 
_refine_analyze.Luzzati_coordinate_error_obs    0.30 
_refine_analyze.Luzzati_sigma_a_obs             0.31 
_refine_analyze.Luzzati_d_res_low_obs           5.00 
_refine_analyze.Luzzati_coordinate_error_free   0.33 
_refine_analyze.Luzzati_sigma_a_free            0.37 
_refine_analyze.Luzzati_d_res_low_free          ? 
_refine_analyze.number_disordered_residues      ? 
_refine_analyze.occupancy_sum_hydrogen          ? 
_refine_analyze.occupancy_sum_non_hydrogen      ? 
_refine_analyze.pdbx_Luzzati_d_res_high_obs     ? 
# 
_refine_hist.pdbx_refine_id                   'X-RAY DIFFRACTION' 
_refine_hist.cycle_id                         LAST 
_refine_hist.pdbx_number_atoms_protein        1264 
_refine_hist.pdbx_number_atoms_nucleic_acid   0 
_refine_hist.pdbx_number_atoms_ligand         45 
_refine_hist.number_atoms_solvent             43 
_refine_hist.number_atoms_total               1352 
_refine_hist.d_res_high                       2.60 
_refine_hist.d_res_low                        19.92 
# 
loop_
_refine_ls_restr.type 
_refine_ls_restr.dev_ideal 
_refine_ls_restr.dev_ideal_target 
_refine_ls_restr.weight 
_refine_ls_restr.number 
_refine_ls_restr.pdbx_refine_id 
_refine_ls_restr.pdbx_restraint_function 
c_bond_d                0.014 ?    ? ? 'X-RAY DIFFRACTION' ? 
c_bond_d_na             ?     ?    ? ? 'X-RAY DIFFRACTION' ? 
c_bond_d_prot           ?     ?    ? ? 'X-RAY DIFFRACTION' ? 
c_angle_d               ?     ?    ? ? 'X-RAY DIFFRACTION' ? 
c_angle_d_na            ?     ?    ? ? 'X-RAY DIFFRACTION' ? 
c_angle_d_prot          ?     ?    ? ? 'X-RAY DIFFRACTION' ? 
c_angle_deg             1.7   ?    ? ? 'X-RAY DIFFRACTION' ? 
c_angle_deg_na          ?     ?    ? ? 'X-RAY DIFFRACTION' ? 
c_angle_deg_prot        ?     ?    ? ? 'X-RAY DIFFRACTION' ? 
c_dihedral_angle_d      20.7  ?    ? ? 'X-RAY DIFFRACTION' ? 
c_dihedral_angle_d_na   ?     ?    ? ? 'X-RAY DIFFRACTION' ? 
c_dihedral_angle_d_prot ?     ?    ? ? 'X-RAY DIFFRACTION' ? 
c_improper_angle_d      1.29  ?    ? ? 'X-RAY DIFFRACTION' ? 
c_improper_angle_d_na   ?     ?    ? ? 'X-RAY DIFFRACTION' ? 
c_improper_angle_d_prot ?     ?    ? ? 'X-RAY DIFFRACTION' ? 
c_mcbond_it             3.42  1.50 ? ? 'X-RAY DIFFRACTION' ? 
c_mcangle_it            4.96  2.00 ? ? 'X-RAY DIFFRACTION' ? 
c_scbond_it             5.04  2.00 ? ? 'X-RAY DIFFRACTION' ? 
c_scangle_it            6.48  2.50 ? ? 'X-RAY DIFFRACTION' ? 
# 
_refine_ls_shell.d_res_high                       2.600 
_refine_ls_shell.d_res_low                        2.760 
_refine_ls_shell.pdbx_total_number_of_bins_used   6 
_refine_ls_shell.percent_reflns_obs               98.000 
_refine_ls_shell.number_reflns_R_work             746 
_refine_ls_shell.R_factor_all                     ? 
_refine_ls_shell.R_factor_R_work                  0.287 
_refine_ls_shell.R_factor_R_free                  0.336 
_refine_ls_shell.percent_reflns_R_free            4.600 
_refine_ls_shell.number_reflns_R_free             36 
_refine_ls_shell.R_factor_R_free_error            0.056 
_refine_ls_shell.number_reflns_all                782 
_refine_ls_shell.number_reflns_obs                ? 
_refine_ls_shell.pdbx_refine_id                   'X-RAY DIFFRACTION' 
_refine_ls_shell.redundancy_reflns_obs            ? 
# 
loop_
_pdbx_xplor_file.pdbx_refine_id 
_pdbx_xplor_file.serial_no 
_pdbx_xplor_file.param_file 
_pdbx_xplor_file.topol_file 
'X-RAY DIFFRACTION' 1 protein_rep.param protein.top 
'X-RAY DIFFRACTION' 2 water_rep.param   water.top   
'X-RAY DIFFRACTION' 3 hem.param         hem.top     
'X-RAY DIFFRACTION' 4 ion.param         ion.top     
'X-RAY DIFFRACTION' 5 cmo.param         cmo.top     
# 
_struct.entry_id                  3AG0 
_struct.title                     'Crystal structure of carbonmonoxy human cytoglobin' 
_struct.pdbx_model_details        ? 
_struct.pdbx_CASP_flag            ? 
_struct.pdbx_model_type_details   ? 
# 
_struct_keywords.entry_id        3AG0 
_struct_keywords.pdbx_keywords   'OXYGEN TRANSPORT' 
_struct_keywords.text            
;Globins, Heme, Carbon Monoxide, Complex, Ligands, hexacoordination, bis-His, Disulfide bond, Iron, Metal-binding, Oxygen transport, Transport
;
# 
loop_
_struct_asym.id 
_struct_asym.pdbx_blank_PDB_chainid_flag 
_struct_asym.pdbx_modified 
_struct_asym.entity_id 
_struct_asym.details 
A N N 1 ? 
B N N 2 ? 
C N N 3 ? 
D N N 4 ? 
# 
loop_
_struct_conf.conf_type_id 
_struct_conf.id 
_struct_conf.pdbx_PDB_helix_id 
_struct_conf.beg_label_comp_id 
_struct_conf.beg_label_asym_id 
_struct_conf.beg_label_seq_id 
_struct_conf.pdbx_beg_PDB_ins_code 
_struct_conf.end_label_comp_id 
_struct_conf.end_label_asym_id 
_struct_conf.end_label_seq_id 
_struct_conf.pdbx_end_PDB_ins_code 
_struct_conf.beg_auth_comp_id 
_struct_conf.beg_auth_asym_id 
_struct_conf.beg_auth_seq_id 
_struct_conf.end_auth_comp_id 
_struct_conf.end_auth_asym_id 
_struct_conf.end_auth_seq_id 
_struct_conf.pdbx_PDB_helix_class 
_struct_conf.details 
_struct_conf.pdbx_PDB_helix_length 
HELX_P HELX_P1 1 SER A 22  ? ALA A 38  ? SER A 20  ALA A 36  1 ? 17 
HELX_P HELX_P2 2 ASN A 39  ? PHE A 55  ? ASN A 37  PHE A 53  1 ? 17 
HELX_P HELX_P3 3 ALA A 58  ? PHE A 62  ? ALA A 56  PHE A 60  5 ? 5  
HELX_P HELX_P4 4 ASP A 70  ? SER A 77  ? ASP A 68  SER A 75  1 ? 8  
HELX_P HELX_P5 5 SER A 77  ? ASN A 97  ? SER A 75  ASN A 95  1 ? 21 
HELX_P HELX_P6 6 ASP A 100 ? LYS A 118 ? ASP A 98  LYS A 116 1 ? 19 
HELX_P HELX_P7 7 PRO A 123 ? PHE A 141 ? PRO A 121 PHE A 139 1 ? 19 
HELX_P HELX_P8 8 PRO A 146 ? VAL A 171 ? PRO A 144 VAL A 169 1 ? 26 
# 
_struct_conf_type.id          HELX_P 
_struct_conf_type.criteria    ? 
_struct_conf_type.reference   ? 
# 
loop_
_struct_conn.id 
_struct_conn.conn_type_id 
_struct_conn.pdbx_leaving_atom_flag 
_struct_conn.pdbx_PDB_id 
_struct_conn.ptnr1_label_asym_id 
_struct_conn.ptnr1_label_comp_id 
_struct_conn.ptnr1_label_seq_id 
_struct_conn.ptnr1_label_atom_id 
_struct_conn.pdbx_ptnr1_label_alt_id 
_struct_conn.pdbx_ptnr1_PDB_ins_code 
_struct_conn.pdbx_ptnr1_standard_comp_id 
_struct_conn.ptnr1_symmetry 
_struct_conn.ptnr2_label_asym_id 
_struct_conn.ptnr2_label_comp_id 
_struct_conn.ptnr2_label_seq_id 
_struct_conn.ptnr2_label_atom_id 
_struct_conn.pdbx_ptnr2_label_alt_id 
_struct_conn.pdbx_ptnr2_PDB_ins_code 
_struct_conn.ptnr1_auth_asym_id 
_struct_conn.ptnr1_auth_comp_id 
_struct_conn.ptnr1_auth_seq_id 
_struct_conn.ptnr2_auth_asym_id 
_struct_conn.ptnr2_auth_comp_id 
_struct_conn.ptnr2_auth_seq_id 
_struct_conn.ptnr2_symmetry 
_struct_conn.pdbx_ptnr3_label_atom_id 
_struct_conn.pdbx_ptnr3_label_seq_id 
_struct_conn.pdbx_ptnr3_label_comp_id 
_struct_conn.pdbx_ptnr3_label_asym_id 
_struct_conn.pdbx_ptnr3_label_alt_id 
_struct_conn.pdbx_ptnr3_PDB_ins_code 
_struct_conn.details 
_struct_conn.pdbx_dist_value 
_struct_conn.pdbx_value_order 
_struct_conn.pdbx_role 
metalc1 metalc ? ? A HIS 115 NE2 ? ? ? 1_555 B HEM . FE ? ? A HIS 113 A HEM 191 1_555 ? ? ? ? ? ? ? 2.148 ? ? 
metalc2 metalc ? ? B HEM .   FE  ? ? ? 1_555 C CMO . C  ? ? A HEM 191 A CMO 192 1_555 ? ? ? ? ? ? ? 1.798 ? ? 
# 
_struct_conn_type.id          metalc 
_struct_conn_type.criteria    ? 
_struct_conn_type.reference   ? 
# 
loop_
_struct_site.id 
_struct_site.pdbx_evidence_code 
_struct_site.pdbx_auth_asym_id 
_struct_site.pdbx_auth_comp_id 
_struct_site.pdbx_auth_seq_id 
_struct_site.pdbx_auth_ins_code 
_struct_site.pdbx_num_residues 
_struct_site.details 
AC1 Software A HEM 191 ? 14 'BINDING SITE FOR RESIDUE HEM A 191' 
AC2 Software A CMO 192 ? 2  'BINDING SITE FOR RESIDUE CMO A 192' 
# 
loop_
_struct_site_gen.id 
_struct_site_gen.site_id 
_struct_site_gen.pdbx_num_res 
_struct_site_gen.label_comp_id 
_struct_site_gen.label_asym_id 
_struct_site_gen.label_seq_id 
_struct_site_gen.pdbx_auth_ins_code 
_struct_site_gen.auth_comp_id 
_struct_site_gen.auth_asym_id 
_struct_site_gen.auth_seq_id 
_struct_site_gen.label_atom_id 
_struct_site_gen.label_alt_id 
_struct_site_gen.symmetry 
_struct_site_gen.details 
1  AC1 14 ALA A 58  ? ALA A 56  . ? 1_555 ? 
2  AC1 14 TYR A 61  ? TYR A 59  . ? 1_555 ? 
3  AC1 14 PHE A 62  ? PHE A 60  . ? 1_555 ? 
4  AC1 14 GLN A 64  ? GLN A 62  . ? 1_555 ? 
5  AC1 14 ARG A 81  ? ARG A 79  . ? 4_545 ? 
6  AC1 14 HIS A 83  ? HIS A 81  . ? 1_555 ? 
7  AC1 14 ARG A 86  ? ARG A 84  . ? 1_555 ? 
8  AC1 14 ALA A 90  ? ALA A 88  . ? 1_555 ? 
9  AC1 14 HIS A 115 ? HIS A 113 . ? 1_555 ? 
10 AC1 14 HIS A 119 ? HIS A 117 . ? 1_555 ? 
11 AC1 14 VAL A 121 ? VAL A 119 . ? 1_555 ? 
12 AC1 14 PHE A 126 ? PHE A 124 . ? 1_555 ? 
13 AC1 14 CMO C .   ? CMO A 192 . ? 1_555 ? 
14 AC1 14 HOH D .   ? HOH A 234 . ? 1_555 ? 
15 AC2 2  VAL A 87  ? VAL A 85  . ? 1_555 ? 
16 AC2 2  HEM B .   ? HEM A 191 . ? 1_555 ? 
# 
_atom_sites.entry_id                    3AG0 
_atom_sites.fract_transf_matrix[1][1]   -0.01612735 
_atom_sites.fract_transf_matrix[1][2]   -0.01315695 
_atom_sites.fract_transf_matrix[1][3]   -0.01816588 
_atom_sites.fract_transf_matrix[2][1]   0.00653893 
_atom_sites.fract_transf_matrix[2][2]   0.01446453 
_atom_sites.fract_transf_matrix[2][3]   -0.01628134 
_atom_sites.fract_transf_matrix[3][1]   0.00807576 
_atom_sites.fract_transf_matrix[3][2]   -0.00645691 
_atom_sites.fract_transf_matrix[3][3]   -0.00249299 
_atom_sites.fract_transf_vector[1]      0.050438 
_atom_sites.fract_transf_vector[2]      0.010184 
_atom_sites.fract_transf_vector[3]      0.070672 
# 
loop_
_atom_type.symbol 
C  
FE 
N  
O  
S  
# 
loop_
_atom_site.group_PDB 
_atom_site.id 
_atom_site.type_symbol 
_atom_site.label_atom_id 
_atom_site.label_alt_id 
_atom_site.label_comp_id 
_atom_site.label_asym_id 
_atom_site.label_entity_id 
_atom_site.label_seq_id 
_atom_site.pdbx_PDB_ins_code 
_atom_site.Cartn_x 
_atom_site.Cartn_y 
_atom_site.Cartn_z 
_atom_site.occupancy 
_atom_site.B_iso_or_equiv 
_atom_site.pdbx_formal_charge 
_atom_site.auth_seq_id 
_atom_site.auth_comp_id 
_atom_site.auth_asym_id 
_atom_site.auth_atom_id 
_atom_site.pdbx_PDB_model_num 
ATOM   1    N  N   . GLU A 1 20  ? 9.816   -8.332  -14.032 1.00 64.34 ? 18  GLU A N   1 
ATOM   2    C  CA  . GLU A 1 20  ? 8.566   -8.385  -13.242 1.00 63.36 ? 18  GLU A CA  1 
ATOM   3    C  C   . GLU A 1 20  ? 8.697   -9.424  -12.172 1.00 63.79 ? 18  GLU A C   1 
ATOM   4    O  O   . GLU A 1 20  ? 7.929   -10.370 -12.114 1.00 63.81 ? 18  GLU A O   1 
ATOM   5    C  CB  . GLU A 1 20  ? 7.371   -8.754  -14.101 1.00 62.63 ? 18  GLU A CB  1 
ATOM   6    C  CG  . GLU A 1 20  ? 7.675   -8.712  -15.540 1.00 63.00 ? 18  GLU A CG  1 
ATOM   7    C  CD  . GLU A 1 20  ? 8.109   -7.337  -15.931 1.00 63.61 ? 18  GLU A CD  1 
ATOM   8    O  OE1 . GLU A 1 20  ? 7.544   -6.393  -15.353 1.00 61.49 ? 18  GLU A OE1 1 
ATOM   9    O  OE2 . GLU A 1 20  ? 8.990   -7.186  -16.799 1.00 59.91 ? 18  GLU A OE2 1 
ATOM   10   N  N   . LEU A 1 21  ? 9.709   -9.262  -11.345 1.00 63.74 ? 19  LEU A N   1 
ATOM   11   C  CA  . LEU A 1 21  ? 9.928   -10.136 -10.204 1.00 60.57 ? 19  LEU A CA  1 
ATOM   12   C  C   . LEU A 1 21  ? 10.326  -11.563 -10.534 1.00 61.21 ? 19  LEU A C   1 
ATOM   13   O  O   . LEU A 1 21  ? 9.520   -12.492 -10.591 1.00 59.59 ? 19  LEU A O   1 
ATOM   14   C  CB  . LEU A 1 21  ? 8.721   -10.139 -9.202  1.00 58.60 ? 19  LEU A CB  1 
ATOM   15   C  CG  . LEU A 1 21  ? 8.445   -8.922  -8.250  1.00 58.10 ? 19  LEU A CG  1 
ATOM   16   C  CD1 . LEU A 1 21  ? 9.629   -8.714  -7.366  1.00 57.25 ? 19  LEU A CD1 1 
ATOM   17   C  CD2 . LEU A 1 21  ? 8.064   -7.803  -9.149  1.00 53.43 ? 19  LEU A CD2 1 
ATOM   18   N  N   . SER A 1 22  ? 11.644  -11.679 -10.611 1.00 60.38 ? 20  SER A N   1 
ATOM   19   C  CA  . SER A 1 22  ? 12.413  -12.883 -10.826 1.00 58.55 ? 20  SER A CA  1 
ATOM   20   C  C   . SER A 1 22  ? 12.247  -13.669 -9.550  1.00 59.38 ? 20  SER A C   1 
ATOM   21   O  O   . SER A 1 22  ? 11.495  -13.301 -8.644  1.00 60.07 ? 20  SER A O   1 
ATOM   22   C  CB  . SER A 1 22  ? 13.878  -12.528 -10.887 1.00 51.92 ? 20  SER A CB  1 
ATOM   23   O  OG  . SER A 1 22  ? 14.382  -12.560 -9.557  1.00 41.83 ? 20  SER A OG  1 
ATOM   24   N  N   . GLU A 1 23  ? 13.004  -14.749 -9.504  1.00 60.33 ? 21  GLU A N   1 
ATOM   25   C  CA  . GLU A 1 23  ? 13.034  -15.643 -8.385  1.00 60.19 ? 21  GLU A CA  1 
ATOM   26   C  C   . GLU A 1 23  ? 13.874  -14.928 -7.340  1.00 60.44 ? 21  GLU A C   1 
ATOM   27   O  O   . GLU A 1 23  ? 13.540  -14.932 -6.156  1.00 57.91 ? 21  GLU A O   1 
ATOM   28   C  CB  . GLU A 1 23  ? 13.681  -16.953 -8.828  1.00 63.26 ? 21  GLU A CB  1 
ATOM   29   C  CG  . GLU A 1 23  ? 13.363  -18.154 -7.956  1.00 66.63 ? 21  GLU A CG  1 
ATOM   30   C  CD  . GLU A 1 23  ? 13.098  -19.399 -8.783  1.00 71.13 ? 21  GLU A CD  1 
ATOM   31   O  OE1 . GLU A 1 23  ? 13.288  -19.353 -10.022 1.00 65.84 ? 21  GLU A OE1 1 
ATOM   32   O  OE2 . GLU A 1 23  ? 12.698  -20.426 -8.194  1.00 71.79 ? 21  GLU A OE2 1 
ATOM   33   N  N   . ALA A 1 24  ? 14.954  -14.294 -7.786  1.00 58.65 ? 22  ALA A N   1 
ATOM   34   C  CA  . ALA A 1 24  ? 15.832  -13.565 -6.877  1.00 59.30 ? 22  ALA A CA  1 
ATOM   35   C  C   . ALA A 1 24  ? 15.065  -12.405 -6.235  1.00 57.66 ? 22  ALA A C   1 
ATOM   36   O  O   . ALA A 1 24  ? 14.939  -12.314 -5.015  1.00 60.45 ? 22  ALA A O   1 
ATOM   37   C  CB  . ALA A 1 24  ? 17.039  -13.018 -7.640  1.00 62.27 ? 22  ALA A CB  1 
ATOM   38   N  N   . GLU A 1 25  ? 14.566  -11.516 -7.088  1.00 53.33 ? 23  GLU A N   1 
ATOM   39   C  CA  . GLU A 1 25  ? 13.807  -10.320 -6.698  1.00 46.29 ? 23  GLU A CA  1 
ATOM   40   C  C   . GLU A 1 25  ? 12.711  -10.590 -5.707  1.00 42.53 ? 23  GLU A C   1 
ATOM   41   O  O   . GLU A 1 25  ? 12.498  -9.872  -4.737  1.00 45.02 ? 23  GLU A O   1 
ATOM   42   C  CB  . GLU A 1 25  ? 13.168  -9.704  -7.935  1.00 36.87 ? 23  GLU A CB  1 
ATOM   43   C  CG  . GLU A 1 25  ? 14.168  -8.991  -8.791  1.00 38.13 ? 23  GLU A CG  1 
ATOM   44   C  CD  . GLU A 1 25  ? 13.620  -8.479  -10.105 1.00 42.84 ? 23  GLU A CD  1 
ATOM   45   O  OE1 . GLU A 1 25  ? 12.634  -9.044  -10.634 1.00 33.77 ? 23  GLU A OE1 1 
ATOM   46   O  OE2 . GLU A 1 25  ? 14.219  -7.516  -10.622 1.00 36.00 ? 23  GLU A OE2 1 
ATOM   47   N  N   . ARG A 1 26  ? 11.987  -11.639 -6.024  1.00 39.80 ? 24  ARG A N   1 
ATOM   48   C  CA  . ARG A 1 26  ? 10.879  -12.096 -5.247  1.00 43.36 ? 24  ARG A CA  1 
ATOM   49   C  C   . ARG A 1 26  ? 11.279  -12.435 -3.829  1.00 43.19 ? 24  ARG A C   1 
ATOM   50   O  O   . ARG A 1 26  ? 10.479  -12.362 -2.912  1.00 37.83 ? 24  ARG A O   1 
ATOM   51   C  CB  . ARG A 1 26  ? 10.334  -13.321 -5.911  1.00 47.58 ? 24  ARG A CB  1 
ATOM   52   C  CG  . ARG A 1 26  ? 8.885   -13.490 -5.724  1.00 56.71 ? 24  ARG A CG  1 
ATOM   53   C  CD  . ARG A 1 26  ? 8.573   -14.842 -6.266  1.00 60.24 ? 24  ARG A CD  1 
ATOM   54   N  NE  . ARG A 1 26  ? 8.570   -14.886 -7.722  1.00 66.22 ? 24  ARG A NE  1 
ATOM   55   C  CZ  . ARG A 1 26  ? 8.643   -16.020 -8.405  1.00 72.48 ? 24  ARG A CZ  1 
ATOM   56   N  NH1 . ARG A 1 26  ? 8.738   -17.167 -7.756  1.00 77.78 ? 24  ARG A NH1 1 
ATOM   57   N  NH2 . ARG A 1 26  ? 8.581   -16.020 -9.725  1.00 73.44 ? 24  ARG A NH2 1 
ATOM   58   N  N   . LYS A 1 27  ? 12.537  -12.788 -3.648  1.00 43.96 ? 25  LYS A N   1 
ATOM   59   C  CA  . LYS A 1 27  ? 13.014  -13.167 -2.333  1.00 46.76 ? 25  LYS A CA  1 
ATOM   60   C  C   . LYS A 1 27  ? 13.646  -12.018 -1.589  1.00 44.17 ? 25  LYS A C   1 
ATOM   61   O  O   . LYS A 1 27  ? 13.621  -11.944 -0.356  1.00 38.84 ? 25  LYS A O   1 
ATOM   62   C  CB  . LYS A 1 27  ? 13.972  -14.290 -2.531  1.00 49.62 ? 25  LYS A CB  1 
ATOM   63   C  CG  . LYS A 1 27  ? 13.305  -15.252 -3.434  1.00 54.14 ? 25  LYS A CG  1 
ATOM   64   C  CD  . LYS A 1 27  ? 12.996  -16.491 -2.724  1.00 55.96 ? 25  LYS A CD  1 
ATOM   65   C  CE  . LYS A 1 27  ? 14.061  -17.477 -3.047  1.00 60.45 ? 25  LYS A CE  1 
ATOM   66   N  NZ  . LYS A 1 27  ? 13.780  -18.689 -2.272  1.00 64.66 ? 25  LYS A NZ  1 
ATOM   67   N  N   . ALA A 1 28  ? 14.200  -11.107 -2.370  1.00 37.90 ? 26  ALA A N   1 
ATOM   68   C  CA  . ALA A 1 28  ? 14.815  -9.925  -1.828  1.00 36.66 ? 26  ALA A CA  1 
ATOM   69   C  C   . ALA A 1 28  ? 13.681  -9.118  -1.205  1.00 39.52 ? 26  ALA A C   1 
ATOM   70   O  O   . ALA A 1 28  ? 13.738  -8.772  -0.026  1.00 42.16 ? 26  ALA A O   1 
ATOM   71   C  CB  . ALA A 1 28  ? 15.487  -9.148  -2.940  1.00 32.83 ? 26  ALA A CB  1 
ATOM   72   N  N   . VAL A 1 29  ? 12.647  -8.849  -2.004  1.00 36.72 ? 27  VAL A N   1 
ATOM   73   C  CA  . VAL A 1 29  ? 11.475  -8.089  -1.564  1.00 35.59 ? 27  VAL A CA  1 
ATOM   74   C  C   . VAL A 1 29  ? 10.840  -8.781  -0.367  1.00 33.96 ? 27  VAL A C   1 
ATOM   75   O  O   . VAL A 1 29  ? 10.478  -8.158  0.632   1.00 34.28 ? 27  VAL A O   1 
ATOM   76   C  CB  . VAL A 1 29  ? 10.408  -8.007  -2.688  1.00 32.22 ? 27  VAL A CB  1 
ATOM   77   C  CG1 . VAL A 1 29  ? 9.136   -7.351  -2.171  1.00 30.78 ? 27  VAL A CG1 1 
ATOM   78   C  CG2 . VAL A 1 29  ? 10.951  -7.234  -3.858  1.00 28.58 ? 27  VAL A CG2 1 
ATOM   79   N  N   . GLN A 1 30  ? 10.705  -10.087 -0.502  1.00 35.88 ? 28  GLN A N   1 
ATOM   80   C  CA  . GLN A 1 30  ? 10.113  -10.935 0.507   1.00 39.85 ? 28  GLN A CA  1 
ATOM   81   C  C   . GLN A 1 30  ? 10.805  -10.903 1.859   1.00 37.30 ? 28  GLN A C   1 
ATOM   82   O  O   . GLN A 1 30  ? 10.157  -10.899 2.888   1.00 41.11 ? 28  GLN A O   1 
ATOM   83   C  CB  . GLN A 1 30  ? 10.129  -12.350 -0.006  1.00 41.92 ? 28  GLN A CB  1 
ATOM   84   C  CG  . GLN A 1 30  ? 8.854   -13.104 0.190   1.00 46.07 ? 28  GLN A CG  1 
ATOM   85   C  CD  . GLN A 1 30  ? 8.681   -14.079 -0.926  1.00 45.01 ? 28  GLN A CD  1 
ATOM   86   O  OE1 . GLN A 1 30  ? 9.655   -14.560 -1.470  1.00 48.09 ? 28  GLN A OE1 1 
ATOM   87   N  NE2 . GLN A 1 30  ? 7.458   -14.375 -1.280  1.00 44.93 ? 28  GLN A NE2 1 
ATOM   88   N  N   . ALA A 1 31  ? 12.130  -10.920 1.859   1.00 37.17 ? 29  ALA A N   1 
ATOM   89   C  CA  . ALA A 1 31  ? 12.868  -10.891 3.114   1.00 37.64 ? 29  ALA A CA  1 
ATOM   90   C  C   . ALA A 1 31  ? 12.716  -9.514  3.725   1.00 35.91 ? 29  ALA A C   1 
ATOM   91   O  O   . ALA A 1 31  ? 12.411  -9.376  4.909   1.00 35.68 ? 29  ALA A O   1 
ATOM   92   C  CB  . ALA A 1 31  ? 14.366  -11.213 2.875   1.00 26.70 ? 29  ALA A CB  1 
ATOM   93   N  N   . MET A 1 32  ? 12.916  -8.501  2.890   1.00 37.82 ? 30  MET A N   1 
ATOM   94   C  CA  . MET A 1 32  ? 12.834  -7.111  3.300   1.00 38.85 ? 30  MET A CA  1 
ATOM   95   C  C   . MET A 1 32  ? 11.498  -6.775  3.942   1.00 41.69 ? 30  MET A C   1 
ATOM   96   O  O   . MET A 1 32  ? 11.455  -6.143  4.996   1.00 48.95 ? 30  MET A O   1 
ATOM   97   C  CB  . MET A 1 32  ? 13.083  -6.219  2.088   1.00 39.95 ? 30  MET A CB  1 
ATOM   98   C  CG  . MET A 1 32  ? 14.030  -5.077  2.373   1.00 40.98 ? 30  MET A CG  1 
ATOM   99   S  SD  . MET A 1 32  ? 14.961  -4.523  0.935   1.00 44.72 ? 30  MET A SD  1 
ATOM   100  C  CE  . MET A 1 32  ? 14.849  -2.819  1.138   1.00 32.64 ? 30  MET A CE  1 
ATOM   101  N  N   . TRP A 1 33  ? 10.409  -7.196  3.307   1.00 43.36 ? 31  TRP A N   1 
ATOM   102  C  CA  . TRP A 1 33  ? 9.071   -6.935  3.827   1.00 40.22 ? 31  TRP A CA  1 
ATOM   103  C  C   . TRP A 1 33  ? 8.808   -7.766  5.075   1.00 39.67 ? 31  TRP A C   1 
ATOM   104  O  O   . TRP A 1 33  ? 8.063   -7.350  5.959   1.00 38.72 ? 31  TRP A O   1 
ATOM   105  C  CB  . TRP A 1 33  ? 8.019   -7.243  2.751   1.00 40.50 ? 31  TRP A CB  1 
ATOM   106  C  CG  . TRP A 1 33  ? 6.602   -7.303  3.263   1.00 35.90 ? 31  TRP A CG  1 
ATOM   107  C  CD1 . TRP A 1 33  ? 5.933   -8.414  3.696   1.00 36.15 ? 31  TRP A CD1 1 
ATOM   108  C  CD2 . TRP A 1 33  ? 5.695   -6.201  3.427   1.00 37.67 ? 31  TRP A CD2 1 
ATOM   109  N  NE1 . TRP A 1 33  ? 4.668   -8.075  4.121   1.00 32.40 ? 31  TRP A NE1 1 
ATOM   110  C  CE2 . TRP A 1 33  ? 4.495   -6.725  3.969   1.00 32.11 ? 31  TRP A CE2 1 
ATOM   111  C  CE3 . TRP A 1 33  ? 5.778   -4.824  3.172   1.00 32.99 ? 31  TRP A CE3 1 
ATOM   112  C  CZ2 . TRP A 1 33  ? 3.392   -5.922  4.258   1.00 25.19 ? 31  TRP A CZ2 1 
ATOM   113  C  CZ3 . TRP A 1 33  ? 4.679   -4.024  3.461   1.00 29.09 ? 31  TRP A CZ3 1 
ATOM   114  C  CH2 . TRP A 1 33  ? 3.499   -4.578  4.000   1.00 35.84 ? 31  TRP A CH2 1 
ATOM   115  N  N   . ALA A 1 34  ? 9.426   -8.941  5.135   1.00 42.62 ? 32  ALA A N   1 
ATOM   116  C  CA  . ALA A 1 34  ? 9.269   -9.842  6.273   1.00 46.30 ? 32  ALA A CA  1 
ATOM   117  C  C   . ALA A 1 34  ? 9.664   -9.104  7.543   1.00 47.57 ? 32  ALA A C   1 
ATOM   118  O  O   . ALA A 1 34  ? 8.891   -9.037  8.503   1.00 43.29 ? 32  ALA A O   1 
ATOM   119  C  CB  . ALA A 1 34  ? 10.149  -11.078 6.086   1.00 44.24 ? 32  ALA A CB  1 
ATOM   120  N  N   . ARG A 1 35  ? 10.875  -8.551  7.532   1.00 49.29 ? 33  ARG A N   1 
ATOM   121  C  CA  . ARG A 1 35  ? 11.399  -7.797  8.663   1.00 50.05 ? 33  ARG A CA  1 
ATOM   122  C  C   . ARG A 1 35  ? 10.564  -6.537  8.848   1.00 48.55 ? 33  ARG A C   1 
ATOM   123  O  O   . ARG A 1 35  ? 10.501  -5.967  9.938   1.00 45.97 ? 33  ARG A O   1 
ATOM   124  C  CB  . ARG A 1 35  ? 12.868  -7.435  8.416   1.00 54.60 ? 33  ARG A CB  1 
ATOM   125  C  CG  . ARG A 1 35  ? 13.822  -8.621  8.549   1.00 58.25 ? 33  ARG A CG  1 
ATOM   126  C  CD  . ARG A 1 35  ? 15.255  -8.272  8.162   1.00 56.08 ? 33  ARG A CD  1 
ATOM   127  N  NE  . ARG A 1 35  ? 15.477  -8.380  6.725   1.00 58.45 ? 33  ARG A NE  1 
ATOM   128  C  CZ  . ARG A 1 35  ? 16.652  -8.171  6.137   1.00 65.22 ? 33  ARG A CZ  1 
ATOM   129  N  NH1 . ARG A 1 35  ? 17.708  -7.841  6.870   1.00 67.37 ? 33  ARG A NH1 1 
ATOM   130  N  NH2 . ARG A 1 35  ? 16.773  -8.300  4.821   1.00 61.63 ? 33  ARG A NH2 1 
ATOM   131  N  N   . LEU A 1 36  ? 9.908   -6.124  7.768   1.00 47.32 ? 34  LEU A N   1 
ATOM   132  C  CA  . LEU A 1 36  ? 9.065   -4.940  7.775   1.00 43.39 ? 34  LEU A CA  1 
ATOM   133  C  C   . LEU A 1 36  ? 7.722   -5.251  8.438   1.00 43.05 ? 34  LEU A C   1 
ATOM   134  O  O   . LEU A 1 36  ? 7.280   -4.521  9.325   1.00 47.58 ? 34  LEU A O   1 
ATOM   135  C  CB  . LEU A 1 36  ? 8.842   -4.466  6.336   1.00 44.39 ? 34  LEU A CB  1 
ATOM   136  C  CG  . LEU A 1 36  ? 8.979   -2.981  5.972   1.00 36.67 ? 34  LEU A CG  1 
ATOM   137  C  CD1 . LEU A 1 36  ? 7.922   -2.197  6.672   1.00 36.46 ? 34  LEU A CD1 1 
ATOM   138  C  CD2 . LEU A 1 36  ? 10.352  -2.463  6.348   1.00 34.47 ? 34  LEU A CD2 1 
ATOM   139  N  N   . TYR A 1 37  ? 7.090   -6.343  8.012   1.00 41.72 ? 35  TYR A N   1 
ATOM   140  C  CA  . TYR A 1 37  ? 5.788   -6.752  8.540   1.00 43.36 ? 35  TYR A CA  1 
ATOM   141  C  C   . TYR A 1 37  ? 5.849   -7.232  9.988   1.00 46.11 ? 35  TYR A C   1 
ATOM   142  O  O   . TYR A 1 37  ? 4.822   -7.283  10.667  1.00 46.47 ? 35  TYR A O   1 
ATOM   143  C  CB  . TYR A 1 37  ? 5.184   -7.861  7.672   1.00 47.73 ? 35  TYR A CB  1 
ATOM   144  C  CG  . TYR A 1 37  ? 3.734   -8.179  7.987   1.00 52.20 ? 35  TYR A CG  1 
ATOM   145  C  CD1 . TYR A 1 37  ? 2.746   -7.206  7.846   1.00 51.92 ? 35  TYR A CD1 1 
ATOM   146  C  CD2 . TYR A 1 37  ? 3.347   -9.451  8.427   1.00 53.50 ? 35  TYR A CD2 1 
ATOM   147  C  CE1 . TYR A 1 37  ? 1.409   -7.482  8.134   1.00 55.10 ? 35  TYR A CE1 1 
ATOM   148  C  CE2 . TYR A 1 37  ? 2.006   -9.738  8.718   1.00 53.41 ? 35  TYR A CE2 1 
ATOM   149  C  CZ  . TYR A 1 37  ? 1.045   -8.746  8.570   1.00 55.38 ? 35  TYR A CZ  1 
ATOM   150  O  OH  . TYR A 1 37  ? -0.278  -9.013  8.856   1.00 59.16 ? 35  TYR A OH  1 
ATOM   151  N  N   . ALA A 1 38  ? 7.032   -7.614  10.462  1.00 46.97 ? 36  ALA A N   1 
ATOM   152  C  CA  . ALA A 1 38  ? 7.165   -8.045  11.844  1.00 46.65 ? 36  ALA A CA  1 
ATOM   153  C  C   . ALA A 1 38  ? 6.970   -6.778  12.692  1.00 48.42 ? 36  ALA A C   1 
ATOM   154  O  O   . ALA A 1 38  ? 6.987   -6.825  13.908  1.00 47.66 ? 36  ALA A O   1 
ATOM   155  C  CB  . ALA A 1 38  ? 8.566   -8.672  12.100  1.00 44.47 ? 36  ALA A CB  1 
ATOM   156  N  N   . ASN A 1 39  ? 6.755   -5.651  12.019  1.00 50.51 ? 37  ASN A N   1 
ATOM   157  C  CA  . ASN A 1 39  ? 6.528   -4.371  12.669  1.00 52.03 ? 37  ASN A CA  1 
ATOM   158  C  C   . ASN A 1 39  ? 5.279   -3.744  12.128  1.00 50.78 ? 37  ASN A C   1 
ATOM   159  O  O   . ASN A 1 39  ? 5.046   -2.567  12.339  1.00 44.25 ? 37  ASN A O   1 
ATOM   160  C  CB  . ASN A 1 39  ? 7.718   -3.434  12.469  1.00 57.95 ? 37  ASN A CB  1 
ATOM   161  C  CG  . ASN A 1 39  ? 8.723   -3.526  13.615  1.00 61.96 ? 37  ASN A CG  1 
ATOM   162  O  OD1 . ASN A 1 39  ? 8.379   -3.301  14.777  1.00 62.01 ? 37  ASN A OD1 1 
ATOM   163  N  ND2 . ASN A 1 39  ? 9.965   -3.857  13.292  1.00 61.46 ? 37  ASN A ND2 1 
ATOM   164  N  N   . CYS A 1 40  ? 4.496   -4.576  11.440  1.00 48.95 ? 38  CYS A N   1 
ATOM   165  C  CA  . CYS A 1 40  ? 3.202   -4.226  10.852  1.00 49.49 ? 38  CYS A CA  1 
ATOM   166  C  C   . CYS A 1 40  ? 2.655   -2.939  11.490  1.00 47.91 ? 38  CYS A C   1 
ATOM   167  O  O   . CYS A 1 40  ? 2.352   -1.958  10.832  1.00 52.59 ? 38  CYS A O   1 
ATOM   168  C  CB  . CYS A 1 40  ? 2.207   -5.380  11.108  1.00 46.30 ? 38  CYS A CB  1 
ATOM   169  S  SG  . CYS A 1 40  ? 0.464   -4.913  11.499  1.00 38.55 ? 38  CYS A SG  1 
ATOM   170  N  N   . GLU A 1 41  ? 2.435   -3.051  12.789  1.00 49.79 ? 39  GLU A N   1 
ATOM   171  C  CA  . GLU A 1 41  ? 1.930   -2.006  13.677  1.00 50.22 ? 39  GLU A CA  1 
ATOM   172  C  C   . GLU A 1 41  ? 2.422   -0.557  13.439  1.00 47.71 ? 39  GLU A C   1 
ATOM   173  O  O   . GLU A 1 41  ? 1.705   0.270   12.888  1.00 44.05 ? 39  GLU A O   1 
ATOM   174  C  CB  . GLU A 1 41  ? 2.226   -2.454  15.124  1.00 53.92 ? 39  GLU A CB  1 
ATOM   175  C  CG  . GLU A 1 41  ? 1.615   -3.838  15.398  1.00 58.06 ? 39  GLU A CG  1 
ATOM   176  C  CD  . GLU A 1 41  ? 2.643   -4.964  15.450  1.00 63.81 ? 39  GLU A CD  1 
ATOM   177  O  OE1 . GLU A 1 41  ? 3.655   -4.906  14.718  1.00 62.60 ? 39  GLU A OE1 1 
ATOM   178  O  OE2 . GLU A 1 41  ? 2.425   -5.920  16.225  1.00 65.12 ? 39  GLU A OE2 1 
ATOM   179  N  N   . ASP A 1 42  ? 3.647   -0.255  13.855  1.00 44.00 ? 40  ASP A N   1 
ATOM   180  C  CA  . ASP A 1 42  ? 4.216   1.079   13.733  1.00 43.13 ? 40  ASP A CA  1 
ATOM   181  C  C   . ASP A 1 42  ? 4.505   1.512   12.317  1.00 38.96 ? 40  ASP A C   1 
ATOM   182  O  O   . ASP A 1 42  ? 4.362   2.678   11.985  1.00 32.47 ? 40  ASP A O   1 
ATOM   183  C  CB  . ASP A 1 42  ? 5.488   1.156   14.563  1.00 49.09 ? 40  ASP A CB  1 
ATOM   184  C  CG  . ASP A 1 42  ? 5.203   1.239   16.042  1.00 62.42 ? 40  ASP A CG  1 
ATOM   185  O  OD1 . ASP A 1 42  ? 4.016   1.239   16.451  1.00 67.60 ? 40  ASP A OD1 1 
ATOM   186  O  OD2 . ASP A 1 42  ? 6.188   1.311   16.798  1.00 69.43 ? 40  ASP A OD2 1 
ATOM   187  N  N   . VAL A 1 43  ? 4.889   0.563   11.477  1.00 32.76 ? 41  VAL A N   1 
ATOM   188  C  CA  . VAL A 1 43  ? 5.199   0.871   10.098  1.00 32.43 ? 41  VAL A CA  1 
ATOM   189  C  C   . VAL A 1 43  ? 3.978   1.252   9.256   1.00 30.61 ? 41  VAL A C   1 
ATOM   190  O  O   . VAL A 1 43  ? 4.043   2.181   8.440   1.00 22.68 ? 41  VAL A O   1 
ATOM   191  C  CB  . VAL A 1 43  ? 5.950   -0.301  9.450   1.00 35.80 ? 41  VAL A CB  1 
ATOM   192  C  CG1 . VAL A 1 43  ? 6.002   -0.122  7.953   1.00 33.63 ? 41  VAL A CG1 1 
ATOM   193  C  CG2 . VAL A 1 43  ? 7.354   -0.375  10.021  1.00 34.22 ? 41  VAL A CG2 1 
ATOM   194  N  N   . GLY A 1 44  ? 2.873   0.539   9.447   1.00 26.72 ? 42  GLY A N   1 
ATOM   195  C  CA  . GLY A 1 44  ? 1.675   0.855   8.696   1.00 20.47 ? 42  GLY A CA  1 
ATOM   196  C  C   . GLY A 1 44  ? 1.201   2.238   9.096   1.00 23.67 ? 42  GLY A C   1 
ATOM   197  O  O   . GLY A 1 44  ? 0.819   3.044   8.247   1.00 28.67 ? 42  GLY A O   1 
ATOM   198  N  N   . VAL A 1 45  ? 1.232   2.513   10.397  1.00 17.36 ? 43  VAL A N   1 
ATOM   199  C  CA  . VAL A 1 45  ? 0.806   3.804   10.928  1.00 18.57 ? 43  VAL A CA  1 
ATOM   200  C  C   . VAL A 1 45  ? 1.688   4.940   10.411  1.00 20.98 ? 43  VAL A C   1 
ATOM   201  O  O   . VAL A 1 45  ? 1.195   6.020   10.084  1.00 24.94 ? 43  VAL A O   1 
ATOM   202  C  CB  . VAL A 1 45  ? 0.831   3.813   12.486  1.00 8.73  ? 43  VAL A CB  1 
ATOM   203  C  CG1 . VAL A 1 45  ? 0.749   5.233   13.006  1.00 12.63 ? 43  VAL A CG1 1 
ATOM   204  C  CG2 . VAL A 1 45  ? -0.338  3.007   13.027  1.00 13.92 ? 43  VAL A CG2 1 
ATOM   205  N  N   . ALA A 1 46  ? 2.991   4.693   10.354  1.00 15.92 ? 44  ALA A N   1 
ATOM   206  C  CA  . ALA A 1 46  ? 3.932   5.692   9.876   1.00 19.40 ? 44  ALA A CA  1 
ATOM   207  C  C   . ALA A 1 46  ? 3.641   6.000   8.406   1.00 19.97 ? 44  ALA A C   1 
ATOM   208  O  O   . ALA A 1 46  ? 3.777   7.142   7.964   1.00 18.86 ? 44  ALA A O   1 
ATOM   209  C  CB  . ALA A 1 46  ? 5.362   5.182   10.038  1.00 13.92 ? 44  ALA A CB  1 
ATOM   210  N  N   . ILE A 1 47  ? 3.235   4.977   7.660   1.00 18.62 ? 45  ILE A N   1 
ATOM   211  C  CA  . ILE A 1 47  ? 2.931   5.143   6.252   1.00 22.76 ? 45  ILE A CA  1 
ATOM   212  C  C   . ILE A 1 47  ? 1.667   5.972   6.085   1.00 21.95 ? 45  ILE A C   1 
ATOM   213  O  O   . ILE A 1 47  ? 1.678   6.988   5.402   1.00 19.68 ? 45  ILE A O   1 
ATOM   214  C  CB  . ILE A 1 47  ? 2.762   3.781   5.561   1.00 24.40 ? 45  ILE A CB  1 
ATOM   215  C  CG1 . ILE A 1 47  ? 4.127   3.086   5.460   1.00 22.48 ? 45  ILE A CG1 1 
ATOM   216  C  CG2 . ILE A 1 47  ? 2.127   3.964   4.188   1.00 26.77 ? 45  ILE A CG2 1 
ATOM   217  C  CD1 . ILE A 1 47  ? 4.089   1.712   4.768   1.00 29.08 ? 45  ILE A CD1 1 
ATOM   218  N  N   . LEU A 1 48  ? 0.585   5.542   6.725   1.00 24.40 ? 46  LEU A N   1 
ATOM   219  C  CA  . LEU A 1 48  ? -0.688  6.254   6.655   1.00 24.16 ? 46  LEU A CA  1 
ATOM   220  C  C   . LEU A 1 48  ? -0.562  7.708   7.102   1.00 23.58 ? 46  LEU A C   1 
ATOM   221  O  O   . LEU A 1 48  ? -0.959  8.623   6.381   1.00 25.90 ? 46  LEU A O   1 
ATOM   222  C  CB  . LEU A 1 48  ? -1.732  5.548   7.522   1.00 25.03 ? 46  LEU A CB  1 
ATOM   223  C  CG  . LEU A 1 48  ? -2.928  4.885   6.833   1.00 33.31 ? 46  LEU A CG  1 
ATOM   224  C  CD1 . LEU A 1 48  ? -2.463  3.971   5.702   1.00 30.20 ? 46  LEU A CD1 1 
ATOM   225  C  CD2 . LEU A 1 48  ? -3.725  4.105   7.878   1.00 24.29 ? 46  LEU A CD2 1 
ATOM   226  N  N   . VAL A 1 49  ? -0.029  7.915   8.302   1.00 22.43 ? 47  VAL A N   1 
ATOM   227  C  CA  . VAL A 1 49  ? 0.151   9.255   8.843   1.00 17.30 ? 47  VAL A CA  1 
ATOM   228  C  C   . VAL A 1 49  ? 0.942   10.120  7.869   1.00 16.17 ? 47  VAL A C   1 
ATOM   229  O  O   . VAL A 1 49  ? 0.644   11.296  7.675   1.00 15.58 ? 47  VAL A O   1 
ATOM   230  C  CB  . VAL A 1 49  ? 0.916   9.219   10.191  1.00 24.54 ? 47  VAL A CB  1 
ATOM   231  C  CG1 . VAL A 1 49  ? 1.234   10.636  10.659  1.00 22.01 ? 47  VAL A CG1 1 
ATOM   232  C  CG2 . VAL A 1 49  ? 0.084   8.498   11.244  1.00 27.62 ? 47  VAL A CG2 1 
ATOM   233  N  N   . ARG A 1 50  ? 1.949   9.526   7.248   1.00 12.28 ? 48  ARG A N   1 
ATOM   234  C  CA  . ARG A 1 50  ? 2.789   10.248  6.313   1.00 18.37 ? 48  ARG A CA  1 
ATOM   235  C  C   . ARG A 1 50  ? 2.114   10.498  4.974   1.00 22.73 ? 48  ARG A C   1 
ATOM   236  O  O   . ARG A 1 50  ? 2.441   11.460  4.273   1.00 21.38 ? 48  ARG A O   1 
ATOM   237  C  CB  . ARG A 1 50  ? 4.083   9.488   6.107   1.00 24.22 ? 48  ARG A CB  1 
ATOM   238  C  CG  . ARG A 1 50  ? 5.263   10.342  6.362   1.00 35.19 ? 48  ARG A CG  1 
ATOM   239  C  CD  . ARG A 1 50  ? 6.474   9.507   6.633   1.00 41.51 ? 48  ARG A CD  1 
ATOM   240  N  NE  . ARG A 1 50  ? 7.285   9.330   5.438   1.00 43.76 ? 48  ARG A NE  1 
ATOM   241  C  CZ  . ARG A 1 50  ? 8.504   8.811   5.457   1.00 40.10 ? 48  ARG A CZ  1 
ATOM   242  N  NH1 . ARG A 1 50  ? 9.033   8.420   6.605   1.00 37.82 ? 48  ARG A NH1 1 
ATOM   243  N  NH2 . ARG A 1 50  ? 9.199   8.701   4.338   1.00 44.98 ? 48  ARG A NH2 1 
ATOM   244  N  N   . PHE A 1 51  ? 1.180   9.618   4.628   1.00 21.59 ? 49  PHE A N   1 
ATOM   245  C  CA  . PHE A 1 51  ? 0.410   9.721   3.397   1.00 18.63 ? 49  PHE A CA  1 
ATOM   246  C  C   . PHE A 1 51  ? -0.585  10.875  3.585   1.00 22.32 ? 49  PHE A C   1 
ATOM   247  O  O   . PHE A 1 51  ? -0.760  11.713  2.697   1.00 29.04 ? 49  PHE A O   1 
ATOM   248  C  CB  . PHE A 1 51  ? -0.324  8.394   3.148   1.00 17.66 ? 49  PHE A CB  1 
ATOM   249  C  CG  . PHE A 1 51  ? -1.303  8.429   2.005   1.00 17.42 ? 49  PHE A CG  1 
ATOM   250  C  CD1 . PHE A 1 51  ? -0.886  8.734   0.716   1.00 14.89 ? 49  PHE A CD1 1 
ATOM   251  C  CD2 . PHE A 1 51  ? -2.643  8.117   2.219   1.00 16.52 ? 49  PHE A CD2 1 
ATOM   252  C  CE1 . PHE A 1 51  ? -1.783  8.724   -0.351  1.00 17.77 ? 49  PHE A CE1 1 
ATOM   253  C  CE2 . PHE A 1 51  ? -3.555  8.103   1.158   1.00 27.06 ? 49  PHE A CE2 1 
ATOM   254  C  CZ  . PHE A 1 51  ? -3.124  8.405   -0.132  1.00 27.85 ? 49  PHE A CZ  1 
ATOM   255  N  N   . PHE A 1 52  ? -1.217  10.926  4.755   1.00 18.55 ? 50  PHE A N   1 
ATOM   256  C  CA  . PHE A 1 52  ? -2.177  11.978  5.052   1.00 21.07 ? 50  PHE A CA  1 
ATOM   257  C  C   . PHE A 1 52  ? -1.552  13.359  5.251   1.00 23.81 ? 50  PHE A C   1 
ATOM   258  O  O   . PHE A 1 52  ? -2.248  14.374  5.143   1.00 27.19 ? 50  PHE A O   1 
ATOM   259  C  CB  . PHE A 1 52  ? -3.023  11.606  6.275   1.00 21.76 ? 50  PHE A CB  1 
ATOM   260  C  CG  . PHE A 1 52  ? -3.950  10.444  6.037   1.00 19.76 ? 50  PHE A CG  1 
ATOM   261  C  CD1 . PHE A 1 52  ? -4.576  10.282  4.809   1.00 14.07 ? 50  PHE A CD1 1 
ATOM   262  C  CD2 . PHE A 1 52  ? -4.206  9.521   7.040   1.00 17.94 ? 50  PHE A CD2 1 
ATOM   263  C  CE1 . PHE A 1 52  ? -5.441  9.218   4.585   1.00 18.17 ? 50  PHE A CE1 1 
ATOM   264  C  CE2 . PHE A 1 52  ? -5.074  8.454   6.821   1.00 15.32 ? 50  PHE A CE2 1 
ATOM   265  C  CZ  . PHE A 1 52  ? -5.687  8.305   5.594   1.00 18.48 ? 50  PHE A CZ  1 
ATOM   266  N  N   . VAL A 1 53  ? -0.254  13.414  5.539   1.00 20.99 ? 51  VAL A N   1 
ATOM   267  C  CA  . VAL A 1 53  ? 0.414   14.702  5.715   1.00 19.20 ? 51  VAL A CA  1 
ATOM   268  C  C   . VAL A 1 53  ? 0.807   15.282  4.351   1.00 24.69 ? 51  VAL A C   1 
ATOM   269  O  O   . VAL A 1 53  ? 0.737   16.490  4.118   1.00 24.55 ? 51  VAL A O   1 
ATOM   270  C  CB  . VAL A 1 53  ? 1.671   14.574  6.603   1.00 23.91 ? 51  VAL A CB  1 
ATOM   271  C  CG1 . VAL A 1 53  ? 2.577   15.810  6.426   1.00 21.44 ? 51  VAL A CG1 1 
ATOM   272  C  CG2 . VAL A 1 53  ? 1.247   14.434  8.063   1.00 19.51 ? 51  VAL A CG2 1 
ATOM   273  N  N   . ASN A 1 54  ? 1.216   14.406  3.448   1.00 22.69 ? 52  ASN A N   1 
ATOM   274  C  CA  . ASN A 1 54  ? 1.599   14.818  2.114   1.00 14.88 ? 52  ASN A CA  1 
ATOM   275  C  C   . ASN A 1 54  ? 0.369   15.161  1.280   1.00 17.12 ? 52  ASN A C   1 
ATOM   276  O  O   . ASN A 1 54  ? 0.379   16.113  0.502   1.00 17.10 ? 52  ASN A O   1 
ATOM   277  C  CB  . ASN A 1 54  ? 2.349   13.689  1.431   1.00 22.46 ? 52  ASN A CB  1 
ATOM   278  C  CG  . ASN A 1 54  ? 3.668   13.393  2.079   1.00 19.26 ? 52  ASN A CG  1 
ATOM   279  O  OD1 . ASN A 1 54  ? 4.250   12.344  1.831   1.00 20.01 ? 52  ASN A OD1 1 
ATOM   280  N  ND2 . ASN A 1 54  ? 4.165   14.319  2.897   1.00 28.09 ? 52  ASN A ND2 1 
ATOM   281  N  N   . PHE A 1 55  ? -0.681  14.360  1.433   1.00 16.90 ? 53  PHE A N   1 
ATOM   282  C  CA  . PHE A 1 55  ? -1.928  14.566  0.694   1.00 21.32 ? 53  PHE A CA  1 
ATOM   283  C  C   . PHE A 1 55  ? -3.118  14.534  1.653   1.00 22.54 ? 53  PHE A C   1 
ATOM   284  O  O   . PHE A 1 55  ? -3.877  13.570  1.681   1.00 25.25 ? 53  PHE A O   1 
ATOM   285  C  CB  . PHE A 1 55  ? -2.064  13.476  -0.373  1.00 21.08 ? 53  PHE A CB  1 
ATOM   286  C  CG  . PHE A 1 55  ? -0.926  13.461  -1.353  1.00 21.30 ? 53  PHE A CG  1 
ATOM   287  C  CD1 . PHE A 1 55  ? -0.969  14.258  -2.504  1.00 9.97  ? 53  PHE A CD1 1 
ATOM   288  C  CD2 . PHE A 1 55  ? 0.221   12.717  -1.086  1.00 8.87  ? 53  PHE A CD2 1 
ATOM   289  C  CE1 . PHE A 1 55  ? 0.111   14.319  -3.370  1.00 8.97  ? 53  PHE A CE1 1 
ATOM   290  C  CE2 . PHE A 1 55  ? 1.315   12.770  -1.941  1.00 19.11 ? 53  PHE A CE2 1 
ATOM   291  C  CZ  . PHE A 1 55  ? 1.263   13.577  -3.093  1.00 19.83 ? 53  PHE A CZ  1 
ATOM   292  N  N   . PRO A 1 56  ? -3.308  15.615  2.428   1.00 27.30 ? 54  PRO A N   1 
ATOM   293  C  CA  . PRO A 1 56  ? -4.380  15.776  3.420   1.00 33.65 ? 54  PRO A CA  1 
ATOM   294  C  C   . PRO A 1 56  ? -5.775  15.639  2.847   1.00 36.42 ? 54  PRO A C   1 
ATOM   295  O  O   . PRO A 1 56  ? -6.765  15.782  3.558   1.00 40.72 ? 54  PRO A O   1 
ATOM   296  C  CB  . PRO A 1 56  ? -4.149  17.192  3.968   1.00 24.42 ? 54  PRO A CB  1 
ATOM   297  C  CG  . PRO A 1 56  ? -2.730  17.520  3.573   1.00 27.55 ? 54  PRO A CG  1 
ATOM   298  C  CD  . PRO A 1 56  ? -2.614  16.895  2.221   1.00 26.55 ? 54  PRO A CD  1 
ATOM   299  N  N   . SER A 1 57  ? -5.852  15.353  1.559   1.00 40.51 ? 55  SER A N   1 
ATOM   300  C  CA  . SER A 1 57  ? -7.134  15.253  0.896   1.00 42.73 ? 55  SER A CA  1 
ATOM   301  C  C   . SER A 1 57  ? -7.615  13.826  0.735   1.00 44.20 ? 55  SER A C   1 
ATOM   302  O  O   . SER A 1 57  ? -8.759  13.597  0.359   1.00 45.85 ? 55  SER A O   1 
ATOM   303  C  CB  . SER A 1 57  ? -7.024  15.934  -0.457  1.00 43.94 ? 55  SER A CB  1 
ATOM   304  O  OG  . SER A 1 57  ? -6.101  17.005  -0.354  1.00 51.22 ? 55  SER A OG  1 
ATOM   305  N  N   . ALA A 1 58  ? -6.737  12.866  1.003   1.00 39.85 ? 56  ALA A N   1 
ATOM   306  C  CA  . ALA A 1 58  ? -7.116  11.467  0.900   1.00 38.34 ? 56  ALA A CA  1 
ATOM   307  C  C   . ALA A 1 58  ? -7.673  11.115  2.269   1.00 35.08 ? 56  ALA A C   1 
ATOM   308  O  O   . ALA A 1 58  ? -8.163  10.012  2.513   1.00 37.98 ? 56  ALA A O   1 
ATOM   309  C  CB  . ALA A 1 58  ? -5.901  10.622  0.582   1.00 36.34 ? 56  ALA A CB  1 
ATOM   310  N  N   . LYS A 1 59  ? -7.591  12.094  3.156   1.00 32.84 ? 57  LYS A N   1 
ATOM   311  C  CA  . LYS A 1 59  ? -8.069  11.965  4.519   1.00 35.00 ? 57  LYS A CA  1 
ATOM   312  C  C   . LYS A 1 59  ? -9.592  12.103  4.491   1.00 33.75 ? 57  LYS A C   1 
ATOM   313  O  O   . LYS A 1 59  ? -10.296 11.639  5.385   1.00 30.89 ? 57  LYS A O   1 
ATOM   314  C  CB  . LYS A 1 59  ? -7.434  13.074  5.346   1.00 33.31 ? 57  LYS A CB  1 
ATOM   315  C  CG  . LYS A 1 59  ? -7.243  12.802  6.826   1.00 31.88 ? 57  LYS A CG  1 
ATOM   316  C  CD  . LYS A 1 59  ? -6.283  13.846  7.422   1.00 25.22 ? 57  LYS A CD  1 
ATOM   317  C  CE  . LYS A 1 59  ? -6.609  15.242  6.912   1.00 24.30 ? 57  LYS A CE  1 
ATOM   318  N  NZ  . LYS A 1 59  ? -5.695  16.313  7.399   1.00 35.60 ? 57  LYS A NZ  1 
ATOM   319  N  N   . GLN A 1 60  ? -10.074 12.729  3.424   1.00 35.08 ? 58  GLN A N   1 
ATOM   320  C  CA  . GLN A 1 60  ? -11.493 12.987  3.165   1.00 38.51 ? 58  GLN A CA  1 
ATOM   321  C  C   . GLN A 1 60  ? -12.362 11.730  3.061   1.00 37.06 ? 58  GLN A C   1 
ATOM   322  O  O   . GLN A 1 60  ? -13.564 11.792  3.293   1.00 37.97 ? 58  GLN A O   1 
ATOM   323  C  CB  . GLN A 1 60  ? -11.636 13.701  1.829   1.00 40.73 ? 58  GLN A CB  1 
ATOM   324  C  CG  . GLN A 1 60  ? -11.294 12.729  0.693   1.00 49.93 ? 58  GLN A CG  1 
ATOM   325  C  CD  . GLN A 1 60  ? -11.639 13.229  -0.684  1.00 52.26 ? 58  GLN A CD  1 
ATOM   326  O  OE1 . GLN A 1 60  ? -12.808 13.438  -1.009  1.00 57.92 ? 58  GLN A OE1 1 
ATOM   327  N  NE2 . GLN A 1 60  ? -10.618 13.412  -1.518  1.00 54.95 ? 58  GLN A NE2 1 
ATOM   328  N  N   . TYR A 1 61  ? -11.757 10.613  2.656   1.00 36.37 ? 59  TYR A N   1 
ATOM   329  C  CA  . TYR A 1 61  ? -12.467 9.340   2.452   1.00 40.11 ? 59  TYR A CA  1 
ATOM   330  C  C   . TYR A 1 61  ? -12.758 8.575   3.723   1.00 42.36 ? 59  TYR A C   1 
ATOM   331  O  O   . TYR A 1 61  ? -13.655 7.722   3.789   1.00 40.53 ? 59  TYR A O   1 
ATOM   332  C  CB  . TYR A 1 61  ? -11.653 8.441   1.545   1.00 31.02 ? 59  TYR A CB  1 
ATOM   333  C  CG  . TYR A 1 61  ? -11.419 9.013   0.183   1.00 22.99 ? 59  TYR A CG  1 
ATOM   334  C  CD1 . TYR A 1 61  ? -12.457 9.116   -0.736  1.00 22.17 ? 59  TYR A CD1 1 
ATOM   335  C  CD2 . TYR A 1 61  ? -10.149 9.444   -0.201  1.00 24.14 ? 59  TYR A CD2 1 
ATOM   336  C  CE1 . TYR A 1 61  ? -12.243 9.630   -2.016  1.00 11.12 ? 59  TYR A CE1 1 
ATOM   337  C  CE2 . TYR A 1 61  ? -9.920  9.963   -1.476  1.00 24.99 ? 59  TYR A CE2 1 
ATOM   338  C  CZ  . TYR A 1 61  ? -10.977 10.050  -2.384  1.00 25.20 ? 59  TYR A CZ  1 
ATOM   339  O  OH  . TYR A 1 61  ? -10.780 10.539  -3.659  1.00 25.13 ? 59  TYR A OH  1 
ATOM   340  N  N   . PHE A 1 62  ? -11.926 8.859   4.703   1.00 44.68 ? 60  PHE A N   1 
ATOM   341  C  CA  . PHE A 1 62  ? -12.011 8.290   6.018   1.00 45.87 ? 60  PHE A CA  1 
ATOM   342  C  C   . PHE A 1 62  ? -12.916 9.165   6.818   1.00 47.39 ? 60  PHE A C   1 
ATOM   343  O  O   . PHE A 1 62  ? -12.681 10.348  6.984   1.00 47.95 ? 60  PHE A O   1 
ATOM   344  C  CB  . PHE A 1 62  ? -10.643 8.275   6.612   1.00 43.24 ? 60  PHE A CB  1 
ATOM   345  C  CG  . PHE A 1 62  ? -9.758  7.357   5.904   1.00 44.22 ? 60  PHE A CG  1 
ATOM   346  C  CD1 . PHE A 1 62  ? -9.823  6.008   6.197   1.00 45.33 ? 60  PHE A CD1 1 
ATOM   347  C  CD2 . PHE A 1 62  ? -8.940  7.794   4.863   1.00 46.99 ? 60  PHE A CD2 1 
ATOM   348  C  CE1 . PHE A 1 62  ? -9.094  5.083   5.478   1.00 40.37 ? 60  PHE A CE1 1 
ATOM   349  C  CE2 . PHE A 1 62  ? -8.190  6.870   4.115   1.00 42.12 ? 60  PHE A CE2 1 
ATOM   350  C  CZ  . PHE A 1 62  ? -8.271  5.504   4.431   1.00 35.47 ? 60  PHE A CZ  1 
ATOM   351  N  N   . SER A 1 63  ? -13.967 8.577   7.338   1.00 54.55 ? 61  SER A N   1 
ATOM   352  C  CA  . SER A 1 63  ? -14.919 9.379   8.081   1.00 58.52 ? 61  SER A CA  1 
ATOM   353  C  C   . SER A 1 63  ? -14.513 9.709   9.506   1.00 60.66 ? 61  SER A C   1 
ATOM   354  O  O   . SER A 1 63  ? -15.196 10.430  10.212  1.00 63.07 ? 61  SER A O   1 
ATOM   355  C  CB  . SER A 1 63  ? -16.245 8.661   8.097   1.00 54.64 ? 61  SER A CB  1 
ATOM   356  O  OG  . SER A 1 63  ? -16.051 7.350   8.587   1.00 58.35 ? 61  SER A OG  1 
ATOM   357  N  N   . GLN A 1 64  ? -13.360 9.212   9.885   1.00 63.30 ? 62  GLN A N   1 
ATOM   358  C  CA  . GLN A 1 64  ? -12.831 9.304   11.214  1.00 64.23 ? 62  GLN A CA  1 
ATOM   359  C  C   . GLN A 1 64  ? -11.596 10.200  11.233  1.00 63.89 ? 62  GLN A C   1 
ATOM   360  O  O   . GLN A 1 64  ? -11.194 10.702  12.278  1.00 61.35 ? 62  GLN A O   1 
ATOM   361  C  CB  . GLN A 1 64  ? -12.500 7.869   11.520  1.00 65.45 ? 62  GLN A CB  1 
ATOM   362  C  CG  . GLN A 1 64  ? -12.999 7.062   10.268  1.00 61.12 ? 62  GLN A CG  1 
ATOM   363  C  CD  . GLN A 1 64  ? -12.269 5.774   10.029  1.00 64.02 ? 62  GLN A CD  1 
ATOM   364  O  OE1 . GLN A 1 64  ? -11.816 5.155   10.975  1.00 54.97 ? 62  GLN A OE1 1 
ATOM   365  N  NE2 . GLN A 1 64  ? -12.174 5.342   8.769   1.00 62.20 ? 62  GLN A NE2 1 
ATOM   366  N  N   . PHE A 1 65  ? -10.990 10.400  10.068  1.00 62.96 ? 63  PHE A N   1 
ATOM   367  C  CA  . PHE A 1 65  ? -9.796  11.230  10.001  1.00 60.96 ? 63  PHE A CA  1 
ATOM   368  C  C   . PHE A 1 65  ? -10.041 12.448  9.182   1.00 58.49 ? 63  PHE A C   1 
ATOM   369  O  O   . PHE A 1 65  ? -9.240  13.361  9.205   1.00 56.32 ? 63  PHE A O   1 
ATOM   370  C  CB  . PHE A 1 65  ? -8.607  10.493  9.378   1.00 60.46 ? 63  PHE A CB  1 
ATOM   371  C  CG  . PHE A 1 65  ? -8.469  9.103   9.849   1.00 61.55 ? 63  PHE A CG  1 
ATOM   372  C  CD1 . PHE A 1 65  ? -8.618  8.812   11.191  1.00 67.68 ? 63  PHE A CD1 1 
ATOM   373  C  CD2 . PHE A 1 65  ? -8.284  8.064   8.944   1.00 66.71 ? 63  PHE A CD2 1 
ATOM   374  C  CE1 . PHE A 1 65  ? -8.604  7.508   11.643  1.00 65.49 ? 63  PHE A CE1 1 
ATOM   375  C  CE2 . PHE A 1 65  ? -8.264  6.743   9.377   1.00 66.13 ? 63  PHE A CE2 1 
ATOM   376  C  CZ  . PHE A 1 65  ? -8.429  6.462   10.735  1.00 65.36 ? 63  PHE A CZ  1 
ATOM   377  N  N   . LYS A 1 66  ? -11.151 12.474  8.462   1.00 57.40 ? 64  LYS A N   1 
ATOM   378  C  CA  . LYS A 1 66  ? -11.429 13.613  7.615   1.00 59.05 ? 64  LYS A CA  1 
ATOM   379  C  C   . LYS A 1 66  ? -11.198 14.928  8.333   1.00 61.42 ? 64  LYS A C   1 
ATOM   380  O  O   . LYS A 1 66  ? -11.088 15.958  7.681   1.00 58.20 ? 64  LYS A O   1 
ATOM   381  C  CB  . LYS A 1 66  ? -12.854 13.555  7.055   1.00 61.11 ? 64  LYS A CB  1 
ATOM   382  C  CG  . LYS A 1 66  ? -13.967 13.655  8.072   1.00 66.12 ? 64  LYS A CG  1 
ATOM   383  C  CD  . LYS A 1 66  ? -15.309 13.498  7.391   1.00 65.80 ? 64  LYS A CD  1 
ATOM   384  C  CE  . LYS A 1 66  ? -16.433 13.612  8.391   1.00 74.78 ? 64  LYS A CE  1 
ATOM   385  N  NZ  . LYS A 1 66  ? -17.569 12.741  7.996   1.00 80.95 ? 64  LYS A NZ  1 
ATOM   386  N  N   . HIS A 1 67  ? -11.118 14.910  9.663   1.00 63.50 ? 65  HIS A N   1 
ATOM   387  C  CA  . HIS A 1 67  ? -10.887 16.149  10.396  1.00 68.64 ? 65  HIS A CA  1 
ATOM   388  C  C   . HIS A 1 67  ? -9.665  16.165  11.299  1.00 68.76 ? 65  HIS A C   1 
ATOM   389  O  O   . HIS A 1 67  ? -9.156  17.237  11.646  1.00 68.30 ? 65  HIS A O   1 
ATOM   390  C  CB  . HIS A 1 67  ? -12.128 16.536  11.192  1.00 74.49 ? 65  HIS A CB  1 
ATOM   391  C  CG  . HIS A 1 67  ? -13.019 17.489  10.464  1.00 81.50 ? 65  HIS A CG  1 
ATOM   392  N  ND1 . HIS A 1 67  ? -14.327 17.197  10.146  1.00 83.48 ? 65  HIS A ND1 1 
ATOM   393  C  CD2 . HIS A 1 67  ? -12.774 18.721  9.958   1.00 85.80 ? 65  HIS A CD2 1 
ATOM   394  C  CE1 . HIS A 1 67  ? -14.850 18.208  9.475   1.00 87.33 ? 65  HIS A CE1 1 
ATOM   395  N  NE2 . HIS A 1 67  ? -13.928 19.144  9.347   1.00 88.66 ? 65  HIS A NE2 1 
ATOM   396  N  N   . MET A 1 68  ? -9.185  14.993  11.694  1.00 66.67 ? 66  MET A N   1 
ATOM   397  C  CA  . MET A 1 68  ? -7.998  14.970  12.529  1.00 62.50 ? 66  MET A CA  1 
ATOM   398  C  C   . MET A 1 68  ? -6.856  15.526  11.704  1.00 64.25 ? 66  MET A C   1 
ATOM   399  O  O   . MET A 1 68  ? -6.479  14.962  10.676  1.00 67.34 ? 66  MET A O   1 
ATOM   400  C  CB  . MET A 1 68  ? -7.646  13.560  12.983  1.00 57.57 ? 66  MET A CB  1 
ATOM   401  C  CG  . MET A 1 68  ? -8.514  13.034  14.090  1.00 59.59 ? 66  MET A CG  1 
ATOM   402  S  SD  . MET A 1 68  ? -7.724  11.669  14.966  1.00 59.93 ? 66  MET A SD  1 
ATOM   403  C  CE  . MET A 1 68  ? -6.810  10.861  13.648  1.00 60.70 ? 66  MET A CE  1 
ATOM   404  N  N   . GLU A 1 69  ? -6.310  16.646  12.149  1.00 63.14 ? 67  GLU A N   1 
ATOM   405  C  CA  . GLU A 1 69  ? -5.214  17.259  11.436  1.00 61.28 ? 67  GLU A CA  1 
ATOM   406  C  C   . GLU A 1 69  ? -3.875  17.102  12.092  1.00 58.15 ? 67  GLU A C   1 
ATOM   407  O  O   . GLU A 1 69  ? -2.850  17.057  11.421  1.00 51.70 ? 67  GLU A O   1 
ATOM   408  C  CB  . GLU A 1 69  ? -5.506  18.716  11.218  1.00 60.54 ? 67  GLU A CB  1 
ATOM   409  C  CG  . GLU A 1 69  ? -6.200  18.883  9.914   1.00 68.14 ? 67  GLU A CG  1 
ATOM   410  C  CD  . GLU A 1 69  ? -6.855  20.206  9.783   1.00 72.38 ? 67  GLU A CD  1 
ATOM   411  O  OE1 . GLU A 1 69  ? -7.138  20.827  10.831  1.00 73.38 ? 67  GLU A OE1 1 
ATOM   412  O  OE2 . GLU A 1 69  ? -7.101  20.611  8.631   1.00 73.32 ? 67  GLU A OE2 1 
ATOM   413  N  N   . ASP A 1 70  ? -3.895  17.015  13.411  1.00 57.36 ? 68  ASP A N   1 
ATOM   414  C  CA  . ASP A 1 70  ? -2.678  16.847  14.172  1.00 57.33 ? 68  ASP A CA  1 
ATOM   415  C  C   . ASP A 1 70  ? -2.205  15.402  14.035  1.00 56.83 ? 68  ASP A C   1 
ATOM   416  O  O   . ASP A 1 70  ? -2.782  14.491  14.628  1.00 62.21 ? 68  ASP A O   1 
ATOM   417  C  CB  . ASP A 1 70  ? -2.933  17.184  15.640  1.00 59.77 ? 68  ASP A CB  1 
ATOM   418  C  CG  . ASP A 1 70  ? -1.767  16.804  16.533  1.00 60.78 ? 68  ASP A CG  1 
ATOM   419  O  OD1 . ASP A 1 70  ? -0.613  17.095  16.161  1.00 60.42 ? 68  ASP A OD1 1 
ATOM   420  O  OD2 . ASP A 1 70  ? -2.004  16.217  17.609  1.00 61.93 ? 68  ASP A OD2 1 
ATOM   421  N  N   . PRO A 1 71  ? -1.141  15.174  13.249  1.00 53.09 ? 69  PRO A N   1 
ATOM   422  C  CA  . PRO A 1 71  ? -0.609  13.823  13.051  1.00 50.08 ? 69  PRO A CA  1 
ATOM   423  C  C   . PRO A 1 71  ? -0.265  13.104  14.355  1.00 53.01 ? 69  PRO A C   1 
ATOM   424  O  O   . PRO A 1 71  ? 0.238   11.977  14.339  1.00 55.29 ? 69  PRO A O   1 
ATOM   425  C  CB  . PRO A 1 71  ? 0.615   14.061  12.168  1.00 48.29 ? 69  PRO A CB  1 
ATOM   426  C  CG  . PRO A 1 71  ? 1.057   15.431  12.567  1.00 49.17 ? 69  PRO A CG  1 
ATOM   427  C  CD  . PRO A 1 71  ? -0.252  16.177  12.638  1.00 48.85 ? 69  PRO A CD  1 
ATOM   428  N  N   . LEU A 1 72  ? -0.518  13.760  15.484  1.00 53.69 ? 70  LEU A N   1 
ATOM   429  C  CA  . LEU A 1 72  ? -0.256  13.150  16.782  1.00 55.61 ? 70  LEU A CA  1 
ATOM   430  C  C   . LEU A 1 72  ? -1.481  12.329  17.139  1.00 55.52 ? 70  LEU A C   1 
ATOM   431  O  O   . LEU A 1 72  ? -1.374  11.180  17.562  1.00 53.59 ? 70  LEU A O   1 
ATOM   432  C  CB  . LEU A 1 72  ? -0.029  14.209  17.857  1.00 53.76 ? 70  LEU A CB  1 
ATOM   433  C  CG  . LEU A 1 72  ? 0.340   13.611  19.218  1.00 51.06 ? 70  LEU A CG  1 
ATOM   434  C  CD1 . LEU A 1 72  ? 1.642   12.816  19.094  1.00 47.62 ? 70  LEU A CD1 1 
ATOM   435  C  CD2 . LEU A 1 72  ? 0.475   14.722  20.249  1.00 49.11 ? 70  LEU A CD2 1 
ATOM   436  N  N   . GLU A 1 73  ? -2.648  12.941  16.968  1.00 56.52 ? 71  GLU A N   1 
ATOM   437  C  CA  . GLU A 1 73  ? -3.914  12.274  17.230  1.00 63.10 ? 71  GLU A CA  1 
ATOM   438  C  C   . GLU A 1 73  ? -3.990  11.029  16.343  1.00 64.36 ? 71  GLU A C   1 
ATOM   439  O  O   . GLU A 1 73  ? -4.485  9.981   16.760  1.00 67.51 ? 71  GLU A O   1 
ATOM   440  C  CB  . GLU A 1 73  ? -5.072  13.227  16.919  1.00 62.62 ? 71  GLU A CB  1 
ATOM   441  C  CG  . GLU A 1 73  ? -5.250  14.331  17.950  1.00 72.40 ? 71  GLU A CG  1 
ATOM   442  C  CD  . GLU A 1 73  ? -5.730  15.640  17.346  1.00 78.85 ? 71  GLU A CD  1 
ATOM   443  O  OE1 . GLU A 1 73  ? -6.676  15.615  16.527  1.00 80.51 ? 71  GLU A OE1 1 
ATOM   444  O  OE2 . GLU A 1 73  ? -5.163  16.700  17.701  1.00 82.12 ? 71  GLU A OE2 1 
ATOM   445  N  N   . MET A 1 74  ? -3.478  11.152  15.121  1.00 65.58 ? 72  MET A N   1 
ATOM   446  C  CA  . MET A 1 74  ? -3.468  10.059  14.151  1.00 66.03 ? 72  MET A CA  1 
ATOM   447  C  C   . MET A 1 74  ? -2.558  8.926   14.598  1.00 66.14 ? 72  MET A C   1 
ATOM   448  O  O   . MET A 1 74  ? -3.006  7.798   14.825  1.00 68.58 ? 72  MET A O   1 
ATOM   449  C  CB  . MET A 1 74  ? -2.979  10.569  12.792  1.00 66.02 ? 72  MET A CB  1 
ATOM   450  C  CG  . MET A 1 74  ? -4.047  11.198  11.914  1.00 64.21 ? 72  MET A CG  1 
ATOM   451  S  SD  . MET A 1 74  ? -3.415  12.502  10.811  1.00 68.31 ? 72  MET A SD  1 
ATOM   452  C  CE  . MET A 1 74  ? -1.896  11.803  10.241  1.00 58.10 ? 72  MET A CE  1 
ATOM   453  N  N   . GLU A 1 75  ? -1.271  9.258   14.686  1.00 66.94 ? 73  GLU A N   1 
ATOM   454  C  CA  . GLU A 1 75  ? -0.193  8.356   15.093  1.00 67.26 ? 73  GLU A CA  1 
ATOM   455  C  C   . GLU A 1 75  ? -0.622  7.307   16.074  1.00 69.49 ? 73  GLU A C   1 
ATOM   456  O  O   . GLU A 1 75  ? -0.234  6.143   15.993  1.00 71.12 ? 73  GLU A O   1 
ATOM   457  C  CB  . GLU A 1 75  ? 0.919   9.142   15.765  1.00 68.21 ? 73  GLU A CB  1 
ATOM   458  C  CG  . GLU A 1 75  ? 2.247   8.922   15.126  1.00 70.72 ? 73  GLU A CG  1 
ATOM   459  C  CD  . GLU A 1 75  ? 3.231   8.172   15.989  1.00 71.85 ? 73  GLU A CD  1 
ATOM   460  O  OE1 . GLU A 1 75  ? 2.842   7.167   16.623  1.00 75.55 ? 73  GLU A OE1 1 
ATOM   461  O  OE2 . GLU A 1 75  ? 4.410   8.583   16.014  1.00 75.18 ? 73  GLU A OE2 1 
ATOM   462  N  N   . ARG A 1 76  ? -1.415  7.737   17.036  1.00 68.16 ? 74  ARG A N   1 
ATOM   463  C  CA  . ARG A 1 76  ? -1.833  6.808   18.052  1.00 67.06 ? 74  ARG A CA  1 
ATOM   464  C  C   . ARG A 1 76  ? -3.213  6.152   17.926  1.00 68.66 ? 74  ARG A C   1 
ATOM   465  O  O   . ARG A 1 76  ? -3.398  5.040   18.415  1.00 68.19 ? 74  ARG A O   1 
ATOM   466  C  CB  . ARG A 1 76  ? -1.721  7.485   19.404  1.00 65.96 ? 74  ARG A CB  1 
ATOM   467  C  CG  . ARG A 1 76  ? -2.797  8.500   19.638  1.00 62.56 ? 74  ARG A CG  1 
ATOM   468  C  CD  . ARG A 1 76  ? -2.569  9.157   20.958  1.00 61.76 ? 74  ARG A CD  1 
ATOM   469  N  NE  . ARG A 1 76  ? -3.375  10.357  21.065  1.00 59.45 ? 74  ARG A NE  1 
ATOM   470  C  CZ  . ARG A 1 76  ? -2.873  11.568  21.243  1.00 56.72 ? 74  ARG A CZ  1 
ATOM   471  N  NH1 . ARG A 1 76  ? -1.566  11.746  21.351  1.00 48.34 ? 74  ARG A NH1 1 
ATOM   472  N  NH2 . ARG A 1 76  ? -3.687  12.603  21.280  1.00 60.59 ? 74  ARG A NH2 1 
ATOM   473  N  N   . SER A 1 77  ? -4.156  6.822   17.265  1.00 66.68 ? 75  SER A N   1 
ATOM   474  C  CA  . SER A 1 77  ? -5.529  6.319   17.164  1.00 64.59 ? 75  SER A CA  1 
ATOM   475  C  C   . SER A 1 77  ? -5.816  4.859   16.792  1.00 69.52 ? 75  SER A C   1 
ATOM   476  O  O   . SER A 1 77  ? -5.404  4.387   15.784  1.00 70.41 ? 75  SER A O   1 
ATOM   477  C  CB  . SER A 1 77  ? -6.333  7.163   16.160  1.00 57.48 ? 75  SER A CB  1 
ATOM   478  O  OG  . SER A 1 77  ? -7.147  6.289   15.401  1.00 43.84 ? 75  SER A OG  1 
ATOM   479  N  N   . PRO A 1 78  ? -6.483  4.109   17.687  1.00 72.44 ? 76  PRO A N   1 
ATOM   480  C  CA  . PRO A 1 78  ? -6.807  2.725   17.333  1.00 70.57 ? 76  PRO A CA  1 
ATOM   481  C  C   . PRO A 1 78  ? -7.553  2.452   15.990  1.00 66.16 ? 76  PRO A C   1 
ATOM   482  O  O   . PRO A 1 78  ? -7.666  1.288   15.587  1.00 64.07 ? 76  PRO A O   1 
ATOM   483  C  CB  . PRO A 1 78  ? -7.553  2.223   18.526  1.00 73.08 ? 76  PRO A CB  1 
ATOM   484  C  CG  . PRO A 1 78  ? -6.984  3.151   19.734  1.00 74.87 ? 76  PRO A CG  1 
ATOM   485  C  CD  . PRO A 1 78  ? -6.130  4.214   19.114  1.00 75.60 ? 76  PRO A CD  1 
ATOM   486  N  N   . GLN A 1 79  ? -8.104  3.451   15.294  1.00 61.38 ? 77  GLN A N   1 
ATOM   487  C  CA  . GLN A 1 79  ? -8.779  3.085   14.047  1.00 60.87 ? 77  GLN A CA  1 
ATOM   488  C  C   . GLN A 1 79  ? -7.807  3.104   12.921  1.00 56.54 ? 77  GLN A C   1 
ATOM   489  O  O   . GLN A 1 79  ? -7.816  2.257   12.031  1.00 59.22 ? 77  GLN A O   1 
ATOM   490  C  CB  . GLN A 1 79  ? -9.845  4.056   13.674  1.00 65.86 ? 77  GLN A CB  1 
ATOM   491  C  CG  . GLN A 1 79  ? -11.225 3.584   13.880  1.00 73.86 ? 77  GLN A CG  1 
ATOM   492  C  CD  . GLN A 1 79  ? -11.992 4.713   14.435  1.00 78.55 ? 77  GLN A CD  1 
ATOM   493  O  OE1 . GLN A 1 79  ? -11.971 4.953   15.635  1.00 81.51 ? 77  GLN A OE1 1 
ATOM   494  N  NE2 . GLN A 1 79  ? -12.633 5.469   13.567  1.00 84.68 ? 77  GLN A NE2 1 
ATOM   495  N  N   . LEU A 1 80  ? -7.035  4.171   12.951  1.00 49.53 ? 78  LEU A N   1 
ATOM   496  C  CA  . LEU A 1 80  ? -5.992  4.454   12.019  1.00 43.57 ? 78  LEU A CA  1 
ATOM   497  C  C   . LEU A 1 80  ? -5.118  3.209   12.092  1.00 42.91 ? 78  LEU A C   1 
ATOM   498  O  O   . LEU A 1 80  ? -4.710  2.635   11.078  1.00 39.98 ? 78  LEU A O   1 
ATOM   499  C  CB  . LEU A 1 80  ? -5.260  5.678   12.548  1.00 38.81 ? 78  LEU A CB  1 
ATOM   500  C  CG  . LEU A 1 80  ? -4.245  6.470   11.739  1.00 33.74 ? 78  LEU A CG  1 
ATOM   501  C  CD1 . LEU A 1 80  ? -2.963  5.692   11.560  1.00 29.77 ? 78  LEU A CD1 1 
ATOM   502  C  CD2 . LEU A 1 80  ? -4.864  6.836   10.423  1.00 35.20 ? 78  LEU A CD2 1 
ATOM   503  N  N   . ARG A 1 81  ? -4.829  2.803   13.321  1.00 42.76 ? 79  ARG A N   1 
ATOM   504  C  CA  . ARG A 1 81  ? -4.015  1.625   13.572  1.00 48.25 ? 79  ARG A CA  1 
ATOM   505  C  C   . ARG A 1 81  ? -4.684  0.440   12.880  1.00 48.46 ? 79  ARG A C   1 
ATOM   506  O  O   . ARG A 1 81  ? -4.015  -0.452  12.367  1.00 45.57 ? 79  ARG A O   1 
ATOM   507  C  CB  . ARG A 1 81  ? -3.904  1.374   15.082  1.00 50.16 ? 79  ARG A CB  1 
ATOM   508  C  CG  . ARG A 1 81  ? -3.338  2.561   15.867  1.00 57.96 ? 79  ARG A CG  1 
ATOM   509  C  CD  . ARG A 1 81  ? -2.207  2.133   16.796  1.00 58.13 ? 79  ARG A CD  1 
ATOM   510  N  NE  . ARG A 1 81  ? -0.965  2.835   16.481  1.00 58.33 ? 79  ARG A NE  1 
ATOM   511  C  CZ  . ARG A 1 81  ? 0.239   2.276   16.530  1.00 57.46 ? 79  ARG A CZ  1 
ATOM   512  N  NH1 . ARG A 1 81  ? 0.367   1.004   16.883  1.00 57.27 ? 79  ARG A NH1 1 
ATOM   513  N  NH2 . ARG A 1 81  ? 1.315   2.984   16.208  1.00 57.98 ? 79  ARG A NH2 1 
ATOM   514  N  N   . LYS A 1 82  ? -6.014  0.452   12.865  1.00 51.78 ? 80  LYS A N   1 
ATOM   515  C  CA  . LYS A 1 82  ? -6.810  -0.597  12.233  1.00 50.96 ? 80  LYS A CA  1 
ATOM   516  C  C   . LYS A 1 82  ? -6.580  -0.614  10.721  1.00 50.04 ? 80  LYS A C   1 
ATOM   517  O  O   . LYS A 1 82  ? -6.201  -1.642  10.155  1.00 49.81 ? 80  LYS A O   1 
ATOM   518  C  CB  . LYS A 1 82  ? -8.297  -0.382  12.546  1.00 56.74 ? 80  LYS A CB  1 
ATOM   519  C  CG  . LYS A 1 82  ? -9.267  -1.228  11.727  1.00 62.83 ? 80  LYS A CG  1 
ATOM   520  C  CD  . LYS A 1 82  ? -10.694 -1.104  12.256  1.00 66.59 ? 80  LYS A CD  1 
ATOM   521  C  CE  . LYS A 1 82  ? -11.212 0.333   12.200  1.00 70.93 ? 80  LYS A CE  1 
ATOM   522  N  NZ  . LYS A 1 82  ? -11.366 0.826   10.807  1.00 70.69 ? 80  LYS A NZ  1 
ATOM   523  N  N   . HIS A 1 83  ? -6.809  0.524   10.070  1.00 44.73 ? 81  HIS A N   1 
ATOM   524  C  CA  . HIS A 1 83  ? -6.604  0.633   8.629   1.00 39.52 ? 81  HIS A CA  1 
ATOM   525  C  C   . HIS A 1 83  ? -5.156  0.310   8.271   1.00 33.63 ? 81  HIS A C   1 
ATOM   526  O  O   . HIS A 1 83  ? -4.863  -0.113  7.158   1.00 34.31 ? 81  HIS A O   1 
ATOM   527  C  CB  . HIS A 1 83  ? -6.964  2.036   8.154   1.00 40.09 ? 81  HIS A CB  1 
ATOM   528  C  CG  . HIS A 1 83  ? -8.340  2.464   8.551   1.00 46.00 ? 81  HIS A CG  1 
ATOM   529  N  ND1 . HIS A 1 83  ? -9.473  1.773   8.177   1.00 51.10 ? 81  HIS A ND1 1 
ATOM   530  C  CD2 . HIS A 1 83  ? -8.767  3.507   9.301   1.00 51.89 ? 81  HIS A CD2 1 
ATOM   531  C  CE1 . HIS A 1 83  ? -10.537 2.373   8.678   1.00 47.81 ? 81  HIS A CE1 1 
ATOM   532  N  NE2 . HIS A 1 83  ? -10.137 3.428   9.365   1.00 51.71 ? 81  HIS A NE2 1 
ATOM   533  N  N   . ALA A 1 84  ? -4.248  0.523   9.217   1.00 30.03 ? 82  ALA A N   1 
ATOM   534  C  CA  . ALA A 1 84  ? -2.851  0.198   8.986   1.00 30.95 ? 82  ALA A CA  1 
ATOM   535  C  C   . ALA A 1 84  ? -2.781  -1.340  8.937   1.00 36.05 ? 82  ALA A C   1 
ATOM   536  O  O   . ALA A 1 84  ? -2.177  -1.920  8.025   1.00 37.26 ? 82  ALA A O   1 
ATOM   537  C  CB  . ALA A 1 84  ? -1.999  0.745   10.117  1.00 33.79 ? 82  ALA A CB  1 
ATOM   538  N  N   . CYS A 1 85  ? -3.425  -1.974  9.921   1.00 36.47 ? 83  CYS A N   1 
ATOM   539  C  CA  . CYS A 1 85  ? -3.517  -3.433  10.069  1.00 38.01 ? 83  CYS A CA  1 
ATOM   540  C  C   . CYS A 1 85  ? -3.953  -4.049  8.720   1.00 36.33 ? 83  CYS A C   1 
ATOM   541  O  O   . CYS A 1 85  ? -3.286  -4.935  8.177   1.00 26.36 ? 83  CYS A O   1 
ATOM   542  C  CB  . CYS A 1 85  ? -4.549  -3.749  11.191  1.00 40.14 ? 83  CYS A CB  1 
ATOM   543  S  SG  . CYS A 1 85  ? -4.779  -5.469  11.783  1.00 46.73 ? 83  CYS A SG  1 
ATOM   544  N  N   . ARG A 1 86  ? -5.061  -3.536  8.177   1.00 35.70 ? 84  ARG A N   1 
ATOM   545  C  CA  . ARG A 1 86  ? -5.634  -4.003  6.912   1.00 33.40 ? 84  ARG A CA  1 
ATOM   546  C  C   . ARG A 1 86  ? -4.697  -3.844  5.717   1.00 28.36 ? 84  ARG A C   1 
ATOM   547  O  O   . ARG A 1 86  ? -4.424  -4.812  5.016   1.00 33.78 ? 84  ARG A O   1 
ATOM   548  C  CB  . ARG A 1 86  ? -6.936  -3.256  6.596   1.00 41.00 ? 84  ARG A CB  1 
ATOM   549  C  CG  . ARG A 1 86  ? -7.792  -2.883  7.795   1.00 44.84 ? 84  ARG A CG  1 
ATOM   550  C  CD  . ARG A 1 86  ? -9.072  -3.696  7.910   1.00 49.78 ? 84  ARG A CD  1 
ATOM   551  N  NE  . ARG A 1 86  ? -10.023 -3.060  8.828   1.00 51.80 ? 84  ARG A NE  1 
ATOM   552  C  CZ  . ARG A 1 86  ? -11.162 -3.612  9.233   1.00 48.87 ? 84  ARG A CZ  1 
ATOM   553  N  NH1 . ARG A 1 86  ? -11.495 -4.816  8.807   1.00 52.75 ? 84  ARG A NH1 1 
ATOM   554  N  NH2 . ARG A 1 86  ? -11.976 -2.961  10.056  1.00 52.33 ? 84  ARG A NH2 1 
ATOM   555  N  N   . VAL A 1 87  ? -4.234  -2.621  5.471   1.00 22.49 ? 85  VAL A N   1 
ATOM   556  C  CA  . VAL A 1 87  ? -3.316  -2.356  4.364   1.00 21.29 ? 85  VAL A CA  1 
ATOM   557  C  C   . VAL A 1 87  ? -2.113  -3.296  4.412   1.00 19.53 ? 85  VAL A C   1 
ATOM   558  O  O   . VAL A 1 87  ? -1.794  -3.972  3.425   1.00 17.85 ? 85  VAL A O   1 
ATOM   559  C  CB  . VAL A 1 87  ? -2.812  -0.894  4.390   1.00 21.23 ? 85  VAL A CB  1 
ATOM   560  C  CG1 . VAL A 1 87  ? -1.712  -0.688  3.353   1.00 21.86 ? 85  VAL A CG1 1 
ATOM   561  C  CG2 . VAL A 1 87  ? -3.963  0.044   4.098   1.00 15.86 ? 85  VAL A CG2 1 
ATOM   562  N  N   . MET A 1 88  ? -1.456  -3.337  5.568   1.00 19.88 ? 86  MET A N   1 
ATOM   563  C  CA  . MET A 1 88  ? -0.294  -4.190  5.762   1.00 23.83 ? 86  MET A CA  1 
ATOM   564  C  C   . MET A 1 88  ? -0.650  -5.670  5.535   1.00 25.23 ? 86  MET A C   1 
ATOM   565  O  O   . MET A 1 88  ? 0.072   -6.394  4.852   1.00 25.94 ? 86  MET A O   1 
ATOM   566  C  CB  . MET A 1 88  ? 0.274   -3.976  7.174   1.00 25.79 ? 86  MET A CB  1 
ATOM   567  C  CG  . MET A 1 88  ? 0.871   -2.576  7.427   1.00 28.53 ? 86  MET A CG  1 
ATOM   568  S  SD  . MET A 1 88  ? 2.533   -2.334  6.713   1.00 30.22 ? 86  MET A SD  1 
ATOM   569  C  CE  . MET A 1 88  ? 2.236   -1.136  5.571   1.00 28.16 ? 86  MET A CE  1 
ATOM   570  N  N   . GLY A 1 89  ? -1.768  -6.116  6.096   1.00 22.39 ? 87  GLY A N   1 
ATOM   571  C  CA  . GLY A 1 89  ? -2.155  -7.505  5.928   1.00 21.79 ? 87  GLY A CA  1 
ATOM   572  C  C   . GLY A 1 89  ? -2.324  -7.894  4.471   1.00 19.47 ? 87  GLY A C   1 
ATOM   573  O  O   . GLY A 1 89  ? -1.806  -8.918  4.019   1.00 18.36 ? 87  GLY A O   1 
ATOM   574  N  N   . ALA A 1 90  ? -3.055  -7.070  3.731   1.00 20.96 ? 88  ALA A N   1 
ATOM   575  C  CA  . ALA A 1 90  ? -3.304  -7.312  2.311   1.00 21.11 ? 88  ALA A CA  1 
ATOM   576  C  C   . ALA A 1 90  ? -2.009  -7.352  1.505   1.00 25.42 ? 88  ALA A C   1 
ATOM   577  O  O   . ALA A 1 90  ? -1.803  -8.246  0.672   1.00 25.19 ? 88  ALA A O   1 
ATOM   578  C  CB  . ALA A 1 90  ? -4.219  -6.235  1.766   1.00 20.58 ? 88  ALA A CB  1 
ATOM   579  N  N   . LEU A 1 91  ? -1.143  -6.370  1.749   1.00 25.71 ? 89  LEU A N   1 
ATOM   580  C  CA  . LEU A 1 91  ? 0.130   -6.294  1.059   1.00 27.05 ? 89  LEU A CA  1 
ATOM   581  C  C   . LEU A 1 91  ? 0.911   -7.557  1.347   1.00 24.75 ? 89  LEU A C   1 
ATOM   582  O  O   . LEU A 1 91  ? 1.566   -8.104  0.468   1.00 28.04 ? 89  LEU A O   1 
ATOM   583  C  CB  . LEU A 1 91  ? 0.938   -5.088  1.543   1.00 31.72 ? 89  LEU A CB  1 
ATOM   584  C  CG  . LEU A 1 91  ? 0.408   -3.684  1.253   1.00 36.50 ? 89  LEU A CG  1 
ATOM   585  C  CD1 . LEU A 1 91  ? 1.357   -2.655  1.862   1.00 41.72 ? 89  LEU A CD1 1 
ATOM   586  C  CD2 . LEU A 1 91  ? 0.295   -3.467  -0.247  1.00 35.95 ? 89  LEU A CD2 1 
ATOM   587  N  N   . ASN A 1 92  ? 0.839   -8.015  2.593   1.00 26.69 ? 90  ASN A N   1 
ATOM   588  C  CA  . ASN A 1 92  ? 1.546   -9.217  2.994   1.00 25.38 ? 90  ASN A CA  1 
ATOM   589  C  C   . ASN A 1 92  ? 1.127   -10.402 2.125   1.00 25.91 ? 90  ASN A C   1 
ATOM   590  O  O   . ASN A 1 92  ? 1.976   -11.131 1.615   1.00 29.94 ? 90  ASN A O   1 
ATOM   591  C  CB  . ASN A 1 92  ? 1.284   -9.527  4.464   1.00 24.43 ? 90  ASN A CB  1 
ATOM   592  C  CG  . ASN A 1 92  ? 2.294   -10.510 5.031   1.00 28.50 ? 90  ASN A CG  1 
ATOM   593  O  OD1 . ASN A 1 92  ? 3.480   -10.210 5.111   1.00 30.74 ? 90  ASN A OD1 1 
ATOM   594  N  ND2 . ASN A 1 92  ? 1.830   -11.688 5.415   1.00 25.22 ? 90  ASN A ND2 1 
ATOM   595  N  N   . THR A 1 93  ? -0.178  -10.591 1.957   1.00 24.99 ? 91  THR A N   1 
ATOM   596  C  CA  . THR A 1 93  ? -0.674  -11.679 1.126   1.00 25.88 ? 91  THR A CA  1 
ATOM   597  C  C   . THR A 1 93  ? -0.108  -11.560 -0.292  1.00 25.89 ? 91  THR A C   1 
ATOM   598  O  O   . THR A 1 93  ? 0.277   -12.553 -0.904  1.00 28.30 ? 91  THR A O   1 
ATOM   599  C  CB  . THR A 1 93  ? -2.197  -11.658 1.038   1.00 28.12 ? 91  THR A CB  1 
ATOM   600  O  OG1 . THR A 1 93  ? -2.754  -11.890 2.336   1.00 29.44 ? 91  THR A OG1 1 
ATOM   601  C  CG2 . THR A 1 93  ? -2.678  -12.718 0.065   1.00 21.35 ? 91  THR A CG2 1 
ATOM   602  N  N   . VAL A 1 94  ? -0.071  -10.344 -0.819  1.00 24.33 ? 92  VAL A N   1 
ATOM   603  C  CA  . VAL A 1 94  ? 0.472   -10.130 -2.155  1.00 26.00 ? 92  VAL A CA  1 
ATOM   604  C  C   . VAL A 1 94  ? 1.927   -10.593 -2.158  1.00 28.65 ? 92  VAL A C   1 
ATOM   605  O  O   . VAL A 1 94  ? 2.301   -11.517 -2.883  1.00 33.27 ? 92  VAL A O   1 
ATOM   606  C  CB  . VAL A 1 94  ? 0.429   -8.621  -2.562  1.00 24.73 ? 92  VAL A CB  1 
ATOM   607  C  CG1 . VAL A 1 94  ? 1.286   -8.389  -3.790  1.00 14.59 ? 92  VAL A CG1 1 
ATOM   608  C  CG2 . VAL A 1 94  ? -1.012  -8.179  -2.832  1.00 6.31  ? 92  VAL A CG2 1 
ATOM   609  N  N   . VAL A 1 95  ? 2.738   -9.947  -1.328  1.00 26.21 ? 93  VAL A N   1 
ATOM   610  C  CA  . VAL A 1 95  ? 4.164   -10.249 -1.227  1.00 27.56 ? 93  VAL A CA  1 
ATOM   611  C  C   . VAL A 1 95  ? 4.463   -11.730 -0.963  1.00 32.22 ? 93  VAL A C   1 
ATOM   612  O  O   . VAL A 1 95  ? 5.393   -12.294 -1.547  1.00 27.45 ? 93  VAL A O   1 
ATOM   613  C  CB  . VAL A 1 95  ? 4.832   -9.396  -0.114  1.00 27.64 ? 93  VAL A CB  1 
ATOM   614  C  CG1 . VAL A 1 95  ? 6.333   -9.591  -0.139  1.00 30.98 ? 93  VAL A CG1 1 
ATOM   615  C  CG2 . VAL A 1 95  ? 4.503   -7.925  -0.307  1.00 24.05 ? 93  VAL A CG2 1 
ATOM   616  N  N   . GLU A 1 96  ? 3.671   -12.355 -0.094  1.00 32.05 ? 94  GLU A N   1 
ATOM   617  C  CA  . GLU A 1 96  ? 3.863   -13.760 0.241   1.00 34.32 ? 94  GLU A CA  1 
ATOM   618  C  C   . GLU A 1 96  ? 3.545   -14.728 -0.896  1.00 35.96 ? 94  GLU A C   1 
ATOM   619  O  O   . GLU A 1 96  ? 4.241   -15.721 -1.075  1.00 37.67 ? 94  GLU A O   1 
ATOM   620  C  CB  . GLU A 1 96  ? 3.022   -14.129 1.465   1.00 38.65 ? 94  GLU A CB  1 
ATOM   621  C  CG  . GLU A 1 96  ? 3.410   -13.410 2.752   1.00 40.75 ? 94  GLU A CG  1 
ATOM   622  C  CD  . GLU A 1 96  ? 4.780   -13.815 3.277   1.00 42.03 ? 94  GLU A CD  1 
ATOM   623  O  OE1 . GLU A 1 96  ? 5.780   -13.652 2.543   1.00 43.62 ? 94  GLU A OE1 1 
ATOM   624  O  OE2 . GLU A 1 96  ? 4.853   -14.292 4.432   1.00 40.28 ? 94  GLU A OE2 1 
ATOM   625  N  N   . ASN A 1 97  ? 2.495   -14.448 -1.656  1.00 33.70 ? 95  ASN A N   1 
ATOM   626  C  CA  . ASN A 1 97  ? 2.101   -15.313 -2.760  1.00 33.51 ? 95  ASN A CA  1 
ATOM   627  C  C   . ASN A 1 97  ? 2.523   -14.629 -4.023  1.00 30.61 ? 95  ASN A C   1 
ATOM   628  O  O   . ASN A 1 97  ? 1.860   -14.719 -5.045  1.00 33.21 ? 95  ASN A O   1 
ATOM   629  C  CB  . ASN A 1 97  ? 0.597   -15.478 -2.776  1.00 34.11 ? 95  ASN A CB  1 
ATOM   630  C  CG  . ASN A 1 97  ? 0.081   -16.038 -1.492  1.00 36.00 ? 95  ASN A CG  1 
ATOM   631  O  OD1 . ASN A 1 97  ? -0.100  -17.243 -1.363  1.00 34.56 ? 95  ASN A OD1 1 
ATOM   632  N  ND2 . ASN A 1 97  ? -0.138  -15.172 -0.515  1.00 37.41 ? 95  ASN A ND2 1 
ATOM   633  N  N   . LEU A 1 98  ? 3.631   -13.923 -3.939  1.00 25.37 ? 96  LEU A N   1 
ATOM   634  C  CA  . LEU A 1 98  ? 4.129   -13.203 -5.083  1.00 25.56 ? 96  LEU A CA  1 
ATOM   635  C  C   . LEU A 1 98  ? 4.547   -14.114 -6.227  1.00 33.01 ? 96  LEU A C   1 
ATOM   636  O  O   . LEU A 1 98  ? 4.970   -13.647 -7.281  1.00 37.45 ? 96  LEU A O   1 
ATOM   637  C  CB  . LEU A 1 98  ? 5.296   -12.367 -4.649  1.00 19.64 ? 96  LEU A CB  1 
ATOM   638  C  CG  . LEU A 1 98  ? 5.657   -11.223 -5.573  1.00 26.66 ? 96  LEU A CG  1 
ATOM   639  C  CD1 . LEU A 1 98  ? 4.425   -10.380 -5.977  1.00 21.64 ? 96  LEU A CD1 1 
ATOM   640  C  CD2 . LEU A 1 98  ? 6.724   -10.422 -4.833  1.00 23.91 ? 96  LEU A CD2 1 
ATOM   641  N  N   . HIS A 1 99  ? 4.434   -15.420 -6.021  1.00 36.07 ? 97  HIS A N   1 
ATOM   642  C  CA  . HIS A 1 99  ? 4.842   -16.423 -7.006  1.00 41.08 ? 97  HIS A CA  1 
ATOM   643  C  C   . HIS A 1 99  ? 3.612   -17.110 -7.527  1.00 44.05 ? 97  HIS A C   1 
ATOM   644  O  O   . HIS A 1 99  ? 3.682   -18.012 -8.359  1.00 42.64 ? 97  HIS A O   1 
ATOM   645  C  CB  . HIS A 1 99  ? 5.672   -17.446 -6.296  1.00 39.65 ? 97  HIS A CB  1 
ATOM   646  C  CG  . HIS A 1 99  ? 4.971   -18.042 -5.121  1.00 39.48 ? 97  HIS A CG  1 
ATOM   647  N  ND1 . HIS A 1 99  ? 4.240   -19.208 -5.202  1.00 38.12 ? 97  HIS A ND1 1 
ATOM   648  C  CD2 . HIS A 1 99  ? 4.852   -17.610 -3.845  1.00 43.87 ? 97  HIS A CD2 1 
ATOM   649  C  CE1 . HIS A 1 99  ? 3.700   -19.468 -4.025  1.00 42.29 ? 97  HIS A CE1 1 
ATOM   650  N  NE2 . HIS A 1 99  ? 4.055   -18.512 -3.184  1.00 41.69 ? 97  HIS A NE2 1 
ATOM   651  N  N   . ASP A 1 100 ? 2.479   -16.714 -6.975  1.00 44.34 ? 98  ASP A N   1 
ATOM   652  C  CA  . ASP A 1 100 ? 1.229   -17.294 -7.388  1.00 42.56 ? 98  ASP A CA  1 
ATOM   653  C  C   . ASP A 1 100 ? 0.443   -16.245 -8.091  1.00 39.66 ? 98  ASP A C   1 
ATOM   654  O  O   . ASP A 1 100 ? -0.553  -15.759 -7.557  1.00 37.35 ? 98  ASP A O   1 
ATOM   655  C  CB  . ASP A 1 100 ? 0.445   -17.813 -6.201  1.00 43.09 ? 98  ASP A CB  1 
ATOM   656  C  CG  . ASP A 1 100 ? -0.722  -18.636 -6.631  1.00 39.37 ? 98  ASP A CG  1 
ATOM   657  O  OD1 . ASP A 1 100 ? -1.078  -18.550 -7.824  1.00 42.67 ? 98  ASP A OD1 1 
ATOM   658  O  OD2 . ASP A 1 100 ? -1.282  -19.358 -5.790  1.00 45.15 ? 98  ASP A OD2 1 
ATOM   659  N  N   . PRO A 1 101 ? 0.858   -15.922 -9.323  1.00 39.21 ? 99  PRO A N   1 
ATOM   660  C  CA  . PRO A 1 101 ? 0.178   -14.911 -10.114 1.00 45.03 ? 99  PRO A CA  1 
ATOM   661  C  C   . PRO A 1 101 ? -1.311  -14.800 -9.796  1.00 44.91 ? 99  PRO A C   1 
ATOM   662  O  O   . PRO A 1 101 ? -1.827  -13.703 -9.562  1.00 46.76 ? 99  PRO A O   1 
ATOM   663  C  CB  . PRO A 1 101 ? 0.472   -15.349 -11.551 1.00 43.52 ? 99  PRO A CB  1 
ATOM   664  C  CG  . PRO A 1 101 ? 1.921   -15.864 -11.455 1.00 44.10 ? 99  PRO A CG  1 
ATOM   665  C  CD  . PRO A 1 101 ? 1.878   -16.638 -10.127 1.00 41.94 ? 99  PRO A CD  1 
ATOM   666  N  N   . ASP A 1 102 ? -1.982  -15.944 -9.758  1.00 41.32 ? 100 ASP A N   1 
ATOM   667  C  CA  . ASP A 1 102 ? -3.409  -15.987 -9.486  1.00 42.79 ? 100 ASP A CA  1 
ATOM   668  C  C   . ASP A 1 102 ? -3.794  -15.360 -8.162  1.00 44.43 ? 100 ASP A C   1 
ATOM   669  O  O   . ASP A 1 102 ? -4.740  -14.573 -8.088  1.00 44.77 ? 100 ASP A O   1 
ATOM   670  C  CB  . ASP A 1 102 ? -3.900  -17.435 -9.494  1.00 44.77 ? 100 ASP A CB  1 
ATOM   671  C  CG  . ASP A 1 102 ? -4.128  -17.980 -10.897 1.00 52.60 ? 100 ASP A CG  1 
ATOM   672  O  OD1 . ASP A 1 102 ? -3.335  -17.674 -11.817 1.00 55.31 ? 100 ASP A OD1 1 
ATOM   673  O  OD2 . ASP A 1 102 ? -5.102  -18.743 -11.075 1.00 56.16 ? 100 ASP A OD2 1 
ATOM   674  N  N   . LYS A 1 103 ? -3.074  -15.742 -7.115  1.00 38.95 ? 101 LYS A N   1 
ATOM   675  C  CA  . LYS A 1 103 ? -3.336  -15.247 -5.778  1.00 38.89 ? 101 LYS A CA  1 
ATOM   676  C  C   . LYS A 1 103 ? -3.224  -13.726 -5.724  1.00 33.67 ? 101 LYS A C   1 
ATOM   677  O  O   . LYS A 1 103 ? -4.118  -13.051 -5.218  1.00 38.53 ? 101 LYS A O   1 
ATOM   678  C  CB  . LYS A 1 103 ? -2.351  -15.882 -4.796  1.00 42.82 ? 101 LYS A CB  1 
ATOM   679  C  CG  . LYS A 1 103 ? -2.855  -15.968 -3.371  1.00 42.77 ? 101 LYS A CG  1 
ATOM   680  C  CD  . LYS A 1 103 ? -4.015  -16.942 -3.280  1.00 45.94 ? 101 LYS A CD  1 
ATOM   681  C  CE  . LYS A 1 103 ? -3.821  -17.937 -2.148  1.00 48.00 ? 101 LYS A CE  1 
ATOM   682  N  NZ  . LYS A 1 103 ? -3.707  -19.343 -2.642  1.00 46.66 ? 101 LYS A NZ  1 
ATOM   683  N  N   . VAL A 1 104 ? -2.129  -13.183 -6.240  1.00 30.52 ? 102 VAL A N   1 
ATOM   684  C  CA  . VAL A 1 104 ? -1.933  -11.733 -6.234  1.00 29.78 ? 102 VAL A CA  1 
ATOM   685  C  C   . VAL A 1 104 ? -3.044  -11.042 -7.009  1.00 32.30 ? 102 VAL A C   1 
ATOM   686  O  O   . VAL A 1 104 ? -3.689  -10.115 -6.510  1.00 29.01 ? 102 VAL A O   1 
ATOM   687  C  CB  . VAL A 1 104 ? -0.607  -11.332 -6.884  1.00 24.59 ? 102 VAL A CB  1 
ATOM   688  C  CG1 . VAL A 1 104 ? -0.432  -9.823  -6.784  1.00 18.79 ? 102 VAL A CG1 1 
ATOM   689  C  CG2 . VAL A 1 104 ? 0.550   -12.079 -6.220  1.00 20.88 ? 102 VAL A CG2 1 
ATOM   690  N  N   . SER A 1 105 ? -3.254  -11.498 -8.238  1.00 32.95 ? 103 SER A N   1 
ATOM   691  C  CA  . SER A 1 105 ? -4.282  -10.939 -9.096  1.00 34.92 ? 103 SER A CA  1 
ATOM   692  C  C   . SER A 1 105 ? -5.599  -10.864 -8.323  1.00 33.70 ? 103 SER A C   1 
ATOM   693  O  O   . SER A 1 105 ? -6.329  -9.867  -8.394  1.00 36.09 ? 103 SER A O   1 
ATOM   694  C  CB  . SER A 1 105 ? -4.441  -11.812 -10.348 1.00 34.00 ? 103 SER A CB  1 
ATOM   695  O  OG  . SER A 1 105 ? -5.420  -11.274 -11.218 1.00 47.26 ? 103 SER A OG  1 
ATOM   696  N  N   . SER A 1 106 ? -5.879  -11.918 -7.564  1.00 28.76 ? 104 SER A N   1 
ATOM   697  C  CA  . SER A 1 106 ? -7.096  -12.001 -6.771  1.00 29.89 ? 104 SER A CA  1 
ATOM   698  C  C   . SER A 1 106 ? -7.177  -11.037 -5.587  1.00 31.14 ? 104 SER A C   1 
ATOM   699  O  O   . SER A 1 106 ? -8.187  -10.363 -5.424  1.00 35.85 ? 104 SER A O   1 
ATOM   700  C  CB  . SER A 1 106 ? -7.295  -13.431 -6.273  1.00 26.81 ? 104 SER A CB  1 
ATOM   701  O  OG  . SER A 1 106 ? -8.329  -13.486 -5.310  1.00 37.69 ? 104 SER A OG  1 
ATOM   702  N  N   . VAL A 1 107 ? -6.137  -10.970 -4.759  1.00 29.73 ? 105 VAL A N   1 
ATOM   703  C  CA  . VAL A 1 107 ? -6.164  -10.062 -3.610  1.00 31.32 ? 105 VAL A CA  1 
ATOM   704  C  C   . VAL A 1 107 ? -6.377  -8.608  -4.048  1.00 27.94 ? 105 VAL A C   1 
ATOM   705  O  O   . VAL A 1 107 ? -7.149  -7.879  -3.426  1.00 19.46 ? 105 VAL A O   1 
ATOM   706  C  CB  . VAL A 1 107 ? -4.856  -10.147 -2.779  1.00 34.00 ? 105 VAL A CB  1 
ATOM   707  C  CG1 . VAL A 1 107 ? -4.893  -9.141  -1.635  1.00 31.57 ? 105 VAL A CG1 1 
ATOM   708  C  CG2 . VAL A 1 107 ? -4.676  -11.552 -2.238  1.00 37.15 ? 105 VAL A CG2 1 
ATOM   709  N  N   . LEU A 1 108 ? -5.692  -8.208  -5.121  1.00 23.58 ? 106 LEU A N   1 
ATOM   710  C  CA  . LEU A 1 108 ? -5.771  -6.849  -5.667  1.00 26.48 ? 106 LEU A CA  1 
ATOM   711  C  C   . LEU A 1 108 ? -7.099  -6.570  -6.383  1.00 28.28 ? 106 LEU A C   1 
ATOM   712  O  O   . LEU A 1 108 ? -7.622  -5.451  -6.332  1.00 25.49 ? 106 LEU A O   1 
ATOM   713  C  CB  . LEU A 1 108 ? -4.611  -6.607  -6.638  1.00 24.23 ? 106 LEU A CB  1 
ATOM   714  C  CG  . LEU A 1 108 ? -3.287  -5.970  -6.180  1.00 32.55 ? 106 LEU A CG  1 
ATOM   715  C  CD1 . LEU A 1 108 ? -3.132  -5.978  -4.667  1.00 22.59 ? 106 LEU A CD1 1 
ATOM   716  C  CD2 . LEU A 1 108 ? -2.141  -6.714  -6.861  1.00 28.85 ? 106 LEU A CD2 1 
ATOM   717  N  N   . ALA A 1 109 ? -7.636  -7.571  -7.073  1.00 21.80 ? 107 ALA A N   1 
ATOM   718  C  CA  . ALA A 1 109 ? -8.914  -7.384  -7.748  1.00 12.25 ? 107 ALA A CA  1 
ATOM   719  C  C   . ALA A 1 109 ? -9.936  -7.110  -6.647  1.00 18.66 ? 107 ALA A C   1 
ATOM   720  O  O   . ALA A 1 109 ? -10.698 -6.136  -6.713  1.00 12.92 ? 107 ALA A O   1 
ATOM   721  C  CB  . ALA A 1 109 ? -9.289  -8.627  -8.521  1.00 13.37 ? 107 ALA A CB  1 
ATOM   722  N  N   . LEU A 1 110 ? -9.931  -7.981  -5.635  1.00 16.28 ? 108 LEU A N   1 
ATOM   723  C  CA  . LEU A 1 110 ? -10.812 -7.849  -4.484  1.00 18.39 ? 108 LEU A CA  1 
ATOM   724  C  C   . LEU A 1 110 ? -10.594 -6.470  -3.869  1.00 22.30 ? 108 LEU A C   1 
ATOM   725  O  O   . LEU A 1 110 ? -11.543 -5.726  -3.633  1.00 23.10 ? 108 LEU A O   1 
ATOM   726  C  CB  . LEU A 1 110 ? -10.499 -8.934  -3.442  1.00 23.90 ? 108 LEU A CB  1 
ATOM   727  C  CG  . LEU A 1 110 ? -10.995 -10.366 -3.679  1.00 26.66 ? 108 LEU A CG  1 
ATOM   728  C  CD1 . LEU A 1 110 ? -10.792 -10.792 -5.135  1.00 32.95 ? 108 LEU A CD1 1 
ATOM   729  C  CD2 . LEU A 1 110 ? -10.244 -11.293 -2.734  1.00 28.33 ? 108 LEU A CD2 1 
ATOM   730  N  N   . VAL A 1 111 ? -9.340  -6.112  -3.627  1.00 24.53 ? 109 VAL A N   1 
ATOM   731  C  CA  . VAL A 1 111 ? -9.062  -4.820  -3.020  1.00 22.14 ? 109 VAL A CA  1 
ATOM   732  C  C   . VAL A 1 111 ? -9.404  -3.650  -3.972  1.00 25.89 ? 109 VAL A C   1 
ATOM   733  O  O   . VAL A 1 111 ? -9.984  -2.624  -3.572  1.00 11.09 ? 109 VAL A O   1 
ATOM   734  C  CB  . VAL A 1 111 ? -7.564  -4.749  -2.547  1.00 24.86 ? 109 VAL A CB  1 
ATOM   735  C  CG1 . VAL A 1 111 ? -7.190  -3.317  -2.166  1.00 15.72 ? 109 VAL A CG1 1 
ATOM   736  C  CG2 . VAL A 1 111 ? -7.343  -5.684  -1.337  1.00 15.49 ? 109 VAL A CG2 1 
ATOM   737  N  N   . GLY A 1 112 ? -9.073  -3.810  -5.244  1.00 21.89 ? 110 GLY A N   1 
ATOM   738  C  CA  . GLY A 1 112 ? -9.351  -2.740  -6.183  1.00 16.68 ? 110 GLY A CA  1 
ATOM   739  C  C   . GLY A 1 112 ? -10.820 -2.386  -6.340  1.00 22.35 ? 110 GLY A C   1 
ATOM   740  O  O   . GLY A 1 112 ? -11.183 -1.213  -6.356  1.00 23.25 ? 110 GLY A O   1 
ATOM   741  N  N   . LYS A 1 113 ? -11.676 -3.395  -6.467  1.00 22.86 ? 111 LYS A N   1 
ATOM   742  C  CA  . LYS A 1 113 ? -13.107 -3.166  -6.642  1.00 20.14 ? 111 LYS A CA  1 
ATOM   743  C  C   . LYS A 1 113 ? -13.746 -2.632  -5.383  1.00 17.05 ? 111 LYS A C   1 
ATOM   744  O  O   . LYS A 1 113 ? -14.745 -1.935  -5.444  1.00 11.90 ? 111 LYS A O   1 
ATOM   745  C  CB  . LYS A 1 113 ? -13.833 -4.458  -7.012  1.00 23.31 ? 111 LYS A CB  1 
ATOM   746  C  CG  . LYS A 1 113 ? -13.082 -5.343  -7.941  1.00 31.45 ? 111 LYS A CG  1 
ATOM   747  C  CD  . LYS A 1 113 ? -13.988 -5.877  -9.004  1.00 35.53 ? 111 LYS A CD  1 
ATOM   748  C  CE  . LYS A 1 113 ? -13.170 -6.293  -10.189 1.00 38.83 ? 111 LYS A CE  1 
ATOM   749  N  NZ  . LYS A 1 113 ? -13.956 -6.157  -11.428 1.00 38.59 ? 111 LYS A NZ  1 
ATOM   750  N  N   . ALA A 1 114 ? -13.189 -2.977  -4.231  1.00 20.10 ? 112 ALA A N   1 
ATOM   751  C  CA  . ALA A 1 114 ? -13.769 -2.488  -2.992  1.00 20.81 ? 112 ALA A CA  1 
ATOM   752  C  C   . ALA A 1 114 ? -13.540 -0.999  -2.899  1.00 21.75 ? 112 ALA A C   1 
ATOM   753  O  O   . ALA A 1 114 ? -14.422 -0.272  -2.460  1.00 24.98 ? 112 ALA A O   1 
ATOM   754  C  CB  . ALA A 1 114 ? -13.177 -3.211  -1.758  1.00 18.66 ? 112 ALA A CB  1 
ATOM   755  N  N   . HIS A 1 115 ? -12.370 -0.544  -3.343  1.00 22.79 ? 113 HIS A N   1 
ATOM   756  C  CA  . HIS A 1 115 ? -12.047 0.872   -3.281  1.00 21.95 ? 113 HIS A CA  1 
ATOM   757  C  C   . HIS A 1 115 ? -12.673 1.722   -4.369  1.00 26.84 ? 113 HIS A C   1 
ATOM   758  O  O   . HIS A 1 115 ? -12.862 2.922   -4.191  1.00 29.74 ? 113 HIS A O   1 
ATOM   759  C  CB  . HIS A 1 115 ? -10.539 1.053   -3.273  1.00 20.81 ? 113 HIS A CB  1 
ATOM   760  C  CG  . HIS A 1 115 ? -9.903  0.584   -2.006  1.00 25.34 ? 113 HIS A CG  1 
ATOM   761  N  ND1 . HIS A 1 115 ? -9.817  -0.749  -1.667  1.00 27.42 ? 113 HIS A ND1 1 
ATOM   762  C  CD2 . HIS A 1 115 ? -9.397  1.271   -0.958  1.00 18.60 ? 113 HIS A CD2 1 
ATOM   763  C  CE1 . HIS A 1 115 ? -9.290  -0.862  -0.464  1.00 19.10 ? 113 HIS A CE1 1 
ATOM   764  N  NE2 . HIS A 1 115 ? -9.028  0.348   -0.012  1.00 16.02 ? 113 HIS A NE2 1 
ATOM   765  N  N   . ALA A 1 116 ? -13.006 1.108   -5.495  1.00 27.09 ? 114 ALA A N   1 
ATOM   766  C  CA  . ALA A 1 116 ? -13.622 1.848   -6.578  1.00 18.83 ? 114 ALA A CA  1 
ATOM   767  C  C   . ALA A 1 116 ? -15.137 1.970   -6.344  1.00 23.45 ? 114 ALA A C   1 
ATOM   768  O  O   . ALA A 1 116 ? -15.705 3.069   -6.411  1.00 22.78 ? 114 ALA A O   1 
ATOM   769  C  CB  . ALA A 1 116 ? -13.330 1.146   -7.900  1.00 10.69 ? 114 ALA A CB  1 
ATOM   770  N  N   . LEU A 1 117 ? -15.774 0.844   -6.035  1.00 21.59 ? 115 LEU A N   1 
ATOM   771  C  CA  . LEU A 1 117 ? -17.215 0.785   -5.825  1.00 22.41 ? 115 LEU A CA  1 
ATOM   772  C  C   . LEU A 1 117 ? -17.711 1.111   -4.412  1.00 25.83 ? 115 LEU A C   1 
ATOM   773  O  O   . LEU A 1 117 ? -18.695 1.828   -4.264  1.00 26.81 ? 115 LEU A O   1 
ATOM   774  C  CB  . LEU A 1 117 ? -17.748 -0.602  -6.224  1.00 25.89 ? 115 LEU A CB  1 
ATOM   775  C  CG  . LEU A 1 117 ? -17.367 -1.168  -7.599  1.00 26.71 ? 115 LEU A CG  1 
ATOM   776  C  CD1 . LEU A 1 117 ? -17.979 -2.550  -7.770  1.00 22.76 ? 115 LEU A CD1 1 
ATOM   777  C  CD2 . LEU A 1 117 ? -17.831 -0.226  -8.698  1.00 15.76 ? 115 LEU A CD2 1 
ATOM   778  N  N   . LYS A 1 118 ? -17.058 0.585   -3.379  1.00 29.04 ? 116 LYS A N   1 
ATOM   779  C  CA  . LYS A 1 118 ? -17.499 0.856   -2.008  1.00 27.00 ? 116 LYS A CA  1 
ATOM   780  C  C   . LYS A 1 118 ? -16.962 2.153   -1.403  1.00 27.63 ? 116 LYS A C   1 
ATOM   781  O  O   . LYS A 1 118 ? -17.743 2.987   -0.950  1.00 33.10 ? 116 LYS A O   1 
ATOM   782  C  CB  . LYS A 1 118 ? -17.151 -0.320  -1.079  1.00 32.84 ? 116 LYS A CB  1 
ATOM   783  C  CG  . LYS A 1 118 ? -18.068 -1.541  -1.208  1.00 39.57 ? 116 LYS A CG  1 
ATOM   784  C  CD  . LYS A 1 118 ? -17.582 -2.698  -0.317  1.00 51.41 ? 116 LYS A CD  1 
ATOM   785  C  CE  . LYS A 1 118 ? -18.572 -3.872  -0.256  1.00 53.04 ? 116 LYS A CE  1 
ATOM   786  N  NZ  . LYS A 1 118 ? -19.792 -3.595  0.568   1.00 58.22 ? 116 LYS A NZ  1 
ATOM   787  N  N   . HIS A 1 119 ? -15.645 2.332   -1.396  1.00 23.52 ? 117 HIS A N   1 
ATOM   788  C  CA  . HIS A 1 119 ? -15.039 3.536   -0.815  1.00 25.26 ? 117 HIS A CA  1 
ATOM   789  C  C   . HIS A 1 119 ? -14.860 4.662   -1.823  1.00 26.90 ? 117 HIS A C   1 
ATOM   790  O  O   . HIS A 1 119 ? -14.749 5.833   -1.451  1.00 23.62 ? 117 HIS A O   1 
ATOM   791  C  CB  . HIS A 1 119 ? -13.691 3.182   -0.208  1.00 27.88 ? 117 HIS A CB  1 
ATOM   792  C  CG  . HIS A 1 119 ? -13.660 1.820   0.403   1.00 28.11 ? 117 HIS A CG  1 
ATOM   793  N  ND1 . HIS A 1 119 ? -14.496 1.452   1.435   1.00 32.87 ? 117 HIS A ND1 1 
ATOM   794  C  CD2 . HIS A 1 119 ? -12.933 0.724   0.097   1.00 22.91 ? 117 HIS A CD2 1 
ATOM   795  C  CE1 . HIS A 1 119 ? -14.285 0.185   1.738   1.00 23.47 ? 117 HIS A CE1 1 
ATOM   796  N  NE2 . HIS A 1 119 ? -13.341 -0.280  0.940   1.00 31.25 ? 117 HIS A NE2 1 
ATOM   797  N  N   . LYS A 1 120 ? -14.810 4.289   -3.098  1.00 25.55 ? 118 LYS A N   1 
ATOM   798  C  CA  . LYS A 1 120 ? -14.665 5.242   -4.189  1.00 26.86 ? 118 LYS A CA  1 
ATOM   799  C  C   . LYS A 1 120 ? -13.504 6.192   -4.028  1.00 22.60 ? 118 LYS A C   1 
ATOM   800  O  O   . LYS A 1 120 ? -13.673 7.414   -4.001  1.00 13.55 ? 118 LYS A O   1 
ATOM   801  C  CB  . LYS A 1 120 ? -15.937 6.051   -4.330  1.00 35.65 ? 118 LYS A CB  1 
ATOM   802  C  CG  . LYS A 1 120 ? -17.176 5.208   -4.273  1.00 44.60 ? 118 LYS A CG  1 
ATOM   803  C  CD  . LYS A 1 120 ? -18.324 6.075   -3.813  1.00 48.56 ? 118 LYS A CD  1 
ATOM   804  C  CE  . LYS A 1 120 ? -19.616 5.298   -3.705  1.00 49.08 ? 118 LYS A CE  1 
ATOM   805  N  NZ  . LYS A 1 120 ? -20.122 4.938   -5.051  1.00 51.08 ? 118 LYS A NZ  1 
ATOM   806  N  N   . VAL A 1 121 ? -12.325 5.613   -3.902  1.00 17.56 ? 119 VAL A N   1 
ATOM   807  C  CA  . VAL A 1 121 ? -11.119 6.383   -3.790  1.00 17.12 ? 119 VAL A CA  1 
ATOM   808  C  C   . VAL A 1 121 ? -10.690 6.524   -5.235  1.00 19.00 ? 119 VAL A C   1 
ATOM   809  O  O   . VAL A 1 121 ? -10.705 5.541   -5.986  1.00 10.39 ? 119 VAL A O   1 
ATOM   810  C  CB  . VAL A 1 121 ? -10.054 5.599   -3.021  1.00 21.19 ? 119 VAL A CB  1 
ATOM   811  C  CG1 . VAL A 1 121 ? -8.713  6.310   -3.135  1.00 19.13 ? 119 VAL A CG1 1 
ATOM   812  C  CG2 . VAL A 1 121 ? -10.506 5.416   -1.564  1.00 12.48 ? 119 VAL A CG2 1 
ATOM   813  N  N   . GLU A 1 122 ? -10.343 7.734   -5.651  1.00 16.68 ? 120 GLU A N   1 
ATOM   814  C  CA  . GLU A 1 122 ? -9.898  7.889   -7.018  1.00 16.39 ? 120 GLU A CA  1 
ATOM   815  C  C   . GLU A 1 122 ? -8.586  7.097   -7.114  1.00 16.96 ? 120 GLU A C   1 
ATOM   816  O  O   . GLU A 1 122 ? -7.660  7.299   -6.324  1.00 20.82 ? 120 GLU A O   1 
ATOM   817  C  CB  . GLU A 1 122 ? -9.749  9.373   -7.372  1.00 14.56 ? 120 GLU A CB  1 
ATOM   818  C  CG  . GLU A 1 122 ? -8.645  10.144  -6.707  1.00 25.79 ? 120 GLU A CG  1 
ATOM   819  C  CD  . GLU A 1 122 ? -8.580  11.592  -7.213  1.00 32.65 ? 120 GLU A CD  1 
ATOM   820  O  OE1 . GLU A 1 122 ? -8.520  11.802  -8.453  1.00 23.98 ? 120 GLU A OE1 1 
ATOM   821  O  OE2 . GLU A 1 122 ? -8.584  12.516  -6.367  1.00 29.86 ? 120 GLU A OE2 1 
ATOM   822  N  N   . PRO A 1 123 ? -8.502  6.182   -8.093  1.00 14.12 ? 121 PRO A N   1 
ATOM   823  C  CA  . PRO A 1 123 ? -7.361  5.295   -8.357  1.00 11.22 ? 121 PRO A CA  1 
ATOM   824  C  C   . PRO A 1 123 ? -5.930  5.815   -8.155  1.00 15.04 ? 121 PRO A C   1 
ATOM   825  O  O   . PRO A 1 123 ? -5.077  5.100   -7.614  1.00 13.63 ? 121 PRO A O   1 
ATOM   826  C  CB  . PRO A 1 123 ? -7.625  4.806   -9.791  1.00 3.92  ? 121 PRO A CB  1 
ATOM   827  C  CG  . PRO A 1 123 ? -8.372  5.954   -10.405 1.00 14.81 ? 121 PRO A CG  1 
ATOM   828  C  CD  . PRO A 1 123 ? -9.340  6.315   -9.301  1.00 14.94 ? 121 PRO A CD  1 
ATOM   829  N  N   . VAL A 1 124 ? -5.659  7.051   -8.566  1.00 16.59 ? 122 VAL A N   1 
ATOM   830  C  CA  . VAL A 1 124 ? -4.303  7.583   -8.451  1.00 14.56 ? 122 VAL A CA  1 
ATOM   831  C  C   . VAL A 1 124 ? -3.681  7.540   -7.045  1.00 11.74 ? 122 VAL A C   1 
ATOM   832  O  O   . VAL A 1 124 ? -2.463  7.415   -6.912  1.00 9.19  ? 122 VAL A O   1 
ATOM   833  C  CB  . VAL A 1 124 ? -4.224  9.032   -9.027  1.00 14.80 ? 122 VAL A CB  1 
ATOM   834  C  CG1 . VAL A 1 124 ? -4.801  10.048  -8.043  1.00 8.61  ? 122 VAL A CG1 1 
ATOM   835  C  CG2 . VAL A 1 124 ? -2.798  9.358   -9.384  1.00 8.88  ? 122 VAL A CG2 1 
ATOM   836  N  N   . TYR A 1 125 ? -4.499  7.629   -6.001  1.00 8.45  ? 123 TYR A N   1 
ATOM   837  C  CA  . TYR A 1 125 ? -3.984  7.613   -4.626  1.00 16.02 ? 123 TYR A CA  1 
ATOM   838  C  C   . TYR A 1 125 ? -3.155  6.379   -4.323  1.00 20.40 ? 123 TYR A C   1 
ATOM   839  O  O   . TYR A 1 125 ? -2.244  6.382   -3.493  1.00 16.70 ? 123 TYR A O   1 
ATOM   840  C  CB  . TYR A 1 125 ? -5.136  7.699   -3.643  1.00 14.69 ? 123 TYR A CB  1 
ATOM   841  C  CG  . TYR A 1 125 ? -5.578  9.114   -3.474  1.00 14.90 ? 123 TYR A CG  1 
ATOM   842  C  CD1 . TYR A 1 125 ? -4.704  10.060  -2.960  1.00 14.48 ? 123 TYR A CD1 1 
ATOM   843  C  CD2 . TYR A 1 125 ? -6.850  9.520   -3.851  1.00 15.13 ? 123 TYR A CD2 1 
ATOM   844  C  CE1 . TYR A 1 125 ? -5.083  11.385  -2.817  1.00 20.50 ? 123 TYR A CE1 1 
ATOM   845  C  CE2 . TYR A 1 125 ? -7.249  10.844  -3.713  1.00 20.37 ? 123 TYR A CE2 1 
ATOM   846  C  CZ  . TYR A 1 125 ? -6.359  11.779  -3.189  1.00 24.35 ? 123 TYR A CZ  1 
ATOM   847  O  OH  . TYR A 1 125 ? -6.756  13.095  -3.007  1.00 18.60 ? 123 TYR A OH  1 
ATOM   848  N  N   . PHE A 1 126 ? -3.506  5.321   -5.023  1.00 15.98 ? 124 PHE A N   1 
ATOM   849  C  CA  . PHE A 1 126 ? -2.855  4.048   -4.921  1.00 17.83 ? 124 PHE A CA  1 
ATOM   850  C  C   . PHE A 1 126 ? -1.418  4.080   -5.248  1.00 17.37 ? 124 PHE A C   1 
ATOM   851  O  O   . PHE A 1 126 ? -0.586  3.462   -4.594  1.00 18.32 ? 124 PHE A O   1 
ATOM   852  C  CB  . PHE A 1 126 ? -3.517  3.111   -5.882  1.00 17.91 ? 124 PHE A CB  1 
ATOM   853  C  CG  . PHE A 1 126 ? -4.514  2.268   -5.237  1.00 21.41 ? 124 PHE A CG  1 
ATOM   854  C  CD1 . PHE A 1 126 ? -4.099  1.168   -4.500  1.00 19.98 ? 124 PHE A CD1 1 
ATOM   855  C  CD2 . PHE A 1 126 ? -5.864  2.630   -5.242  1.00 20.35 ? 124 PHE A CD2 1 
ATOM   856  C  CE1 . PHE A 1 126 ? -5.008  0.421   -3.758  1.00 24.89 ? 124 PHE A CE1 1 
ATOM   857  C  CE2 . PHE A 1 126 ? -6.799  1.902   -4.505  1.00 19.85 ? 124 PHE A CE2 1 
ATOM   858  C  CZ  . PHE A 1 126 ? -6.372  0.784   -3.750  1.00 25.77 ? 124 PHE A CZ  1 
ATOM   859  N  N   . LYS A 1 127 ? -1.165  4.771   -6.338  1.00 21.00 ? 125 LYS A N   1 
ATOM   860  C  CA  . LYS A 1 127 ? 0.154   4.931   -6.851  1.00 14.44 ? 125 LYS A CA  1 
ATOM   861  C  C   . LYS A 1 127 ? 0.903   5.798   -5.864  1.00 14.05 ? 125 LYS A C   1 
ATOM   862  O  O   . LYS A 1 127 ? 2.047   5.517   -5.501  1.00 15.90 ? 125 LYS A O   1 
ATOM   863  C  CB  . LYS A 1 127 ? 0.070   5.602   -8.208  1.00 16.64 ? 125 LYS A CB  1 
ATOM   864  C  CG  . LYS A 1 127 ? 1.322   5.435   -8.999  1.00 30.23 ? 125 LYS A CG  1 
ATOM   865  C  CD  . LYS A 1 127 ? 1.417   6.481   -10.057 1.00 28.77 ? 125 LYS A CD  1 
ATOM   866  C  CE  . LYS A 1 127 ? 2.670   6.273   -10.863 1.00 35.87 ? 125 LYS A CE  1 
ATOM   867  N  NZ  . LYS A 1 127 ? 3.237   7.568   -11.321 1.00 31.58 ? 125 LYS A NZ  1 
ATOM   868  N  N   . ILE A 1 128 ? 0.236   6.851   -5.423  1.00 15.31 ? 126 ILE A N   1 
ATOM   869  C  CA  . ILE A 1 128 ? 0.823   7.778   -4.485  1.00 19.96 ? 126 ILE A CA  1 
ATOM   870  C  C   . ILE A 1 128 ? 1.131   7.053   -3.176  1.00 19.90 ? 126 ILE A C   1 
ATOM   871  O  O   . ILE A 1 128 ? 2.237   7.169   -2.649  1.00 11.89 ? 126 ILE A O   1 
ATOM   872  C  CB  . ILE A 1 128 ? -0.142  8.965   -4.225  1.00 22.18 ? 126 ILE A CB  1 
ATOM   873  C  CG1 . ILE A 1 128 ? -0.507  9.636   -5.552  1.00 16.69 ? 126 ILE A CG1 1 
ATOM   874  C  CG2 . ILE A 1 128 ? 0.497   9.964   -3.277  1.00 13.75 ? 126 ILE A CG2 1 
ATOM   875  C  CD1 . ILE A 1 128 ? -1.496  10.786  -5.412  1.00 14.08 ? 126 ILE A CD1 1 
ATOM   876  N  N   . LEU A 1 129 ? 0.160   6.293   -2.667  1.00 20.75 ? 127 LEU A N   1 
ATOM   877  C  CA  . LEU A 1 129 ? 0.321   5.568   -1.405  1.00 18.36 ? 127 LEU A CA  1 
ATOM   878  C  C   . LEU A 1 129 ? 1.433   4.536   -1.500  1.00 25.25 ? 127 LEU A C   1 
ATOM   879  O  O   . LEU A 1 129 ? 2.104   4.245   -0.507  1.00 28.42 ? 127 LEU A O   1 
ATOM   880  C  CB  . LEU A 1 129 ? -0.987  4.881   -0.995  1.00 20.99 ? 127 LEU A CB  1 
ATOM   881  C  CG  . LEU A 1 129 ? -1.241  4.643   0.503   1.00 19.56 ? 127 LEU A CG  1 
ATOM   882  C  CD1 . LEU A 1 129 ? -1.445  3.171   0.736   1.00 18.11 ? 127 LEU A CD1 1 
ATOM   883  C  CD2 . LEU A 1 129 ? -0.086  5.148   1.356   1.00 22.25 ? 127 LEU A CD2 1 
ATOM   884  N  N   . SER A 1 130 ? 1.628   3.987   -2.695  1.00 22.69 ? 128 SER A N   1 
ATOM   885  C  CA  . SER A 1 130 ? 2.681   3.002   -2.925  1.00 18.87 ? 128 SER A CA  1 
ATOM   886  C  C   . SER A 1 130 ? 4.063   3.623   -2.806  1.00 19.04 ? 128 SER A C   1 
ATOM   887  O  O   . SER A 1 130 ? 4.963   3.016   -2.239  1.00 27.52 ? 128 SER A O   1 
ATOM   888  C  CB  . SER A 1 130 ? 2.531   2.376   -4.310  1.00 17.07 ? 128 SER A CB  1 
ATOM   889  O  OG  . SER A 1 130 ? 1.380   1.553   -4.348  1.00 16.90 ? 128 SER A OG  1 
ATOM   890  N  N   . GLY A 1 131 ? 4.228   4.826   -3.354  1.00 18.86 ? 129 GLY A N   1 
ATOM   891  C  CA  . GLY A 1 131 ? 5.509   5.502   -3.281  1.00 15.79 ? 129 GLY A CA  1 
ATOM   892  C  C   . GLY A 1 131 ? 5.879   5.733   -1.827  1.00 18.86 ? 129 GLY A C   1 
ATOM   893  O  O   . GLY A 1 131 ? 7.025   5.517   -1.427  1.00 14.16 ? 129 GLY A O   1 
ATOM   894  N  N   . VAL A 1 132 ? 4.898   6.170   -1.037  1.00 14.71 ? 130 VAL A N   1 
ATOM   895  C  CA  . VAL A 1 132 ? 5.114   6.413   0.381   1.00 17.43 ? 130 VAL A CA  1 
ATOM   896  C  C   . VAL A 1 132 ? 5.593   5.135   1.054   1.00 22.60 ? 130 VAL A C   1 
ATOM   897  O  O   . VAL A 1 132 ? 6.506   5.182   1.885   1.00 17.29 ? 130 VAL A O   1 
ATOM   898  C  CB  . VAL A 1 132 ? 3.824   6.876   1.088   1.00 21.96 ? 130 VAL A CB  1 
ATOM   899  C  CG1 . VAL A 1 132 ? 4.059   6.984   2.607   1.00 17.89 ? 130 VAL A CG1 1 
ATOM   900  C  CG2 . VAL A 1 132 ? 3.386   8.210   0.531   1.00 13.31 ? 130 VAL A CG2 1 
ATOM   901  N  N   . ILE A 1 133 ? 4.983   4.000   0.695   1.00 19.42 ? 131 ILE A N   1 
ATOM   902  C  CA  . ILE A 1 133 ? 5.365   2.714   1.272   1.00 19.81 ? 131 ILE A CA  1 
ATOM   903  C  C   . ILE A 1 133 ? 6.825   2.384   0.965   1.00 20.83 ? 131 ILE A C   1 
ATOM   904  O  O   . ILE A 1 133 ? 7.587   1.995   1.860   1.00 14.85 ? 131 ILE A O   1 
ATOM   905  C  CB  . ILE A 1 133 ? 4.448   1.574   0.774   1.00 20.60 ? 131 ILE A CB  1 
ATOM   906  C  CG1 . ILE A 1 133 ? 3.029   1.794   1.305   1.00 22.03 ? 131 ILE A CG1 1 
ATOM   907  C  CG2 . ILE A 1 133 ? 4.959   0.229   1.265   1.00 13.21 ? 131 ILE A CG2 1 
ATOM   908  C  CD1 . ILE A 1 133 ? 2.003   0.895   0.685   1.00 18.79 ? 131 ILE A CD1 1 
ATOM   909  N  N   . LEU A 1 134 ? 7.228   2.565   -0.286  1.00 22.92 ? 132 LEU A N   1 
ATOM   910  C  CA  . LEU A 1 134 ? 8.611   2.283   -0.663  1.00 23.14 ? 132 LEU A CA  1 
ATOM   911  C  C   . LEU A 1 134 ? 9.561   3.232   0.037   1.00 20.13 ? 132 LEU A C   1 
ATOM   912  O  O   . LEU A 1 134 ? 10.674  2.858   0.384   1.00 23.46 ? 132 LEU A O   1 
ATOM   913  C  CB  . LEU A 1 134 ? 8.809   2.391   -2.179  1.00 20.25 ? 132 LEU A CB  1 
ATOM   914  C  CG  . LEU A 1 134 ? 9.006   1.042   -2.886  1.00 26.50 ? 132 LEU A CG  1 
ATOM   915  C  CD1 . LEU A 1 134 ? 7.700   0.261   -2.877  1.00 26.19 ? 132 LEU A CD1 1 
ATOM   916  C  CD2 . LEU A 1 134 ? 9.478   1.270   -4.317  1.00 23.26 ? 132 LEU A CD2 1 
ATOM   917  N  N   . GLU A 1 135 ? 9.119   4.465   0.248   1.00 24.48 ? 133 GLU A N   1 
ATOM   918  C  CA  . GLU A 1 135 ? 9.951   5.448   0.923   1.00 25.23 ? 133 GLU A CA  1 
ATOM   919  C  C   . GLU A 1 135 ? 10.349  4.921   2.299   1.00 28.68 ? 133 GLU A C   1 
ATOM   920  O  O   . GLU A 1 135 ? 11.496  5.058   2.719   1.00 28.82 ? 133 GLU A O   1 
ATOM   921  C  CB  . GLU A 1 135 ? 9.193   6.765   1.075   1.00 19.79 ? 133 GLU A CB  1 
ATOM   922  C  CG  . GLU A 1 135 ? 9.061   7.560   -0.206  1.00 26.89 ? 133 GLU A CG  1 
ATOM   923  C  CD  . GLU A 1 135 ? 8.277   8.837   0.009   1.00 25.15 ? 133 GLU A CD  1 
ATOM   924  O  OE1 . GLU A 1 135 ? 8.637   9.599   0.927   1.00 27.89 ? 133 GLU A OE1 1 
ATOM   925  O  OE2 . GLU A 1 135 ? 7.301   9.077   -0.732  1.00 30.40 ? 133 GLU A OE2 1 
ATOM   926  N  N   . VAL A 1 136 ? 9.394   4.304   2.987   1.00 28.05 ? 134 VAL A N   1 
ATOM   927  C  CA  . VAL A 1 136 ? 9.631   3.761   4.313   1.00 31.32 ? 134 VAL A CA  1 
ATOM   928  C  C   . VAL A 1 136 ? 10.519  2.529   4.247   1.00 33.26 ? 134 VAL A C   1 
ATOM   929  O  O   . VAL A 1 136 ? 11.393  2.339   5.096   1.00 37.21 ? 134 VAL A O   1 
ATOM   930  C  CB  . VAL A 1 136 ? 8.307   3.400   4.995   1.00 33.96 ? 134 VAL A CB  1 
ATOM   931  C  CG1 . VAL A 1 136 ? 8.564   2.894   6.397   1.00 29.61 ? 134 VAL A CG1 1 
ATOM   932  C  CG2 . VAL A 1 136 ? 7.408   4.621   5.037   1.00 31.05 ? 134 VAL A CG2 1 
ATOM   933  N  N   . VAL A 1 137 ? 10.290  1.693   3.240   1.00 30.50 ? 135 VAL A N   1 
ATOM   934  C  CA  . VAL A 1 137 ? 11.088  0.484   3.037   1.00 27.06 ? 135 VAL A CA  1 
ATOM   935  C  C   . VAL A 1 137 ? 12.541  0.895   2.881   1.00 29.68 ? 135 VAL A C   1 
ATOM   936  O  O   . VAL A 1 137 ? 13.433  0.360   3.538   1.00 28.93 ? 135 VAL A O   1 
ATOM   937  C  CB  . VAL A 1 137 ? 10.673  -0.258  1.738   1.00 27.77 ? 135 VAL A CB  1 
ATOM   938  C  CG1 . VAL A 1 137 ? 11.772  -1.213  1.301   1.00 7.22  ? 135 VAL A CG1 1 
ATOM   939  C  CG2 . VAL A 1 137 ? 9.372   -1.022  1.961   1.00 25.63 ? 135 VAL A CG2 1 
ATOM   940  N  N   . ALA A 1 138 ? 12.752  1.857   1.989   1.00 28.40 ? 136 ALA A N   1 
ATOM   941  C  CA  . ALA A 1 138 ? 14.070  2.379   1.671   1.00 32.42 ? 136 ALA A CA  1 
ATOM   942  C  C   . ALA A 1 138 ? 14.786  3.008   2.851   1.00 34.54 ? 136 ALA A C   1 
ATOM   943  O  O   . ALA A 1 138 ? 16.019  3.054   2.886   1.00 35.33 ? 136 ALA A O   1 
ATOM   944  C  CB  . ALA A 1 138 ? 13.955  3.391   0.545   1.00 32.88 ? 136 ALA A CB  1 
ATOM   945  N  N   . GLU A 1 139 ? 14.015  3.509   3.806   1.00 36.59 ? 137 GLU A N   1 
ATOM   946  C  CA  . GLU A 1 139 ? 14.571  4.132   4.997   1.00 37.85 ? 137 GLU A CA  1 
ATOM   947  C  C   . GLU A 1 139 ? 14.952  3.070   6.013   1.00 38.70 ? 137 GLU A C   1 
ATOM   948  O  O   . GLU A 1 139 ? 15.964  3.194   6.698   1.00 44.70 ? 137 GLU A O   1 
ATOM   949  C  CB  . GLU A 1 139 ? 13.547  5.075   5.615   1.00 42.72 ? 137 GLU A CB  1 
ATOM   950  C  CG  . GLU A 1 139 ? 13.638  6.515   5.143   1.00 44.08 ? 137 GLU A CG  1 
ATOM   951  C  CD  . GLU A 1 139 ? 12.373  7.289   5.462   1.00 49.35 ? 137 GLU A CD  1 
ATOM   952  O  OE1 . GLU A 1 139 ? 11.679  6.907   6.434   1.00 48.61 ? 137 GLU A OE1 1 
ATOM   953  O  OE2 . GLU A 1 139 ? 12.080  8.277   4.749   1.00 34.64 ? 137 GLU A OE2 1 
ATOM   954  N  N   . GLU A 1 140 ? 14.125  2.035   6.113   1.00 35.10 ? 138 GLU A N   1 
ATOM   955  C  CA  . GLU A 1 140 ? 14.362  0.939   7.045   1.00 35.15 ? 138 GLU A CA  1 
ATOM   956  C  C   . GLU A 1 140 ? 15.589  0.144   6.646   1.00 31.75 ? 138 GLU A C   1 
ATOM   957  O  O   . GLU A 1 140 ? 16.255  -0.456  7.490   1.00 28.70 ? 138 GLU A O   1 
ATOM   958  C  CB  . GLU A 1 140 ? 13.162  -0.007  7.077   1.00 34.31 ? 138 GLU A CB  1 
ATOM   959  C  CG  . GLU A 1 140 ? 11.951  0.528   7.799   1.00 40.46 ? 138 GLU A CG  1 
ATOM   960  C  CD  . GLU A 1 140 ? 12.208  0.722   9.272   1.00 44.23 ? 138 GLU A CD  1 
ATOM   961  O  OE1 . GLU A 1 140 ? 13.004  1.620   9.613   1.00 45.57 ? 138 GLU A OE1 1 
ATOM   962  O  OE2 . GLU A 1 140 ? 11.625  -0.027  10.090  1.00 45.83 ? 138 GLU A OE2 1 
ATOM   963  N  N   . PHE A 1 141 ? 15.880  0.144   5.352   1.00 31.56 ? 139 PHE A N   1 
ATOM   964  C  CA  . PHE A 1 141 ? 17.013  -0.595  4.820   1.00 33.32 ? 139 PHE A CA  1 
ATOM   965  C  C   . PHE A 1 141 ? 17.979  0.308   4.069   1.00 37.75 ? 139 PHE A C   1 
ATOM   966  O  O   . PHE A 1 141 ? 18.562  -0.095  3.058   1.00 37.50 ? 139 PHE A O   1 
ATOM   967  C  CB  . PHE A 1 141 ? 16.508  -1.704  3.897   1.00 32.43 ? 139 PHE A CB  1 
ATOM   968  C  CG  . PHE A 1 141 ? 15.606  -2.692  4.581   1.00 32.76 ? 139 PHE A CG  1 
ATOM   969  C  CD1 . PHE A 1 141 ? 16.134  -3.706  5.374   1.00 35.13 ? 139 PHE A CD1 1 
ATOM   970  C  CD2 . PHE A 1 141 ? 14.231  -2.594  4.460   1.00 30.69 ? 139 PHE A CD2 1 
ATOM   971  C  CE1 . PHE A 1 141 ? 15.299  -4.610  6.035   1.00 33.59 ? 139 PHE A CE1 1 
ATOM   972  C  CE2 . PHE A 1 141 ? 13.390  -3.491  5.115   1.00 33.92 ? 139 PHE A CE2 1 
ATOM   973  C  CZ  . PHE A 1 141 ? 13.927  -4.501  5.903   1.00 31.13 ? 139 PHE A CZ  1 
ATOM   974  N  N   . ALA A 1 142 ? 18.140  1.533   4.561   1.00 37.99 ? 140 ALA A N   1 
ATOM   975  C  CA  . ALA A 1 142 ? 19.052  2.485   3.939   1.00 42.32 ? 140 ALA A CA  1 
ATOM   976  C  C   . ALA A 1 142 ? 20.451  1.876   3.925   1.00 46.32 ? 140 ALA A C   1 
ATOM   977  O  O   . ALA A 1 142 ? 21.298  2.242   3.109   1.00 47.06 ? 140 ALA A O   1 
ATOM   978  C  CB  . ALA A 1 142 ? 19.053  3.788   4.716   1.00 36.86 ? 140 ALA A CB  1 
ATOM   979  N  N   . SER A 1 143 ? 20.671  0.937   4.840   1.00 52.19 ? 141 SER A N   1 
ATOM   980  C  CA  . SER A 1 143 ? 21.941  0.233   4.980   1.00 53.94 ? 141 SER A CA  1 
ATOM   981  C  C   . SER A 1 143 ? 22.252  -0.613  3.747   1.00 57.33 ? 141 SER A C   1 
ATOM   982  O  O   . SER A 1 143 ? 23.297  -0.451  3.115   1.00 58.99 ? 141 SER A O   1 
ATOM   983  C  CB  . SER A 1 143 ? 21.875  -0.682  6.196   1.00 50.82 ? 141 SER A CB  1 
ATOM   984  O  OG  . SER A 1 143 ? 20.793  -1.590  6.057   1.00 44.44 ? 141 SER A OG  1 
ATOM   985  N  N   . ASP A 1 144 ? 21.342  -1.526  3.423   1.00 55.55 ? 142 ASP A N   1 
ATOM   986  C  CA  . ASP A 1 144 ? 21.512  -2.410  2.277   1.00 55.16 ? 142 ASP A CA  1 
ATOM   987  C  C   . ASP A 1 144 ? 20.360  -2.268  1.285   1.00 48.93 ? 142 ASP A C   1 
ATOM   988  O  O   . ASP A 1 144 ? 19.511  -3.150  1.175   1.00 44.34 ? 142 ASP A O   1 
ATOM   989  C  CB  . ASP A 1 144 ? 21.596  -3.872  2.738   1.00 61.02 ? 142 ASP A CB  1 
ATOM   990  C  CG  . ASP A 1 144 ? 22.730  -4.639  2.069   1.00 66.17 ? 142 ASP A CG  1 
ATOM   991  O  OD1 . ASP A 1 144 ? 22.974  -4.429  0.857   1.00 61.57 ? 142 ASP A OD1 1 
ATOM   992  O  OD2 . ASP A 1 144 ? 23.371  -5.462  2.761   1.00 69.99 ? 142 ASP A OD2 1 
ATOM   993  N  N   . PHE A 1 145 ? 20.311  -1.147  0.578   1.00 45.42 ? 143 PHE A N   1 
ATOM   994  C  CA  . PHE A 1 145 ? 19.266  -0.976  -0.409  1.00 41.23 ? 143 PHE A CA  1 
ATOM   995  C  C   . PHE A 1 145 ? 19.914  -0.903  -1.794  1.00 38.47 ? 143 PHE A C   1 
ATOM   996  O  O   . PHE A 1 145 ? 20.064  0.160   -2.394  1.00 34.97 ? 143 PHE A O   1 
ATOM   997  C  CB  . PHE A 1 145 ? 18.404  0.260   -0.116  1.00 36.37 ? 143 PHE A CB  1 
ATOM   998  C  CG  . PHE A 1 145 ? 17.085  0.242   -0.844  1.00 39.85 ? 143 PHE A CG  1 
ATOM   999  C  CD1 . PHE A 1 145 ? 16.323  -0.928  -0.873  1.00 39.67 ? 143 PHE A CD1 1 
ATOM   1000 C  CD2 . PHE A 1 145 ? 16.622  1.359   -1.543  1.00 39.47 ? 143 PHE A CD2 1 
ATOM   1001 C  CE1 . PHE A 1 145 ? 15.123  -0.996  -1.588  1.00 36.20 ? 143 PHE A CE1 1 
ATOM   1002 C  CE2 . PHE A 1 145 ? 15.421  1.304   -2.263  1.00 39.85 ? 143 PHE A CE2 1 
ATOM   1003 C  CZ  . PHE A 1 145 ? 14.672  0.118   -2.283  1.00 40.28 ? 143 PHE A CZ  1 
ATOM   1004 N  N   . PRO A 1 146 ? 20.323  -2.067  -2.308  1.00 36.94 ? 144 PRO A N   1 
ATOM   1005 C  CA  . PRO A 1 146 ? 20.969  -2.234  -3.612  1.00 44.70 ? 144 PRO A CA  1 
ATOM   1006 C  C   . PRO A 1 146 ? 20.109  -1.963  -4.846  1.00 44.74 ? 144 PRO A C   1 
ATOM   1007 O  O   . PRO A 1 146 ? 18.887  -2.112  -4.826  1.00 47.30 ? 144 PRO A O   1 
ATOM   1008 C  CB  . PRO A 1 146 ? 21.479  -3.676  -3.559  1.00 41.62 ? 144 PRO A CB  1 
ATOM   1009 C  CG  . PRO A 1 146 ? 20.487  -4.353  -2.663  1.00 39.28 ? 144 PRO A CG  1 
ATOM   1010 C  CD  . PRO A 1 146 ? 20.300  -3.342  -1.570  1.00 38.83 ? 144 PRO A CD  1 
ATOM   1011 N  N   . PRO A 1 147 ? 20.759  -1.565  -5.948  1.00 45.17 ? 145 PRO A N   1 
ATOM   1012 C  CA  . PRO A 1 147 ? 20.139  -1.251  -7.236  1.00 46.07 ? 145 PRO A CA  1 
ATOM   1013 C  C   . PRO A 1 147 ? 19.252  -2.359  -7.787  1.00 43.02 ? 145 PRO A C   1 
ATOM   1014 O  O   . PRO A 1 147 ? 18.195  -2.082  -8.327  1.00 44.36 ? 145 PRO A O   1 
ATOM   1015 C  CB  . PRO A 1 147 ? 21.341  -0.969  -8.132  1.00 44.91 ? 145 PRO A CB  1 
ATOM   1016 C  CG  . PRO A 1 147 ? 22.305  -0.360  -7.181  1.00 44.30 ? 145 PRO A CG  1 
ATOM   1017 C  CD  . PRO A 1 147 ? 22.204  -1.290  -5.998  1.00 44.44 ? 145 PRO A CD  1 
ATOM   1018 N  N   . GLU A 1 148 ? 19.681  -3.610  -7.656  1.00 47.49 ? 146 GLU A N   1 
ATOM   1019 C  CA  . GLU A 1 148 ? 18.892  -4.732  -8.159  1.00 50.84 ? 146 GLU A CA  1 
ATOM   1020 C  C   . GLU A 1 148 ? 17.707  -4.963  -7.234  1.00 49.02 ? 146 GLU A C   1 
ATOM   1021 O  O   . GLU A 1 148 ? 16.703  -5.560  -7.622  1.00 46.72 ? 146 GLU A O   1 
ATOM   1022 C  CB  . GLU A 1 148 ? 19.756  -5.993  -8.240  1.00 55.56 ? 146 GLU A CB  1 
ATOM   1023 C  CG  . GLU A 1 148 ? 19.663  -6.739  -9.576  1.00 68.92 ? 146 GLU A CG  1 
ATOM   1024 C  CD  . GLU A 1 148 ? 18.512  -7.734  -9.636  1.00 75.20 ? 146 GLU A CD  1 
ATOM   1025 O  OE1 . GLU A 1 148 ? 18.567  -8.750  -8.904  1.00 78.16 ? 146 GLU A OE1 1 
ATOM   1026 O  OE2 . GLU A 1 148 ? 17.555  -7.504  -10.409 1.00 73.23 ? 146 GLU A OE2 1 
ATOM   1027 N  N   . THR A 1 149 ? 17.836  -4.477  -6.003  1.00 49.78 ? 147 THR A N   1 
ATOM   1028 C  CA  . THR A 1 149 ? 16.784  -4.609  -5.007  1.00 47.89 ? 147 THR A CA  1 
ATOM   1029 C  C   . THR A 1 149 ? 15.799  -3.442  -5.064  1.00 44.17 ? 147 THR A C   1 
ATOM   1030 O  O   . THR A 1 149 ? 14.591  -3.636  -4.934  1.00 42.44 ? 147 THR A O   1 
ATOM   1031 C  CB  . THR A 1 149 ? 17.380  -4.707  -3.590  1.00 46.93 ? 147 THR A CB  1 
ATOM   1032 O  OG1 . THR A 1 149 ? 17.914  -6.023  -3.393  1.00 56.72 ? 147 THR A OG1 1 
ATOM   1033 C  CG2 . THR A 1 149 ? 16.320  -4.421  -2.532  1.00 50.67 ? 147 THR A CG2 1 
ATOM   1034 N  N   . GLN A 1 150 ? 16.304  -2.230  -5.265  1.00 40.04 ? 148 GLN A N   1 
ATOM   1035 C  CA  . GLN A 1 150 ? 15.425  -1.066  -5.325  1.00 39.43 ? 148 GLN A CA  1 
ATOM   1036 C  C   . GLN A 1 150 ? 14.580  -1.161  -6.585  1.00 37.86 ? 148 GLN A C   1 
ATOM   1037 O  O   . GLN A 1 150 ? 13.417  -0.741  -6.645  1.00 37.63 ? 148 GLN A O   1 
ATOM   1038 C  CB  . GLN A 1 150 ? 16.254  0.229   -5.314  1.00 40.82 ? 148 GLN A CB  1 
ATOM   1039 C  CG  . GLN A 1 150 ? 17.136  0.521   -6.531  1.00 48.58 ? 148 GLN A CG  1 
ATOM   1040 C  CD  . GLN A 1 150 ? 18.192  1.592   -6.224  1.00 46.82 ? 148 GLN A CD  1 
ATOM   1041 O  OE1 . GLN A 1 150 ? 18.623  2.339   -7.105  1.00 54.65 ? 148 GLN A OE1 1 
ATOM   1042 N  NE2 . GLN A 1 150 ? 18.617  1.653   -4.969  1.00 37.90 ? 148 GLN A NE2 1 
ATOM   1043 N  N   . ARG A 1 151 ? 15.195  -1.766  -7.579  1.00 33.79 ? 149 ARG A N   1 
ATOM   1044 C  CA  . ARG A 1 151 ? 14.623  -1.995  -8.880  1.00 35.34 ? 149 ARG A CA  1 
ATOM   1045 C  C   . ARG A 1 151 ? 13.545  -3.072  -8.812  1.00 33.33 ? 149 ARG A C   1 
ATOM   1046 O  O   . ARG A 1 151 ? 12.618  -3.111  -9.620  1.00 28.01 ? 149 ARG A O   1 
ATOM   1047 C  CB  . ARG A 1 151 ? 15.757  -2.451  -9.757  1.00 39.40 ? 149 ARG A CB  1 
ATOM   1048 C  CG  . ARG A 1 151 ? 15.552  -2.343  -11.215 1.00 38.32 ? 149 ARG A CG  1 
ATOM   1049 C  CD  . ARG A 1 151 ? 16.719  -3.088  -11.789 1.00 43.44 ? 149 ARG A CD  1 
ATOM   1050 N  NE  . ARG A 1 151 ? 17.941  -2.294  -11.707 1.00 47.74 ? 149 ARG A NE  1 
ATOM   1051 C  CZ  . ARG A 1 151 ? 19.150  -2.780  -11.446 1.00 47.26 ? 149 ARG A CZ  1 
ATOM   1052 N  NH1 . ARG A 1 151 ? 19.337  -4.071  -11.218 1.00 46.55 ? 149 ARG A NH1 1 
ATOM   1053 N  NH2 . ARG A 1 151 ? 20.191  -1.972  -11.457 1.00 45.55 ? 149 ARG A NH2 1 
ATOM   1054 N  N   . ALA A 1 152 ? 13.686  -3.932  -7.813  1.00 33.83 ? 150 ALA A N   1 
ATOM   1055 C  CA  . ALA A 1 152 ? 12.763  -5.029  -7.571  1.00 33.45 ? 150 ALA A CA  1 
ATOM   1056 C  C   . ALA A 1 152 ? 11.528  -4.546  -6.839  1.00 33.44 ? 150 ALA A C   1 
ATOM   1057 O  O   . ALA A 1 152 ? 10.460  -5.141  -6.955  1.00 32.69 ? 150 ALA A O   1 
ATOM   1058 C  CB  . ALA A 1 152 ? 13.452  -6.112  -6.760  1.00 37.28 ? 150 ALA A CB  1 
ATOM   1059 N  N   . TRP A 1 153 ? 11.688  -3.481  -6.061  1.00 32.75 ? 151 TRP A N   1 
ATOM   1060 C  CA  . TRP A 1 153 ? 10.574  -2.916  -5.327  1.00 28.59 ? 151 TRP A CA  1 
ATOM   1061 C  C   . TRP A 1 153 ? 9.742   -2.058  -6.279  1.00 31.99 ? 151 TRP A C   1 
ATOM   1062 O  O   . TRP A 1 153 ? 8.518   -1.974  -6.145  1.00 29.48 ? 151 TRP A O   1 
ATOM   1063 C  CB  . TRP A 1 153 ? 11.073  -2.073  -4.143  1.00 26.29 ? 151 TRP A CB  1 
ATOM   1064 C  CG  . TRP A 1 153 ? 11.280  -2.868  -2.892  1.00 23.62 ? 151 TRP A CG  1 
ATOM   1065 C  CD1 . TRP A 1 153 ? 12.443  -3.415  -2.450  1.00 27.50 ? 151 TRP A CD1 1 
ATOM   1066 C  CD2 . TRP A 1 153 ? 10.275  -3.246  -1.942  1.00 25.09 ? 151 TRP A CD2 1 
ATOM   1067 N  NE1 . TRP A 1 153 ? 12.231  -4.110  -1.284  1.00 28.97 ? 151 TRP A NE1 1 
ATOM   1068 C  CE2 . TRP A 1 153 ? 10.906  -4.024  -0.950  1.00 26.26 ? 151 TRP A CE2 1 
ATOM   1069 C  CE3 . TRP A 1 153 ? 8.903   -3.005  -1.835  1.00 24.47 ? 151 TRP A CE3 1 
ATOM   1070 C  CZ2 . TRP A 1 153 ? 10.212  -4.564  0.137   1.00 30.15 ? 151 TRP A CZ2 1 
ATOM   1071 C  CZ3 . TRP A 1 153 ? 8.212   -3.540  -0.752  1.00 22.05 ? 151 TRP A CZ3 1 
ATOM   1072 C  CH2 . TRP A 1 153 ? 8.868   -4.309  0.218   1.00 29.62 ? 151 TRP A CH2 1 
ATOM   1073 N  N   . ALA A 1 154 ? 10.406  -1.430  -7.248  1.00 31.26 ? 152 ALA A N   1 
ATOM   1074 C  CA  . ALA A 1 154 ? 9.710   -0.586  -8.219  1.00 29.14 ? 152 ALA A CA  1 
ATOM   1075 C  C   . ALA A 1 154 ? 8.736   -1.444  -9.026  1.00 27.85 ? 152 ALA A C   1 
ATOM   1076 O  O   . ALA A 1 154 ? 7.724   -0.963  -9.542  1.00 21.99 ? 152 ALA A O   1 
ATOM   1077 C  CB  . ALA A 1 154 ? 10.713  0.091   -9.146  1.00 26.70 ? 152 ALA A CB  1 
ATOM   1078 N  N   . LYS A 1 155 ? 9.046   -2.727  -9.136  1.00 27.72 ? 153 LYS A N   1 
ATOM   1079 C  CA  . LYS A 1 155 ? 8.162   -3.629  -9.861  1.00 30.16 ? 153 LYS A CA  1 
ATOM   1080 C  C   . LYS A 1 155 ? 6.928   -3.945  -9.019  1.00 30.90 ? 153 LYS A C   1 
ATOM   1081 O  O   . LYS A 1 155 ? 5.800   -3.790  -9.482  1.00 35.10 ? 153 LYS A O   1 
ATOM   1082 C  CB  . LYS A 1 155 ? 8.881   -4.926  -10.213 1.00 25.61 ? 153 LYS A CB  1 
ATOM   1083 C  CG  . LYS A 1 155 ? 10.024  -4.754  -11.187 1.00 31.56 ? 153 LYS A CG  1 
ATOM   1084 C  CD  . LYS A 1 155 ? 10.551  -6.101  -11.638 1.00 40.87 ? 153 LYS A CD  1 
ATOM   1085 C  CE  . LYS A 1 155 ? 11.641  -5.937  -12.683 1.00 46.76 ? 153 LYS A CE  1 
ATOM   1086 N  NZ  . LYS A 1 155 ? 11.970  -7.220  -13.369 1.00 51.49 ? 153 LYS A NZ  1 
ATOM   1087 N  N   . LEU A 1 156 ? 7.142   -4.389  -7.784  1.00 26.92 ? 154 LEU A N   1 
ATOM   1088 C  CA  . LEU A 1 156 ? 6.031   -4.717  -6.906  1.00 25.14 ? 154 LEU A CA  1 
ATOM   1089 C  C   . LEU A 1 156 ? 5.084   -3.516  -6.910  1.00 27.75 ? 154 LEU A C   1 
ATOM   1090 O  O   . LEU A 1 156 ? 3.866   -3.670  -6.906  1.00 30.20 ? 154 LEU A O   1 
ATOM   1091 C  CB  . LEU A 1 156 ? 6.559   -5.006  -5.501  1.00 25.11 ? 154 LEU A CB  1 
ATOM   1092 C  CG  . LEU A 1 156 ? 5.750   -5.845  -4.506  1.00 27.69 ? 154 LEU A CG  1 
ATOM   1093 C  CD1 . LEU A 1 156 ? 5.262   -4.967  -3.390  1.00 27.85 ? 154 LEU A CD1 1 
ATOM   1094 C  CD2 . LEU A 1 156 ? 4.600   -6.536  -5.200  1.00 21.59 ? 154 LEU A CD2 1 
ATOM   1095 N  N   . ARG A 1 157 ? 5.662   -2.318  -6.962  1.00 26.30 ? 155 ARG A N   1 
ATOM   1096 C  CA  . ARG A 1 157 ? 4.901   -1.071  -6.976  1.00 23.59 ? 155 ARG A CA  1 
ATOM   1097 C  C   . ARG A 1 157 ? 4.053   -0.939  -8.251  1.00 18.87 ? 155 ARG A C   1 
ATOM   1098 O  O   . ARG A 1 157 ? 2.843   -0.711  -8.187  1.00 17.81 ? 155 ARG A O   1 
ATOM   1099 C  CB  . ARG A 1 157 ? 5.862   0.120   -6.870  1.00 29.47 ? 155 ARG A CB  1 
ATOM   1100 C  CG  . ARG A 1 157 ? 5.275   1.382   -6.243  1.00 31.52 ? 155 ARG A CG  1 
ATOM   1101 C  CD  . ARG A 1 157 ? 6.280   2.531   -6.340  1.00 38.30 ? 155 ARG A CD  1 
ATOM   1102 N  NE  . ARG A 1 157 ? 6.506   2.900   -7.734  1.00 40.26 ? 155 ARG A NE  1 
ATOM   1103 C  CZ  . ARG A 1 157 ? 7.674   3.294   -8.236  1.00 40.36 ? 155 ARG A CZ  1 
ATOM   1104 N  NH1 . ARG A 1 157 ? 8.746   3.377   -7.461  1.00 42.03 ? 155 ARG A NH1 1 
ATOM   1105 N  NH2 . ARG A 1 157 ? 7.771   3.606   -9.520  1.00 36.09 ? 155 ARG A NH2 1 
ATOM   1106 N  N   . GLY A 1 158 ? 4.691   -1.080  -9.407  1.00 14.76 ? 156 GLY A N   1 
ATOM   1107 C  CA  . GLY A 1 158 ? 3.971   -0.975  -10.662 1.00 20.45 ? 156 GLY A CA  1 
ATOM   1108 C  C   . GLY A 1 158 ? 3.013   -2.135  -10.878 1.00 28.64 ? 156 GLY A C   1 
ATOM   1109 O  O   . GLY A 1 158 ? 2.006   -2.009  -11.581 1.00 34.71 ? 156 GLY A O   1 
ATOM   1110 N  N   . LEU A 1 159 ? 3.336   -3.272  -10.274 1.00 24.67 ? 157 LEU A N   1 
ATOM   1111 C  CA  . LEU A 1 159 ? 2.526   -4.475  -10.371 1.00 24.88 ? 157 LEU A CA  1 
ATOM   1112 C  C   . LEU A 1 159 ? 1.232   -4.208  -9.614  1.00 27.43 ? 157 LEU A C   1 
ATOM   1113 O  O   . LEU A 1 159 ? 0.130   -4.442  -10.125 1.00 17.72 ? 157 LEU A O   1 
ATOM   1114 C  CB  . LEU A 1 159 ? 3.296   -5.645  -9.750  1.00 28.11 ? 157 LEU A CB  1 
ATOM   1115 C  CG  . LEU A 1 159 ? 2.698   -7.040  -9.572  1.00 33.53 ? 157 LEU A CG  1 
ATOM   1116 C  CD1 . LEU A 1 159 ? 3.815   -7.998  -9.201  1.00 39.48 ? 157 LEU A CD1 1 
ATOM   1117 C  CD2 . LEU A 1 159 ? 1.634   -7.039  -8.489  1.00 39.36 ? 157 LEU A CD2 1 
ATOM   1118 N  N   . ILE A 1 160 ? 1.375   -3.711  -8.390  1.00 24.81 ? 158 ILE A N   1 
ATOM   1119 C  CA  . ILE A 1 160 ? 0.221   -3.393  -7.562  1.00 23.00 ? 158 ILE A CA  1 
ATOM   1120 C  C   . ILE A 1 160 ? -0.765  -2.457  -8.280  1.00 22.71 ? 158 ILE A C   1 
ATOM   1121 O  O   . ILE A 1 160 ? -1.913  -2.820  -8.531  1.00 24.54 ? 158 ILE A O   1 
ATOM   1122 C  CB  . ILE A 1 160 ? 0.667   -2.736  -6.236  1.00 17.26 ? 158 ILE A CB  1 
ATOM   1123 C  CG1 . ILE A 1 160 ? 1.394   -3.769  -5.367  1.00 10.97 ? 158 ILE A CG1 1 
ATOM   1124 C  CG2 . ILE A 1 160 ? -0.545  -2.141  -5.516  1.00 7.32  ? 158 ILE A CG2 1 
ATOM   1125 C  CD1 . ILE A 1 160 ? 1.856   -3.222  -4.029  1.00 13.85 ? 158 ILE A CD1 1 
ATOM   1126 N  N   . TYR A 1 161 ? -0.294  -1.263  -8.624  1.00 21.68 ? 159 TYR A N   1 
ATOM   1127 C  CA  . TYR A 1 161 ? -1.114  -0.257  -9.288  1.00 25.78 ? 159 TYR A CA  1 
ATOM   1128 C  C   . TYR A 1 161 ? -1.865  -0.742  -10.531 1.00 23.64 ? 159 TYR A C   1 
ATOM   1129 O  O   . TYR A 1 161 ? -3.086  -0.632  -10.604 1.00 22.99 ? 159 TYR A O   1 
ATOM   1130 C  CB  . TYR A 1 161 ? -0.253  0.962   -9.649  1.00 20.31 ? 159 TYR A CB  1 
ATOM   1131 C  CG  . TYR A 1 161 ? -1.072  2.158   -10.083 1.00 23.77 ? 159 TYR A CG  1 
ATOM   1132 C  CD1 . TYR A 1 161 ? -2.138  2.613   -9.306  1.00 20.72 ? 159 TYR A CD1 1 
ATOM   1133 C  CD2 . TYR A 1 161 ? -0.786  2.833   -11.275 1.00 24.99 ? 159 TYR A CD2 1 
ATOM   1134 C  CE1 . TYR A 1 161 ? -2.903  3.713   -9.707  1.00 29.49 ? 159 TYR A CE1 1 
ATOM   1135 C  CE2 . TYR A 1 161 ? -1.541  3.934   -11.684 1.00 20.07 ? 159 TYR A CE2 1 
ATOM   1136 C  CZ  . TYR A 1 161 ? -2.597  4.366   -10.896 1.00 23.33 ? 159 TYR A CZ  1 
ATOM   1137 O  OH  . TYR A 1 161 ? -3.354  5.440   -11.291 1.00 14.87 ? 159 TYR A OH  1 
ATOM   1138 N  N   . SER A 1 162 ? -1.140  -1.260  -11.513 1.00 25.17 ? 160 SER A N   1 
ATOM   1139 C  CA  . SER A 1 162 ? -1.761  -1.750  -12.741 1.00 29.45 ? 160 SER A CA  1 
ATOM   1140 C  C   . SER A 1 162 ? -2.882  -2.742  -12.447 1.00 32.86 ? 160 SER A C   1 
ATOM   1141 O  O   . SER A 1 162 ? -3.934  -2.705  -13.087 1.00 38.21 ? 160 SER A O   1 
ATOM   1142 C  CB  . SER A 1 162 ? -0.722  -2.420  -13.623 1.00 26.38 ? 160 SER A CB  1 
ATOM   1143 O  OG  . SER A 1 162 ? -0.129  -3.496  -12.932 1.00 36.27 ? 160 SER A OG  1 
ATOM   1144 N  N   . HIS A 1 163 ? -2.645  -3.636  -11.491 1.00 33.90 ? 161 HIS A N   1 
ATOM   1145 C  CA  . HIS A 1 163 ? -3.636  -4.632  -11.080 1.00 31.40 ? 161 HIS A CA  1 
ATOM   1146 C  C   . HIS A 1 163 ? -4.864  -3.927  -10.533 1.00 26.47 ? 161 HIS A C   1 
ATOM   1147 O  O   . HIS A 1 163 ? -5.994  -4.274  -10.864 1.00 22.57 ? 161 HIS A O   1 
ATOM   1148 C  CB  . HIS A 1 163 ? -3.083  -5.519  -9.971  1.00 39.96 ? 161 HIS A CB  1 
ATOM   1149 C  CG  . HIS A 1 163 ? -2.572  -6.838  -10.443 1.00 42.19 ? 161 HIS A CG  1 
ATOM   1150 N  ND1 . HIS A 1 163 ? -1.453  -6.964  -11.239 1.00 47.90 ? 161 HIS A ND1 1 
ATOM   1151 C  CD2 . HIS A 1 163 ? -3.016  -8.096  -10.215 1.00 45.42 ? 161 HIS A CD2 1 
ATOM   1152 C  CE1 . HIS A 1 163 ? -1.229  -8.243  -11.479 1.00 44.25 ? 161 HIS A CE1 1 
ATOM   1153 N  NE2 . HIS A 1 163 ? -2.163  -8.951  -10.870 1.00 45.96 ? 161 HIS A NE2 1 
ATOM   1154 N  N   . VAL A 1 164 ? -4.618  -2.950  -9.667  1.00 20.84 ? 162 VAL A N   1 
ATOM   1155 C  CA  . VAL A 1 164 ? -5.676  -2.165  -9.061  1.00 16.11 ? 162 VAL A CA  1 
ATOM   1156 C  C   . VAL A 1 164 ? -6.434  -1.335  -10.101 1.00 13.84 ? 162 VAL A C   1 
ATOM   1157 O  O   . VAL A 1 164 ? -7.664  -1.267  -10.054 1.00 13.52 ? 162 VAL A O   1 
ATOM   1158 C  CB  . VAL A 1 164 ? -5.100  -1.255  -7.945  1.00 15.27 ? 162 VAL A CB  1 
ATOM   1159 C  CG1 . VAL A 1 164 ? -6.055  -0.113  -7.633  1.00 17.39 ? 162 VAL A CG1 1 
ATOM   1160 C  CG2 . VAL A 1 164 ? -4.857  -2.096  -6.674  1.00 15.03 ? 162 VAL A CG2 1 
ATOM   1161 N  N   . THR A 1 165 ? -5.723  -0.725  -11.049 1.00 9.01  ? 163 THR A N   1 
ATOM   1162 C  CA  . THR A 1 165 ? -6.416  0.078   -12.054 1.00 16.07 ? 163 THR A CA  1 
ATOM   1163 C  C   . THR A 1 165 ? -7.130  -0.797  -13.076 1.00 17.78 ? 163 THR A C   1 
ATOM   1164 O  O   . THR A 1 165 ? -7.951  -0.311  -13.843 1.00 15.66 ? 163 THR A O   1 
ATOM   1165 C  CB  . THR A 1 165 ? -5.476  1.036   -12.800 1.00 13.23 ? 163 THR A CB  1 
ATOM   1166 O  OG1 . THR A 1 165 ? -4.490  0.283   -13.507 1.00 23.95 ? 163 THR A OG1 1 
ATOM   1167 C  CG2 . THR A 1 165 ? -4.804  1.990   -11.828 1.00 18.78 ? 163 THR A CG2 1 
ATOM   1168 N  N   . ALA A 1 166 ? -6.810  -2.090  -13.090 1.00 20.48 ? 164 ALA A N   1 
ATOM   1169 C  CA  . ALA A 1 166 ? -7.468  -3.020  -14.004 1.00 19.66 ? 164 ALA A CA  1 
ATOM   1170 C  C   . ALA A 1 166 ? -8.861  -3.257  -13.419 1.00 20.31 ? 164 ALA A C   1 
ATOM   1171 O  O   . ALA A 1 166 ? -9.851  -3.321  -14.149 1.00 23.31 ? 164 ALA A O   1 
ATOM   1172 C  CB  . ALA A 1 166 ? -6.694  -4.336  -14.089 1.00 12.38 ? 164 ALA A CB  1 
ATOM   1173 N  N   . ALA A 1 167 ? -8.928  -3.373  -12.095 1.00 14.53 ? 165 ALA A N   1 
ATOM   1174 C  CA  . ALA A 1 167 ? -10.199 -3.570  -11.413 1.00 16.75 ? 165 ALA A CA  1 
ATOM   1175 C  C   . ALA A 1 167 ? -11.068 -2.346  -11.684 1.00 10.03 ? 165 ALA A C   1 
ATOM   1176 O  O   . ALA A 1 167 ? -12.221 -2.476  -12.089 1.00 16.61 ? 165 ALA A O   1 
ATOM   1177 C  CB  . ALA A 1 167 ? -9.979  -3.749  -9.893  1.00 14.48 ? 165 ALA A CB  1 
ATOM   1178 N  N   . TYR A 1 168 ? -10.504 -1.160  -11.460 1.00 15.42 ? 166 TYR A N   1 
ATOM   1179 C  CA  . TYR A 1 168 ? -11.228 0.096   -11.692 1.00 20.54 ? 166 TYR A CA  1 
ATOM   1180 C  C   . TYR A 1 168 ? -11.752 0.186   -13.114 1.00 12.34 ? 166 TYR A C   1 
ATOM   1181 O  O   . TYR A 1 168 ? -12.884 0.615   -13.339 1.00 9.13  ? 166 TYR A O   1 
ATOM   1182 C  CB  . TYR A 1 168 ? -10.327 1.312   -11.436 1.00 18.83 ? 166 TYR A CB  1 
ATOM   1183 C  CG  . TYR A 1 168 ? -10.295 1.793   -10.000 1.00 17.63 ? 166 TYR A CG  1 
ATOM   1184 C  CD1 . TYR A 1 168 ? -9.786  0.983   -8.979  1.00 22.22 ? 166 TYR A CD1 1 
ATOM   1185 C  CD2 . TYR A 1 168 ? -10.765 3.068   -9.661  1.00 14.75 ? 166 TYR A CD2 1 
ATOM   1186 C  CE1 . TYR A 1 168 ? -9.744  1.432   -7.657  1.00 20.05 ? 166 TYR A CE1 1 
ATOM   1187 C  CE2 . TYR A 1 168 ? -10.731 3.524   -8.349  1.00 9.60  ? 166 TYR A CE2 1 
ATOM   1188 C  CZ  . TYR A 1 168 ? -10.220 2.700   -7.353  1.00 19.71 ? 166 TYR A CZ  1 
ATOM   1189 O  OH  . TYR A 1 168 ? -10.202 3.135   -6.051  1.00 19.90 ? 166 TYR A OH  1 
ATOM   1190 N  N   . LYS A 1 169 ? -10.924 -0.236  -14.064 1.00 9.35  ? 167 LYS A N   1 
ATOM   1191 C  CA  . LYS A 1 169 ? -11.288 -0.189  -15.473 1.00 16.25 ? 167 LYS A CA  1 
ATOM   1192 C  C   . LYS A 1 169 ? -12.441 -1.134  -15.783 1.00 17.40 ? 167 LYS A C   1 
ATOM   1193 O  O   . LYS A 1 169 ? -13.379 -0.773  -16.499 1.00 12.71 ? 167 LYS A O   1 
ATOM   1194 C  CB  . LYS A 1 169 ? -10.063 -0.524  -16.328 1.00 12.79 ? 167 LYS A CB  1 
ATOM   1195 C  CG  . LYS A 1 169 ? -10.217 -0.264  -17.817 1.00 13.18 ? 167 LYS A CG  1 
ATOM   1196 C  CD  . LYS A 1 169 ? -10.853 -1.436  -18.520 1.00 13.21 ? 167 LYS A CD  1 
ATOM   1197 C  CE  . LYS A 1 169 ? -9.966  -2.673  -18.449 1.00 24.68 ? 167 LYS A CE  1 
ATOM   1198 N  NZ  . LYS A 1 169 ? -10.591 -3.887  -19.071 1.00 24.84 ? 167 LYS A NZ  1 
ATOM   1199 N  N   . GLU A 1 170 ? -12.374 -2.337  -15.222 1.00 22.97 ? 168 GLU A N   1 
ATOM   1200 C  CA  . GLU A 1 170 ? -13.395 -3.345  -15.446 1.00 24.46 ? 168 GLU A CA  1 
ATOM   1201 C  C   . GLU A 1 170 ? -14.759 -2.943  -14.920 1.00 21.40 ? 168 GLU A C   1 
ATOM   1202 O  O   . GLU A 1 170 ? -15.777 -3.403  -15.432 1.00 24.05 ? 168 GLU A O   1 
ATOM   1203 C  CB  . GLU A 1 170 ? -12.955 -4.667  -14.829 1.00 27.38 ? 168 GLU A CB  1 
ATOM   1204 C  CG  . GLU A 1 170 ? -11.883 -5.363  -15.632 1.00 28.93 ? 168 GLU A CG  1 
ATOM   1205 C  CD  . GLU A 1 170 ? -11.234 -6.492  -14.859 1.00 38.35 ? 168 GLU A CD  1 
ATOM   1206 O  OE1 . GLU A 1 170 ? -11.967 -7.203  -14.131 1.00 39.81 ? 168 GLU A OE1 1 
ATOM   1207 O  OE2 . GLU A 1 170 ? -10.001 -6.670  -14.986 1.00 23.40 ? 168 GLU A OE2 1 
ATOM   1208 N  N   . VAL A 1 171 ? -14.776 -2.084  -13.903 1.00 21.32 ? 169 VAL A N   1 
ATOM   1209 C  CA  . VAL A 1 171 ? -16.033 -1.609  -13.317 1.00 21.66 ? 169 VAL A CA  1 
ATOM   1210 C  C   . VAL A 1 171 ? -16.497 -0.314  -13.996 1.00 15.84 ? 169 VAL A C   1 
ATOM   1211 O  O   . VAL A 1 171 ? -17.535 0.235   -13.631 1.00 20.26 ? 169 VAL A O   1 
ATOM   1212 C  CB  . VAL A 1 171 ? -15.897 -1.330  -11.788 1.00 18.11 ? 169 VAL A CB  1 
ATOM   1213 C  CG1 . VAL A 1 171 ? -15.381 -2.562  -11.067 1.00 16.67 ? 169 VAL A CG1 1 
ATOM   1214 C  CG2 . VAL A 1 171 ? -14.970 -0.161  -11.559 1.00 19.98 ? 169 VAL A CG2 1 
ATOM   1215 N  N   . GLY A 1 172 ? -15.716 0.174   -14.963 1.00 16.52 ? 170 GLY A N   1 
ATOM   1216 C  CA  . GLY A 1 172 ? -16.057 1.392   -15.690 1.00 10.01 ? 170 GLY A CA  1 
ATOM   1217 C  C   . GLY A 1 172 ? -16.182 2.550   -14.711 1.00 21.05 ? 170 GLY A C   1 
ATOM   1218 O  O   . GLY A 1 172 ? -17.142 3.323   -14.712 1.00 23.54 ? 170 GLY A O   1 
ATOM   1219 N  N   . TRP A 1 173 ? -15.168 2.696   -13.873 1.00 19.28 ? 171 TRP A N   1 
ATOM   1220 C  CA  . TRP A 1 173 ? -15.161 3.705   -12.828 1.00 18.48 ? 171 TRP A CA  1 
ATOM   1221 C  C   . TRP A 1 173 ? -15.164 5.185   -13.204 1.00 18.53 ? 171 TRP A C   1 
ATOM   1222 O  O   . TRP A 1 173 ? -14.388 5.678   -14.019 1.00 19.46 ? 171 TRP A O   1 
ATOM   1223 C  CB  . TRP A 1 173 ? -13.991 3.443   -11.873 1.00 16.34 ? 171 TRP A CB  1 
ATOM   1224 C  CG  . TRP A 1 173 ? -14.043 4.348   -10.653 1.00 24.69 ? 171 TRP A CG  1 
ATOM   1225 C  CD1 . TRP A 1 173 ? -14.740 4.154   -9.481  1.00 23.72 ? 171 TRP A CD1 1 
ATOM   1226 C  CD2 . TRP A 1 173 ? -13.353 5.577   -10.503 1.00 15.82 ? 171 TRP A CD2 1 
ATOM   1227 N  NE1 . TRP A 1 173 ? -14.502 5.198   -8.611  1.00 23.30 ? 171 TRP A NE1 1 
ATOM   1228 C  CE2 . TRP A 1 173 ? -13.652 6.084   -9.218  1.00 12.66 ? 171 TRP A CE2 1 
ATOM   1229 C  CE3 . TRP A 1 173 ? -12.505 6.300   -11.336 1.00 8.07  ? 171 TRP A CE3 1 
ATOM   1230 C  CZ2 . TRP A 1 173 ? -13.124 7.274   -8.754  1.00 9.84  ? 171 TRP A CZ2 1 
ATOM   1231 C  CZ3 . TRP A 1 173 ? -11.994 7.459   -10.889 1.00 14.28 ? 171 TRP A CZ3 1 
ATOM   1232 C  CH2 . TRP A 1 173 ? -12.294 7.949   -9.606  1.00 23.49 ? 171 TRP A CH2 1 
ATOM   1233 N  N   . VAL A 1 174 ? -16.065 5.890   -12.545 1.00 20.20 ? 172 VAL A N   1 
ATOM   1234 C  CA  . VAL A 1 174 ? -16.250 7.305   -12.732 1.00 18.39 ? 172 VAL A CA  1 
ATOM   1235 C  C   . VAL A 1 174 ? -16.443 7.810   -11.323 1.00 18.14 ? 172 VAL A C   1 
ATOM   1236 O  O   . VAL A 1 174 ? -17.258 7.269   -10.573 1.00 24.51 ? 172 VAL A O   1 
ATOM   1237 C  CB  . VAL A 1 174 ? -17.509 7.557   -13.591 1.00 18.08 ? 172 VAL A CB  1 
ATOM   1238 C  CG1 . VAL A 1 174 ? -17.919 9.014   -13.545 1.00 19.08 ? 172 VAL A CG1 1 
ATOM   1239 C  CG2 . VAL A 1 174 ? -17.217 7.127   -15.009 1.00 16.70 ? 172 VAL A CG2 1 
ATOM   1240 N  N   . GLN A 1 175 ? -15.659 8.805   -10.932 1.00 21.00 ? 173 GLN A N   1 
ATOM   1241 C  CA  . GLN A 1 175 ? -15.812 9.341   -9.598  1.00 29.94 ? 173 GLN A CA  1 
ATOM   1242 C  C   . GLN A 1 175 ? -16.911 10.376  -9.706  1.00 34.90 ? 173 GLN A C   1 
ATOM   1243 O  O   . GLN A 1 175 ? -17.009 11.079  -10.714 1.00 34.93 ? 173 GLN A O   1 
ATOM   1244 C  CB  . GLN A 1 175 ? -14.525 9.978   -9.103  1.00 32.20 ? 173 GLN A CB  1 
ATOM   1245 C  CG  . GLN A 1 175 ? -14.400 11.410  -9.414  1.00 39.35 ? 173 GLN A CG  1 
ATOM   1246 C  CD  . GLN A 1 175 ? -13.621 12.105  -8.351  1.00 46.33 ? 173 GLN A CD  1 
ATOM   1247 O  OE1 . GLN A 1 175 ? -12.419 11.895  -8.209  1.00 51.12 ? 173 GLN A OE1 1 
ATOM   1248 N  NE2 . GLN A 1 175 ? -14.302 12.927  -7.568  1.00 50.52 ? 173 GLN A NE2 1 
ATOM   1249 N  N   . GLN A 1 176 ? -17.729 10.451  -8.663  1.00 42.84 ? 174 GLN A N   1 
ATOM   1250 C  CA  . GLN A 1 176 ? -18.849 11.347  -8.608  1.00 46.88 ? 174 GLN A CA  1 
ATOM   1251 C  C   . GLN A 1 176 ? -18.678 12.626  -7.875  1.00 49.62 ? 174 GLN A C   1 
ATOM   1252 O  O   . GLN A 1 176 ? -17.770 12.836  -7.008  1.00 49.45 ? 174 GLN A O   1 
ATOM   1253 C  CB  . GLN A 1 176 ? -20.066 10.625  -8.029  1.00 47.85 ? 174 GLN A CB  1 
ATOM   1254 C  CG  . GLN A 1 176 ? -20.344 9.332   -8.750  1.00 54.49 ? 174 GLN A CG  1 
ATOM   1255 C  CD  . GLN A 1 176 ? -21.044 9.553   -10.066 1.00 58.29 ? 174 GLN A CD  1 
ATOM   1256 O  OE1 . GLN A 1 176 ? -21.065 10.661  -10.593 1.00 62.37 ? 174 GLN A OE1 1 
ATOM   1257 N  NE2 . GLN A 1 176 ? -21.622 8.496   -10.608 1.00 54.18 ? 174 GLN A NE2 1 
ATOM   1258 N  N   . VAL A 1 177 ? -19.620 13.467  -8.272  1.00 54.08 ? 175 VAL A N   1 
ATOM   1259 C  CA  . VAL A 1 177 ? -19.773 14.799  -7.761  1.00 56.32 ? 175 VAL A CA  1 
ATOM   1260 C  C   . VAL A 1 177 ? -21.096 14.849  -7.030  1.00 63.01 ? 175 VAL A C   1 
ATOM   1261 O  O   . VAL A 1 177 ? -21.050 14.998  -5.812  1.00 66.13 ? 175 VAL A O   1 
ATOM   1262 C  CB  . VAL A 1 177 ? -19.761 15.865  -8.923  1.00 52.96 ? 175 VAL A CB  1 
ATOM   1263 C  CG1 . VAL A 1 177 ? -20.562 17.064  -8.487  1.00 51.34 ? 175 VAL A CG1 1 
ATOM   1264 C  CG2 . VAL A 1 177 ? -18.295 16.265  -9.253  1.00 56.15 ? 175 VAL A CG2 1 
HETATM 1265 C  CHA . HEM B 2 .   ? -10.581 0.075   3.604   1.00 22.15 ? 191 HEM A CHA 1 
HETATM 1266 C  CHB . HEM B 2 .   ? -6.801  -2.051  1.901   1.00 18.71 ? 191 HEM A CHB 1 
HETATM 1267 C  CHC . HEM B 2 .   ? -5.258  1.820   -0.296  1.00 18.63 ? 191 HEM A CHC 1 
HETATM 1268 C  CHD . HEM B 2 .   ? -9.033  4.143   1.398   1.00 9.48  ? 191 HEM A CHD 1 
HETATM 1269 C  C1A . HEM B 2 .   ? -9.632  -0.968  3.347   1.00 19.43 ? 191 HEM A C1A 1 
HETATM 1270 C  C2A . HEM B 2 .   ? -9.695  -2.304  3.763   1.00 24.02 ? 191 HEM A C2A 1 
HETATM 1271 C  C3A . HEM B 2 .   ? -8.600  -2.847  3.248   1.00 23.46 ? 191 HEM A C3A 1 
HETATM 1272 C  C4A . HEM B 2 .   ? -7.895  -1.862  2.549   1.00 20.69 ? 191 HEM A C4A 1 
HETATM 1273 C  CMA . HEM B 2 .   ? -8.142  -4.302  3.353   1.00 15.03 ? 191 HEM A CMA 1 
HETATM 1274 C  CAA . HEM B 2 .   ? -10.632 -3.121  4.482   1.00 30.58 ? 191 HEM A CAA 1 
HETATM 1275 C  CBA . HEM B 2 .   ? -11.948 -2.895  4.003   1.00 44.76 ? 191 HEM A CBA 1 
HETATM 1276 C  CGA . HEM B 2 .   ? -12.311 -3.656  2.740   1.00 50.42 ? 191 HEM A CGA 1 
HETATM 1277 O  O1A . HEM B 2 .   ? -11.500 -4.449  2.285   1.00 52.28 ? 191 HEM A O1A 1 
HETATM 1278 O  O2A . HEM B 2 .   ? -13.373 -3.396  2.174   1.00 48.03 ? 191 HEM A O2A 1 
HETATM 1279 C  C1B . HEM B 2 .   ? -6.049  -1.210  1.136   1.00 18.95 ? 191 HEM A C1B 1 
HETATM 1280 C  C2B . HEM B 2 .   ? -4.854  -1.654  0.450   1.00 20.38 ? 191 HEM A C2B 1 
HETATM 1281 C  C3B . HEM B 2 .   ? -4.401  -0.470  -0.215  1.00 16.83 ? 191 HEM A C3B 1 
HETATM 1282 C  C4B . HEM B 2 .   ? -5.329  0.528   0.127   1.00 17.88 ? 191 HEM A C4B 1 
HETATM 1283 C  CMB . HEM B 2 .   ? -4.272  -3.042  0.455   1.00 15.14 ? 191 HEM A CMB 1 
HETATM 1284 C  CAB . HEM B 2 .   ? -3.233  -0.388  -1.053  1.00 28.64 ? 191 HEM A CAB 1 
HETATM 1285 C  CBB . HEM B 2 .   ? -2.007  -0.250  -0.559  1.00 36.28 ? 191 HEM A CBB 1 
HETATM 1286 C  C1C . HEM B 2 .   ? -6.150  2.822   -0.002  1.00 19.31 ? 191 HEM A C1C 1 
HETATM 1287 C  C2C . HEM B 2 .   ? -5.994  4.195   -0.504  1.00 16.43 ? 191 HEM A C2C 1 
HETATM 1288 C  C3C . HEM B 2 .   ? -7.094  4.922   -0.021  1.00 19.50 ? 191 HEM A C3C 1 
HETATM 1289 C  C4C . HEM B 2 .   ? -7.877  3.883   0.779   1.00 14.50 ? 191 HEM A C4C 1 
HETATM 1290 C  CMC . HEM B 2 .   ? -4.838  4.685   -1.375  1.00 14.48 ? 191 HEM A CMC 1 
HETATM 1291 C  CAC . HEM B 2 .   ? -7.388  6.255   -0.221  1.00 19.83 ? 191 HEM A CAC 1 
HETATM 1292 C  CBC . HEM B 2 .   ? -7.320  7.389   0.410   1.00 15.52 ? 191 HEM A CBC 1 
HETATM 1293 C  C1D . HEM B 2 .   ? -9.815  3.266   2.127   1.00 13.64 ? 191 HEM A C1D 1 
HETATM 1294 C  C2D . HEM B 2 .   ? -11.078 3.658   2.752   1.00 14.26 ? 191 HEM A C2D 1 
HETATM 1295 C  C3D . HEM B 2 .   ? -11.503 2.511   3.379   1.00 19.79 ? 191 HEM A C3D 1 
HETATM 1296 C  C4D . HEM B 2 .   ? -10.522 1.434   3.138   1.00 18.32 ? 191 HEM A C4D 1 
HETATM 1297 C  CMD . HEM B 2 .   ? -11.687 5.053   2.671   1.00 16.06 ? 191 HEM A CMD 1 
HETATM 1298 C  CAD . HEM B 2 .   ? -12.713 2.436   4.179   1.00 27.61 ? 191 HEM A CAD 1 
HETATM 1299 C  CBD . HEM B 2 .   ? -12.190 2.871   5.559   1.00 41.03 ? 191 HEM A CBD 1 
HETATM 1300 C  CGD . HEM B 2 .   ? -13.216 2.983   6.550   1.00 45.09 ? 191 HEM A CGD 1 
HETATM 1301 O  O1D . HEM B 2 .   ? -14.051 3.894   6.358   1.00 44.82 ? 191 HEM A O1D 1 
HETATM 1302 O  O2D . HEM B 2 .   ? -13.300 2.213   7.560   1.00 49.50 ? 191 HEM A O2D 1 
HETATM 1303 N  NA  . HEM B 2 .   ? -8.518  -0.693  2.600   1.00 23.78 ? 191 HEM A NA  1 
HETATM 1304 N  NB  . HEM B 2 .   ? -6.350  0.044   0.959   1.00 19.29 ? 191 HEM A NB  1 
HETATM 1305 N  NC  . HEM B 2 .   ? -7.292  2.698   0.773   1.00 19.93 ? 191 HEM A NC  1 
HETATM 1306 N  ND  . HEM B 2 .   ? -9.530  1.963   2.368   1.00 11.00 ? 191 HEM A ND  1 
HETATM 1307 FE FE  . HEM B 2 .   ? -7.917  1.016   1.701   1.00 22.40 ? 191 HEM A FE  1 
HETATM 1308 C  C   . CMO C 3 .   ? -6.976  1.622   3.107   1.00 40.07 ? 192 CMO A C   1 
HETATM 1309 O  O   . CMO C 3 .   ? -6.934  1.976   4.261   1.00 43.95 ? 192 CMO A O   1 
HETATM 1310 O  O   . HOH D 4 .   ? -6.201  12.701  -10.918 1.00 37.24 ? 201 HOH A O   1 
HETATM 1311 O  O   . HOH D 4 .   ? 1.821   0.649   -13.456 1.00 40.60 ? 202 HOH A O   1 
HETATM 1312 O  O   . HOH D 4 .   ? -17.588 12.373  -13.117 1.00 19.36 ? 203 HOH A O   1 
HETATM 1313 O  O   . HOH D 4 .   ? -13.096 7.888   -14.594 1.00 9.85  ? 204 HOH A O   1 
HETATM 1314 O  O   . HOH D 4 .   ? 7.155   8.335   15.493  1.00 42.41 ? 205 HOH A O   1 
HETATM 1315 O  O   . HOH D 4 .   ? 6.192   -16.390 -10.348 1.00 46.52 ? 206 HOH A O   1 
HETATM 1316 O  O   . HOH D 4 .   ? 6.339   12.314  -0.720  1.00 23.56 ? 207 HOH A O   1 
HETATM 1317 O  O   . HOH D 4 .   ? 5.017   -11.164 11.072  1.00 37.52 ? 208 HOH A O   1 
HETATM 1318 O  O   . HOH D 4 .   ? -19.496 11.257  7.985   1.00 53.56 ? 209 HOH A O   1 
HETATM 1319 O  O   . HOH D 4 .   ? -5.373  -20.391 -14.022 1.00 48.04 ? 210 HOH A O   1 
HETATM 1320 O  O   . HOH D 4 .   ? -16.899 3.530   2.179   1.00 36.18 ? 211 HOH A O   1 
HETATM 1321 O  O   . HOH D 4 .   ? -22.266 -2.371  0.074   1.00 42.40 ? 212 HOH A O   1 
HETATM 1322 O  O   . HOH D 4 .   ? 11.907  10.949  5.813   1.00 32.02 ? 213 HOH A O   1 
HETATM 1323 O  O   . HOH D 4 .   ? 6.731   8.789   -3.013  1.00 24.78 ? 214 HOH A O   1 
HETATM 1324 O  O   . HOH D 4 .   ? 11.797  5.026   -1.968  1.00 44.87 ? 215 HOH A O   1 
HETATM 1325 O  O   . HOH D 4 .   ? -1.454  -14.863 2.732   1.00 28.52 ? 216 HOH A O   1 
HETATM 1326 O  O   . HOH D 4 .   ? -7.245  -16.707 -4.800  1.00 48.87 ? 217 HOH A O   1 
HETATM 1327 O  O   . HOH D 4 .   ? -4.889  1.019   -15.927 1.00 40.44 ? 218 HOH A O   1 
HETATM 1328 O  O   . HOH D 4 .   ? -6.305  -1.830  -17.084 1.00 32.57 ? 219 HOH A O   1 
HETATM 1329 O  O   . HOH D 4 .   ? -8.492  12.661  -11.250 1.00 36.40 ? 220 HOH A O   1 
HETATM 1330 O  O   . HOH D 4 .   ? -7.982  9.764   -9.593  1.00 33.79 ? 221 HOH A O   1 
HETATM 1331 O  O   . HOH D 4 .   ? -1.082  18.017  9.262   1.00 30.10 ? 222 HOH A O   1 
HETATM 1332 O  O   . HOH D 4 .   ? -1.039  -12.045 -11.002 1.00 31.80 ? 223 HOH A O   1 
HETATM 1333 O  O   . HOH D 4 .   ? -5.930  -8.380  -11.056 1.00 27.65 ? 224 HOH A O   1 
HETATM 1334 O  O   . HOH D 4 .   ? -18.241 4.011   -7.753  1.00 25.60 ? 225 HOH A O   1 
HETATM 1335 O  O   . HOH D 4 .   ? -17.318 6.911   -7.667  1.00 44.14 ? 226 HOH A O   1 
HETATM 1336 O  O   . HOH D 4 .   ? -18.280 3.845   -11.112 1.00 41.68 ? 227 HOH A O   1 
HETATM 1337 O  O   . HOH D 4 .   ? 5.127   -11.729 -9.670  1.00 45.20 ? 228 HOH A O   1 
HETATM 1338 O  O   . HOH D 4 .   ? -22.678 6.734   -8.257  1.00 34.61 ? 229 HOH A O   1 
HETATM 1339 O  O   . HOH D 4 .   ? 3.494   10.360  13.642  1.00 45.66 ? 230 HOH A O   1 
HETATM 1340 O  O   . HOH D 4 .   ? 4.189   8.158   12.456  1.00 36.34 ? 231 HOH A O   1 
HETATM 1341 O  O   . HOH D 4 .   ? -4.492  5.541   20.836  1.00 34.48 ? 232 HOH A O   1 
HETATM 1342 O  O   . HOH D 4 .   ? 7.722   -11.392 8.928   1.00 52.99 ? 233 HOH A O   1 
HETATM 1343 O  O   . HOH D 4 .   ? -10.985 -6.575  0.766   1.00 61.41 ? 234 HOH A O   1 
HETATM 1344 O  O   . HOH D 4 .   ? 4.112   4.604   13.826  1.00 43.58 ? 235 HOH A O   1 
HETATM 1345 O  O   . HOH D 4 .   ? -15.496 6.646   1.937   1.00 53.94 ? 236 HOH A O   1 
HETATM 1346 O  O   . HOH D 4 .   ? -3.120  20.656  9.144   1.00 56.16 ? 237 HOH A O   1 
HETATM 1347 O  O   . HOH D 4 .   ? -6.799  18.109  14.291  1.00 41.06 ? 238 HOH A O   1 
HETATM 1348 O  O   . HOH D 4 .   ? -5.471  8.186   20.045  1.00 42.18 ? 239 HOH A O   1 
HETATM 1349 O  O   . HOH D 4 .   ? -8.765  5.270   18.177  1.00 39.13 ? 240 HOH A O   1 
HETATM 1350 O  O   . HOH D 4 .   ? 6.075   -11.700 6.640   1.00 38.04 ? 241 HOH A O   1 
HETATM 1351 O  O   . HOH D 4 .   ? -14.182 -6.250  -3.574  1.00 30.04 ? 242 HOH A O   1 
HETATM 1352 O  O   . HOH D 4 .   ? 20.400  3.809   1.192   1.00 48.01 ? 243 HOH A O   1 
# 
loop_
_pdbx_poly_seq_scheme.asym_id 
_pdbx_poly_seq_scheme.entity_id 
_pdbx_poly_seq_scheme.seq_id 
_pdbx_poly_seq_scheme.mon_id 
_pdbx_poly_seq_scheme.ndb_seq_num 
_pdbx_poly_seq_scheme.pdb_seq_num 
_pdbx_poly_seq_scheme.auth_seq_num 
_pdbx_poly_seq_scheme.pdb_mon_id 
_pdbx_poly_seq_scheme.auth_mon_id 
_pdbx_poly_seq_scheme.pdb_strand_id 
_pdbx_poly_seq_scheme.pdb_ins_code 
_pdbx_poly_seq_scheme.hetero 
A 1 1   GLY 1   -1  ?   ?   ?   A . n 
A 1 2   SER 2   0   ?   ?   ?   A . n 
A 1 3   MET 3   1   ?   ?   ?   A . n 
A 1 4   GLU 4   2   ?   ?   ?   A . n 
A 1 5   LYS 5   3   ?   ?   ?   A . n 
A 1 6   VAL 6   4   ?   ?   ?   A . n 
A 1 7   PRO 7   5   ?   ?   ?   A . n 
A 1 8   GLY 8   6   ?   ?   ?   A . n 
A 1 9   GLU 9   7   ?   ?   ?   A . n 
A 1 10  MET 10  8   ?   ?   ?   A . n 
A 1 11  GLU 11  9   ?   ?   ?   A . n 
A 1 12  ILE 12  10  ?   ?   ?   A . n 
A 1 13  GLU 13  11  ?   ?   ?   A . n 
A 1 14  ARG 14  12  ?   ?   ?   A . n 
A 1 15  ARG 15  13  ?   ?   ?   A . n 
A 1 16  GLU 16  14  ?   ?   ?   A . n 
A 1 17  ARG 17  15  ?   ?   ?   A . n 
A 1 18  SER 18  16  ?   ?   ?   A . n 
A 1 19  GLU 19  17  ?   ?   ?   A . n 
A 1 20  GLU 20  18  18  GLU GLU A . n 
A 1 21  LEU 21  19  19  LEU LEU A . n 
A 1 22  SER 22  20  20  SER SER A . n 
A 1 23  GLU 23  21  21  GLU GLU A . n 
A 1 24  ALA 24  22  22  ALA ALA A . n 
A 1 25  GLU 25  23  23  GLU GLU A . n 
A 1 26  ARG 26  24  24  ARG ARG A . n 
A 1 27  LYS 27  25  25  LYS LYS A . n 
A 1 28  ALA 28  26  26  ALA ALA A . n 
A 1 29  VAL 29  27  27  VAL VAL A . n 
A 1 30  GLN 30  28  28  GLN GLN A . n 
A 1 31  ALA 31  29  29  ALA ALA A . n 
A 1 32  MET 32  30  30  MET MET A . n 
A 1 33  TRP 33  31  31  TRP TRP A . n 
A 1 34  ALA 34  32  32  ALA ALA A . n 
A 1 35  ARG 35  33  33  ARG ARG A . n 
A 1 36  LEU 36  34  34  LEU LEU A . n 
A 1 37  TYR 37  35  35  TYR TYR A . n 
A 1 38  ALA 38  36  36  ALA ALA A . n 
A 1 39  ASN 39  37  37  ASN ASN A . n 
A 1 40  CYS 40  38  38  CYS CYS A . n 
A 1 41  GLU 41  39  39  GLU GLU A . n 
A 1 42  ASP 42  40  40  ASP ASP A . n 
A 1 43  VAL 43  41  41  VAL VAL A . n 
A 1 44  GLY 44  42  42  GLY GLY A . n 
A 1 45  VAL 45  43  43  VAL VAL A . n 
A 1 46  ALA 46  44  44  ALA ALA A . n 
A 1 47  ILE 47  45  45  ILE ILE A . n 
A 1 48  LEU 48  46  46  LEU LEU A . n 
A 1 49  VAL 49  47  47  VAL VAL A . n 
A 1 50  ARG 50  48  48  ARG ARG A . n 
A 1 51  PHE 51  49  49  PHE PHE A . n 
A 1 52  PHE 52  50  50  PHE PHE A . n 
A 1 53  VAL 53  51  51  VAL VAL A . n 
A 1 54  ASN 54  52  52  ASN ASN A . n 
A 1 55  PHE 55  53  53  PHE PHE A . n 
A 1 56  PRO 56  54  54  PRO PRO A . n 
A 1 57  SER 57  55  55  SER SER A . n 
A 1 58  ALA 58  56  56  ALA ALA A . n 
A 1 59  LYS 59  57  57  LYS LYS A . n 
A 1 60  GLN 60  58  58  GLN GLN A . n 
A 1 61  TYR 61  59  59  TYR TYR A . n 
A 1 62  PHE 62  60  60  PHE PHE A . n 
A 1 63  SER 63  61  61  SER SER A . n 
A 1 64  GLN 64  62  62  GLN GLN A . n 
A 1 65  PHE 65  63  63  PHE PHE A . n 
A 1 66  LYS 66  64  64  LYS LYS A . n 
A 1 67  HIS 67  65  65  HIS HIS A . n 
A 1 68  MET 68  66  66  MET MET A . n 
A 1 69  GLU 69  67  67  GLU GLU A . n 
A 1 70  ASP 70  68  68  ASP ASP A . n 
A 1 71  PRO 71  69  69  PRO PRO A . n 
A 1 72  LEU 72  70  70  LEU LEU A . n 
A 1 73  GLU 73  71  71  GLU GLU A . n 
A 1 74  MET 74  72  72  MET MET A . n 
A 1 75  GLU 75  73  73  GLU GLU A . n 
A 1 76  ARG 76  74  74  ARG ARG A . n 
A 1 77  SER 77  75  75  SER SER A . n 
A 1 78  PRO 78  76  76  PRO PRO A . n 
A 1 79  GLN 79  77  77  GLN GLN A . n 
A 1 80  LEU 80  78  78  LEU LEU A . n 
A 1 81  ARG 81  79  79  ARG ARG A . n 
A 1 82  LYS 82  80  80  LYS LYS A . n 
A 1 83  HIS 83  81  81  HIS HIS A . n 
A 1 84  ALA 84  82  82  ALA ALA A . n 
A 1 85  CYS 85  83  83  CYS CYS A . n 
A 1 86  ARG 86  84  84  ARG ARG A . n 
A 1 87  VAL 87  85  85  VAL VAL A . n 
A 1 88  MET 88  86  86  MET MET A . n 
A 1 89  GLY 89  87  87  GLY GLY A . n 
A 1 90  ALA 90  88  88  ALA ALA A . n 
A 1 91  LEU 91  89  89  LEU LEU A . n 
A 1 92  ASN 92  90  90  ASN ASN A . n 
A 1 93  THR 93  91  91  THR THR A . n 
A 1 94  VAL 94  92  92  VAL VAL A . n 
A 1 95  VAL 95  93  93  VAL VAL A . n 
A 1 96  GLU 96  94  94  GLU GLU A . n 
A 1 97  ASN 97  95  95  ASN ASN A . n 
A 1 98  LEU 98  96  96  LEU LEU A . n 
A 1 99  HIS 99  97  97  HIS HIS A . n 
A 1 100 ASP 100 98  98  ASP ASP A . n 
A 1 101 PRO 101 99  99  PRO PRO A . n 
A 1 102 ASP 102 100 100 ASP ASP A . n 
A 1 103 LYS 103 101 101 LYS LYS A . n 
A 1 104 VAL 104 102 102 VAL VAL A . n 
A 1 105 SER 105 103 103 SER SER A . n 
A 1 106 SER 106 104 104 SER SER A . n 
A 1 107 VAL 107 105 105 VAL VAL A . n 
A 1 108 LEU 108 106 106 LEU LEU A . n 
A 1 109 ALA 109 107 107 ALA ALA A . n 
A 1 110 LEU 110 108 108 LEU LEU A . n 
A 1 111 VAL 111 109 109 VAL VAL A . n 
A 1 112 GLY 112 110 110 GLY GLY A . n 
A 1 113 LYS 113 111 111 LYS LYS A . n 
A 1 114 ALA 114 112 112 ALA ALA A . n 
A 1 115 HIS 115 113 113 HIS HIS A . n 
A 1 116 ALA 116 114 114 ALA ALA A . n 
A 1 117 LEU 117 115 115 LEU LEU A . n 
A 1 118 LYS 118 116 116 LYS LYS A . n 
A 1 119 HIS 119 117 117 HIS HIS A . n 
A 1 120 LYS 120 118 118 LYS LYS A . n 
A 1 121 VAL 121 119 119 VAL VAL A . n 
A 1 122 GLU 122 120 120 GLU GLU A . n 
A 1 123 PRO 123 121 121 PRO PRO A . n 
A 1 124 VAL 124 122 122 VAL VAL A . n 
A 1 125 TYR 125 123 123 TYR TYR A . n 
A 1 126 PHE 126 124 124 PHE PHE A . n 
A 1 127 LYS 127 125 125 LYS LYS A . n 
A 1 128 ILE 128 126 126 ILE ILE A . n 
A 1 129 LEU 129 127 127 LEU LEU A . n 
A 1 130 SER 130 128 128 SER SER A . n 
A 1 131 GLY 131 129 129 GLY GLY A . n 
A 1 132 VAL 132 130 130 VAL VAL A . n 
A 1 133 ILE 133 131 131 ILE ILE A . n 
A 1 134 LEU 134 132 132 LEU LEU A . n 
A 1 135 GLU 135 133 133 GLU GLU A . n 
A 1 136 VAL 136 134 134 VAL VAL A . n 
A 1 137 VAL 137 135 135 VAL VAL A . n 
A 1 138 ALA 138 136 136 ALA ALA A . n 
A 1 139 GLU 139 137 137 GLU GLU A . n 
A 1 140 GLU 140 138 138 GLU GLU A . n 
A 1 141 PHE 141 139 139 PHE PHE A . n 
A 1 142 ALA 142 140 140 ALA ALA A . n 
A 1 143 SER 143 141 141 SER SER A . n 
A 1 144 ASP 144 142 142 ASP ASP A . n 
A 1 145 PHE 145 143 143 PHE PHE A . n 
A 1 146 PRO 146 144 144 PRO PRO A . n 
A 1 147 PRO 147 145 145 PRO PRO A . n 
A 1 148 GLU 148 146 146 GLU GLU A . n 
A 1 149 THR 149 147 147 THR THR A . n 
A 1 150 GLN 150 148 148 GLN GLN A . n 
A 1 151 ARG 151 149 149 ARG ARG A . n 
A 1 152 ALA 152 150 150 ALA ALA A . n 
A 1 153 TRP 153 151 151 TRP TRP A . n 
A 1 154 ALA 154 152 152 ALA ALA A . n 
A 1 155 LYS 155 153 153 LYS LYS A . n 
A 1 156 LEU 156 154 154 LEU LEU A . n 
A 1 157 ARG 157 155 155 ARG ARG A . n 
A 1 158 GLY 158 156 156 GLY GLY A . n 
A 1 159 LEU 159 157 157 LEU LEU A . n 
A 1 160 ILE 160 158 158 ILE ILE A . n 
A 1 161 TYR 161 159 159 TYR TYR A . n 
A 1 162 SER 162 160 160 SER SER A . n 
A 1 163 HIS 163 161 161 HIS HIS A . n 
A 1 164 VAL 164 162 162 VAL VAL A . n 
A 1 165 THR 165 163 163 THR THR A . n 
A 1 166 ALA 166 164 164 ALA ALA A . n 
A 1 167 ALA 167 165 165 ALA ALA A . n 
A 1 168 TYR 168 166 166 TYR TYR A . n 
A 1 169 LYS 169 167 167 LYS LYS A . n 
A 1 170 GLU 170 168 168 GLU GLU A . n 
A 1 171 VAL 171 169 169 VAL VAL A . n 
A 1 172 GLY 172 170 170 GLY GLY A . n 
A 1 173 TRP 173 171 171 TRP TRP A . n 
A 1 174 VAL 174 172 172 VAL VAL A . n 
A 1 175 GLN 175 173 173 GLN GLN A . n 
A 1 176 GLN 176 174 174 GLN GLN A . n 
A 1 177 VAL 177 175 175 VAL VAL A . n 
A 1 178 PRO 178 176 ?   ?   ?   A . n 
A 1 179 ASN 179 177 ?   ?   ?   A . n 
A 1 180 ALA 180 178 ?   ?   ?   A . n 
A 1 181 THR 181 179 ?   ?   ?   A . n 
A 1 182 THR 182 180 ?   ?   ?   A . n 
A 1 183 PRO 183 181 ?   ?   ?   A . n 
A 1 184 PRO 184 182 ?   ?   ?   A . n 
A 1 185 ALA 185 183 ?   ?   ?   A . n 
A 1 186 THR 186 184 ?   ?   ?   A . n 
A 1 187 LEU 187 185 ?   ?   ?   A . n 
A 1 188 PRO 188 186 ?   ?   ?   A . n 
A 1 189 SER 189 187 ?   ?   ?   A . n 
A 1 190 SER 190 188 ?   ?   ?   A . n 
A 1 191 GLY 191 189 ?   ?   ?   A . n 
A 1 192 PRO 192 190 ?   ?   ?   A . n 
# 
loop_
_pdbx_nonpoly_scheme.asym_id 
_pdbx_nonpoly_scheme.entity_id 
_pdbx_nonpoly_scheme.mon_id 
_pdbx_nonpoly_scheme.ndb_seq_num 
_pdbx_nonpoly_scheme.pdb_seq_num 
_pdbx_nonpoly_scheme.auth_seq_num 
_pdbx_nonpoly_scheme.pdb_mon_id 
_pdbx_nonpoly_scheme.auth_mon_id 
_pdbx_nonpoly_scheme.pdb_strand_id 
_pdbx_nonpoly_scheme.pdb_ins_code 
B 2 HEM 1  191 191 HEM HEM A . 
C 3 CMO 1  192 192 CMO CMO A . 
D 4 HOH 1  201 201 HOH HOH A . 
D 4 HOH 2  202 202 HOH HOH A . 
D 4 HOH 3  203 203 HOH HOH A . 
D 4 HOH 4  204 204 HOH HOH A . 
D 4 HOH 5  205 205 HOH HOH A . 
D 4 HOH 6  206 206 HOH HOH A . 
D 4 HOH 7  207 207 HOH HOH A . 
D 4 HOH 8  208 208 HOH HOH A . 
D 4 HOH 9  209 209 HOH HOH A . 
D 4 HOH 10 210 210 HOH HOH A . 
D 4 HOH 11 211 211 HOH HOH A . 
D 4 HOH 12 212 212 HOH HOH A . 
D 4 HOH 13 213 213 HOH HOH A . 
D 4 HOH 14 214 214 HOH HOH A . 
D 4 HOH 15 215 215 HOH HOH A . 
D 4 HOH 16 216 216 HOH HOH A . 
D 4 HOH 17 217 217 HOH HOH A . 
D 4 HOH 18 218 218 HOH HOH A . 
D 4 HOH 19 219 219 HOH HOH A . 
D 4 HOH 20 220 220 HOH HOH A . 
D 4 HOH 21 221 221 HOH HOH A . 
D 4 HOH 22 222 222 HOH HOH A . 
D 4 HOH 23 223 223 HOH HOH A . 
D 4 HOH 24 224 224 HOH HOH A . 
D 4 HOH 25 225 225 HOH HOH A . 
D 4 HOH 26 226 226 HOH HOH A . 
D 4 HOH 27 227 227 HOH HOH A . 
D 4 HOH 28 228 228 HOH HOH A . 
D 4 HOH 29 229 229 HOH HOH A . 
D 4 HOH 30 230 230 HOH HOH A . 
D 4 HOH 31 231 231 HOH HOH A . 
D 4 HOH 32 232 232 HOH HOH A . 
D 4 HOH 33 233 233 HOH HOH A . 
D 4 HOH 34 234 234 HOH HOH A . 
D 4 HOH 35 235 235 HOH HOH A . 
D 4 HOH 36 236 236 HOH HOH A . 
D 4 HOH 37 237 237 HOH HOH A . 
D 4 HOH 38 238 238 HOH HOH A . 
D 4 HOH 39 239 239 HOH HOH A . 
D 4 HOH 40 240 240 HOH HOH A . 
D 4 HOH 41 241 241 HOH HOH A . 
D 4 HOH 42 242 242 HOH HOH A . 
D 4 HOH 43 243 243 HOH HOH A . 
# 
_pdbx_struct_assembly.id                   1 
_pdbx_struct_assembly.details              author_and_software_defined_assembly 
_pdbx_struct_assembly.method_details       PISA 
_pdbx_struct_assembly.oligomeric_details   monomeric 
_pdbx_struct_assembly.oligomeric_count     1 
# 
_pdbx_struct_assembly_gen.assembly_id       1 
_pdbx_struct_assembly_gen.oper_expression   1 
_pdbx_struct_assembly_gen.asym_id_list      A,B,C,D 
# 
_pdbx_struct_oper_list.id                   1 
_pdbx_struct_oper_list.type                 'identity operation' 
_pdbx_struct_oper_list.name                 1_555 
_pdbx_struct_oper_list.symmetry_operation   x,y,z 
_pdbx_struct_oper_list.matrix[1][1]         1.0000000000 
_pdbx_struct_oper_list.matrix[1][2]         0.0000000000 
_pdbx_struct_oper_list.matrix[1][3]         0.0000000000 
_pdbx_struct_oper_list.vector[1]            0.0000000000 
_pdbx_struct_oper_list.matrix[2][1]         0.0000000000 
_pdbx_struct_oper_list.matrix[2][2]         1.0000000000 
_pdbx_struct_oper_list.matrix[2][3]         0.0000000000 
_pdbx_struct_oper_list.vector[2]            0.0000000000 
_pdbx_struct_oper_list.matrix[3][1]         0.0000000000 
_pdbx_struct_oper_list.matrix[3][2]         0.0000000000 
_pdbx_struct_oper_list.matrix[3][3]         1.0000000000 
_pdbx_struct_oper_list.vector[3]            0.0000000000 
# 
loop_
_pdbx_struct_conn_angle.id 
_pdbx_struct_conn_angle.ptnr1_label_atom_id 
_pdbx_struct_conn_angle.ptnr1_label_alt_id 
_pdbx_struct_conn_angle.ptnr1_label_asym_id 
_pdbx_struct_conn_angle.ptnr1_label_comp_id 
_pdbx_struct_conn_angle.ptnr1_label_seq_id 
_pdbx_struct_conn_angle.ptnr1_auth_atom_id 
_pdbx_struct_conn_angle.ptnr1_auth_asym_id 
_pdbx_struct_conn_angle.ptnr1_auth_comp_id 
_pdbx_struct_conn_angle.ptnr1_auth_seq_id 
_pdbx_struct_conn_angle.ptnr1_PDB_ins_code 
_pdbx_struct_conn_angle.ptnr1_symmetry 
_pdbx_struct_conn_angle.ptnr2_label_atom_id 
_pdbx_struct_conn_angle.ptnr2_label_alt_id 
_pdbx_struct_conn_angle.ptnr2_label_asym_id 
_pdbx_struct_conn_angle.ptnr2_label_comp_id 
_pdbx_struct_conn_angle.ptnr2_label_seq_id 
_pdbx_struct_conn_angle.ptnr2_auth_atom_id 
_pdbx_struct_conn_angle.ptnr2_auth_asym_id 
_pdbx_struct_conn_angle.ptnr2_auth_comp_id 
_pdbx_struct_conn_angle.ptnr2_auth_seq_id 
_pdbx_struct_conn_angle.ptnr2_PDB_ins_code 
_pdbx_struct_conn_angle.ptnr2_symmetry 
_pdbx_struct_conn_angle.ptnr3_label_atom_id 
_pdbx_struct_conn_angle.ptnr3_label_alt_id 
_pdbx_struct_conn_angle.ptnr3_label_asym_id 
_pdbx_struct_conn_angle.ptnr3_label_comp_id 
_pdbx_struct_conn_angle.ptnr3_label_seq_id 
_pdbx_struct_conn_angle.ptnr3_auth_atom_id 
_pdbx_struct_conn_angle.ptnr3_auth_asym_id 
_pdbx_struct_conn_angle.ptnr3_auth_comp_id 
_pdbx_struct_conn_angle.ptnr3_auth_seq_id 
_pdbx_struct_conn_angle.ptnr3_PDB_ins_code 
_pdbx_struct_conn_angle.ptnr3_symmetry 
_pdbx_struct_conn_angle.value 
_pdbx_struct_conn_angle.value_esd 
1  NE2 ? A HIS 115 ? A HIS 113 ? 1_555 FE ? B HEM . ? A HEM 191 ? 1_555 NA ? B HEM . ? A HEM 191 ? 1_555 86.4  ? 
2  NE2 ? A HIS 115 ? A HIS 113 ? 1_555 FE ? B HEM . ? A HEM 191 ? 1_555 NB ? B HEM . ? A HEM 191 ? 1_555 87.6  ? 
3  NA  ? B HEM .   ? A HEM 191 ? 1_555 FE ? B HEM . ? A HEM 191 ? 1_555 NB ? B HEM . ? A HEM 191 ? 1_555 89.3  ? 
4  NE2 ? A HIS 115 ? A HIS 113 ? 1_555 FE ? B HEM . ? A HEM 191 ? 1_555 NC ? B HEM . ? A HEM 191 ? 1_555 93.0  ? 
5  NA  ? B HEM .   ? A HEM 191 ? 1_555 FE ? B HEM . ? A HEM 191 ? 1_555 NC ? B HEM . ? A HEM 191 ? 1_555 178.7 ? 
6  NB  ? B HEM .   ? A HEM 191 ? 1_555 FE ? B HEM . ? A HEM 191 ? 1_555 NC ? B HEM . ? A HEM 191 ? 1_555 89.5  ? 
7  NE2 ? A HIS 115 ? A HIS 113 ? 1_555 FE ? B HEM . ? A HEM 191 ? 1_555 ND ? B HEM . ? A HEM 191 ? 1_555 89.8  ? 
8  NA  ? B HEM .   ? A HEM 191 ? 1_555 FE ? B HEM . ? A HEM 191 ? 1_555 ND ? B HEM . ? A HEM 191 ? 1_555 90.7  ? 
9  NB  ? B HEM .   ? A HEM 191 ? 1_555 FE ? B HEM . ? A HEM 191 ? 1_555 ND ? B HEM . ? A HEM 191 ? 1_555 177.4 ? 
10 NC  ? B HEM .   ? A HEM 191 ? 1_555 FE ? B HEM . ? A HEM 191 ? 1_555 ND ? B HEM . ? A HEM 191 ? 1_555 90.5  ? 
11 NE2 ? A HIS 115 ? A HIS 113 ? 1_555 FE ? B HEM . ? A HEM 191 ? 1_555 C  ? C CMO . ? A CMO 192 ? 1_555 178.2 ? 
12 NA  ? B HEM .   ? A HEM 191 ? 1_555 FE ? B HEM . ? A HEM 191 ? 1_555 C  ? C CMO . ? A CMO 192 ? 1_555 95.3  ? 
13 NB  ? B HEM .   ? A HEM 191 ? 1_555 FE ? B HEM . ? A HEM 191 ? 1_555 C  ? C CMO . ? A CMO 192 ? 1_555 92.5  ? 
14 NC  ? B HEM .   ? A HEM 191 ? 1_555 FE ? B HEM . ? A HEM 191 ? 1_555 C  ? C CMO . ? A CMO 192 ? 1_555 85.2  ? 
15 ND  ? B HEM .   ? A HEM 191 ? 1_555 FE ? B HEM . ? A HEM 191 ? 1_555 C  ? C CMO . ? A CMO 192 ? 1_555 90.1  ? 
# 
loop_
_pdbx_audit_revision_history.ordinal 
_pdbx_audit_revision_history.data_content_type 
_pdbx_audit_revision_history.major_revision 
_pdbx_audit_revision_history.minor_revision 
_pdbx_audit_revision_history.revision_date 
1 'Structure model' 1 0 2011-02-02 
2 'Structure model' 1 1 2011-07-13 
3 'Structure model' 1 2 2023-07-12 
4 'Structure model' 1 3 2023-11-08 
# 
_pdbx_audit_revision_details.ordinal             1 
_pdbx_audit_revision_details.revision_ordinal    1 
_pdbx_audit_revision_details.data_content_type   'Structure model' 
_pdbx_audit_revision_details.provider            repository 
_pdbx_audit_revision_details.type                'Initial release' 
_pdbx_audit_revision_details.description         ? 
_pdbx_audit_revision_details.details             ? 
# 
loop_
_pdbx_audit_revision_group.ordinal 
_pdbx_audit_revision_group.revision_ordinal 
_pdbx_audit_revision_group.data_content_type 
_pdbx_audit_revision_group.group 
1 2 'Structure model' 'Version format compliance' 
2 3 'Structure model' 'Data collection'           
3 3 'Structure model' 'Database references'       
4 3 'Structure model' 'Derived calculations'      
5 3 'Structure model' 'Structure summary'         
6 4 'Structure model' 'Data collection'           
7 4 'Structure model' 'Database references'       
8 4 'Structure model' 'Refinement description'    
# 
loop_
_pdbx_audit_revision_category.ordinal 
_pdbx_audit_revision_category.revision_ordinal 
_pdbx_audit_revision_category.data_content_type 
_pdbx_audit_revision_category.category 
1 3 'Structure model' database_2                    
2 3 'Structure model' diffrn_source                 
3 3 'Structure model' struct                        
4 3 'Structure model' struct_site                   
5 4 'Structure model' chem_comp_atom                
6 4 'Structure model' chem_comp_bond                
7 4 'Structure model' diffrn_source                 
8 4 'Structure model' pdbx_initial_refinement_model 
9 4 'Structure model' struct_ref_seq_dif            
# 
loop_
_pdbx_audit_revision_item.ordinal 
_pdbx_audit_revision_item.revision_ordinal 
_pdbx_audit_revision_item.data_content_type 
_pdbx_audit_revision_item.item 
1 3 'Structure model' '_database_2.pdbx_DOI'                 
2 3 'Structure model' '_database_2.pdbx_database_accession'  
3 3 'Structure model' '_diffrn_source.pdbx_synchrotron_site' 
4 3 'Structure model' '_struct.title'                        
5 3 'Structure model' '_struct_site.pdbx_auth_asym_id'       
6 3 'Structure model' '_struct_site.pdbx_auth_comp_id'       
7 3 'Structure model' '_struct_site.pdbx_auth_seq_id'        
8 4 'Structure model' '_diffrn_source.pdbx_synchrotron_site' 
9 4 'Structure model' '_struct_ref_seq_dif.details'          
# 
_diffrn_reflns.diffrn_id                   1 
_diffrn_reflns.pdbx_d_res_high             2.600 
_diffrn_reflns.pdbx_d_res_low              ? 
_diffrn_reflns.pdbx_number_obs             4892 
_diffrn_reflns.pdbx_Rmerge_I_obs           0.104 
_diffrn_reflns.pdbx_Rsym_value             ? 
_diffrn_reflns.pdbx_chi_squared            ? 
_diffrn_reflns.av_sigmaI_over_netI         ? 
_diffrn_reflns.pdbx_redundancy             ? 
_diffrn_reflns.pdbx_percent_possible_obs   98.60 
_diffrn_reflns.number                      34085 
_diffrn_reflns.pdbx_observed_criterion     ? 
_diffrn_reflns.limit_h_max                 ? 
_diffrn_reflns.limit_h_min                 ? 
_diffrn_reflns.limit_k_max                 ? 
_diffrn_reflns.limit_k_min                 ? 
_diffrn_reflns.limit_l_max                 ? 
_diffrn_reflns.limit_l_min                 ? 
# 
loop_
_pdbx_diffrn_reflns_shell.diffrn_id 
_pdbx_diffrn_reflns_shell.d_res_high 
_pdbx_diffrn_reflns_shell.d_res_low 
_pdbx_diffrn_reflns_shell.number_obs 
_pdbx_diffrn_reflns_shell.rejects 
_pdbx_diffrn_reflns_shell.Rmerge_I_obs 
_pdbx_diffrn_reflns_shell.Rsym_value 
_pdbx_diffrn_reflns_shell.chi_squared 
_pdbx_diffrn_reflns_shell.redundancy 
_pdbx_diffrn_reflns_shell.percent_possible_obs 
1 4.45 5.60 498 ? 0.059 ? ? ? 98.60  
1 3.88 4.45 509 ? 0.060 ? ? ? 99.00  
1 3.53 3.88 479 ? 0.080 ? ? ? 98.60  
1 3.28 3.53 479 ? 0.109 ? ? ? 99.20  
1 3.08 3.28 501 ? 0.158 ? ? ? 99.00  
1 2.93 3.08 464 ? 0.224 ? ? ? 97.30  
1 2.80 2.93 486 ? 0.280 ? ? ? 100.00 
1 2.69 2.80 480 ? 0.360 ? ? ? 96.40  
1 2.60 2.69 456 ? 0.498 ? ? ? 100.00 
# 
_pdbx_phasing_MR.entry_id                     3AG0 
_pdbx_phasing_MR.method_rotation              ? 
_pdbx_phasing_MR.method_translation           ? 
_pdbx_phasing_MR.model_details                ? 
_pdbx_phasing_MR.R_factor                     ? 
_pdbx_phasing_MR.R_rigid_body                 ? 
_pdbx_phasing_MR.correlation_coeff_Fo_to_Fc   ? 
_pdbx_phasing_MR.correlation_coeff_Io_to_Ic   ? 
_pdbx_phasing_MR.d_res_high_rotation          2.840 
_pdbx_phasing_MR.d_res_low_rotation           47.010 
_pdbx_phasing_MR.d_res_high_translation       2.840 
_pdbx_phasing_MR.d_res_low_translation        47.010 
_pdbx_phasing_MR.packing                      ? 
_pdbx_phasing_MR.reflns_percent_rotation      ? 
_pdbx_phasing_MR.reflns_percent_translation   ? 
_pdbx_phasing_MR.sigma_F_rotation             ? 
_pdbx_phasing_MR.sigma_F_translation          ? 
_pdbx_phasing_MR.sigma_I_rotation             ? 
_pdbx_phasing_MR.sigma_I_translation          ? 
# 
_phasing.method   MR 
# 
loop_
_software.pdbx_ordinal 
_software.name 
_software.version 
_software.date 
_software.type 
_software.contact_author 
_software.contact_author_email 
_software.classification 
_software.location 
_software.language 
_software.citation_id 
1 XSCALE      .     ?               package 'Wolfgang Kabsch' ?                      'data scaling'    
http://www.mpimf-heidelberg.mpg.de/~kabsch/xds/html_doc/xscale_program.html ?          ? 
2 MOLREP      .     ?               program 'Alexei Vaguine'  alexei@ysbl.york.ac.uk phasing           
http://www.ccp4.ac.uk/dist/html/molrep.html                                 Fortran_77 ? 
3 CNS         1.1   ?               package 'Axel T. Brunger' axel.brunger@yale.edu  refinement        http://cns-online.org/ 
Fortran_77 ? 
4 PDB_EXTRACT 3.100 'Jan. 22, 2010' package PDB               help@deposit.rcsb.org  'data extraction' 
http://sw-tools.pdb.org/apps/PDB_EXTRACT/                                   C++        ? 
5 BSS         .     ?               ?       ?                 ?                      'data collection' ? ?          ? 
6 DENZO       .     ?               ?       ?                 ?                      'data reduction'  ? ?          ? 
7 SCALEPACK   .     ?               ?       ?                 ?                      'data scaling'    ? ?          ? 
# 
loop_
_pdbx_validate_torsion.id 
_pdbx_validate_torsion.PDB_model_num 
_pdbx_validate_torsion.auth_comp_id 
_pdbx_validate_torsion.auth_asym_id 
_pdbx_validate_torsion.auth_seq_id 
_pdbx_validate_torsion.PDB_ins_code 
_pdbx_validate_torsion.label_alt_id 
_pdbx_validate_torsion.phi 
_pdbx_validate_torsion.psi 
1  1 LEU A 19  ? ? 68.15   90.15   
2  1 SER A 20  ? ? -69.69  -173.10 
3  1 CYS A 38  ? ? -17.92  -61.91  
4  1 GLU A 39  ? ? -38.14  -76.87  
5  1 PRO A 54  ? ? -57.76  2.15    
6  1 LYS A 64  ? ? -46.44  -16.55  
7  1 PRO A 69  ? ? -54.77  1.79    
8  1 ASP A 98  ? ? -112.25 73.73   
9  1 PRO A 99  ? ? -29.37  -48.22  
10 1 PHE A 143 ? ? -115.14 76.45   
# 
loop_
_pdbx_unobs_or_zero_occ_residues.id 
_pdbx_unobs_or_zero_occ_residues.PDB_model_num 
_pdbx_unobs_or_zero_occ_residues.polymer_flag 
_pdbx_unobs_or_zero_occ_residues.occupancy_flag 
_pdbx_unobs_or_zero_occ_residues.auth_asym_id 
_pdbx_unobs_or_zero_occ_residues.auth_comp_id 
_pdbx_unobs_or_zero_occ_residues.auth_seq_id 
_pdbx_unobs_or_zero_occ_residues.PDB_ins_code 
_pdbx_unobs_or_zero_occ_residues.label_asym_id 
_pdbx_unobs_or_zero_occ_residues.label_comp_id 
_pdbx_unobs_or_zero_occ_residues.label_seq_id 
1  1 Y 1 A GLY -1  ? A GLY 1   
2  1 Y 1 A SER 0   ? A SER 2   
3  1 Y 1 A MET 1   ? A MET 3   
4  1 Y 1 A GLU 2   ? A GLU 4   
5  1 Y 1 A LYS 3   ? A LYS 5   
6  1 Y 1 A VAL 4   ? A VAL 6   
7  1 Y 1 A PRO 5   ? A PRO 7   
8  1 Y 1 A GLY 6   ? A GLY 8   
9  1 Y 1 A GLU 7   ? A GLU 9   
10 1 Y 1 A MET 8   ? A MET 10  
11 1 Y 1 A GLU 9   ? A GLU 11  
12 1 Y 1 A ILE 10  ? A ILE 12  
13 1 Y 1 A GLU 11  ? A GLU 13  
14 1 Y 1 A ARG 12  ? A ARG 14  
15 1 Y 1 A ARG 13  ? A ARG 15  
16 1 Y 1 A GLU 14  ? A GLU 16  
17 1 Y 1 A ARG 15  ? A ARG 17  
18 1 Y 1 A SER 16  ? A SER 18  
19 1 Y 1 A GLU 17  ? A GLU 19  
20 1 Y 1 A PRO 176 ? A PRO 178 
21 1 Y 1 A ASN 177 ? A ASN 179 
22 1 Y 1 A ALA 178 ? A ALA 180 
23 1 Y 1 A THR 179 ? A THR 181 
24 1 Y 1 A THR 180 ? A THR 182 
25 1 Y 1 A PRO 181 ? A PRO 183 
26 1 Y 1 A PRO 182 ? A PRO 184 
27 1 Y 1 A ALA 183 ? A ALA 185 
28 1 Y 1 A THR 184 ? A THR 186 
29 1 Y 1 A LEU 185 ? A LEU 187 
30 1 Y 1 A PRO 186 ? A PRO 188 
31 1 Y 1 A SER 187 ? A SER 189 
32 1 Y 1 A SER 188 ? A SER 190 
33 1 Y 1 A GLY 189 ? A GLY 191 
34 1 Y 1 A PRO 190 ? A PRO 192 
# 
loop_
_chem_comp_atom.comp_id 
_chem_comp_atom.atom_id 
_chem_comp_atom.type_symbol 
_chem_comp_atom.pdbx_aromatic_flag 
_chem_comp_atom.pdbx_stereo_config 
_chem_comp_atom.pdbx_ordinal 
ALA N    N  N N 1   
ALA CA   C  N S 2   
ALA C    C  N N 3   
ALA O    O  N N 4   
ALA CB   C  N N 5   
ALA OXT  O  N N 6   
ALA H    H  N N 7   
ALA H2   H  N N 8   
ALA HA   H  N N 9   
ALA HB1  H  N N 10  
ALA HB2  H  N N 11  
ALA HB3  H  N N 12  
ALA HXT  H  N N 13  
ARG N    N  N N 14  
ARG CA   C  N S 15  
ARG C    C  N N 16  
ARG O    O  N N 17  
ARG CB   C  N N 18  
ARG CG   C  N N 19  
ARG CD   C  N N 20  
ARG NE   N  N N 21  
ARG CZ   C  N N 22  
ARG NH1  N  N N 23  
ARG NH2  N  N N 24  
ARG OXT  O  N N 25  
ARG H    H  N N 26  
ARG H2   H  N N 27  
ARG HA   H  N N 28  
ARG HB2  H  N N 29  
ARG HB3  H  N N 30  
ARG HG2  H  N N 31  
ARG HG3  H  N N 32  
ARG HD2  H  N N 33  
ARG HD3  H  N N 34  
ARG HE   H  N N 35  
ARG HH11 H  N N 36  
ARG HH12 H  N N 37  
ARG HH21 H  N N 38  
ARG HH22 H  N N 39  
ARG HXT  H  N N 40  
ASN N    N  N N 41  
ASN CA   C  N S 42  
ASN C    C  N N 43  
ASN O    O  N N 44  
ASN CB   C  N N 45  
ASN CG   C  N N 46  
ASN OD1  O  N N 47  
ASN ND2  N  N N 48  
ASN OXT  O  N N 49  
ASN H    H  N N 50  
ASN H2   H  N N 51  
ASN HA   H  N N 52  
ASN HB2  H  N N 53  
ASN HB3  H  N N 54  
ASN HD21 H  N N 55  
ASN HD22 H  N N 56  
ASN HXT  H  N N 57  
ASP N    N  N N 58  
ASP CA   C  N S 59  
ASP C    C  N N 60  
ASP O    O  N N 61  
ASP CB   C  N N 62  
ASP CG   C  N N 63  
ASP OD1  O  N N 64  
ASP OD2  O  N N 65  
ASP OXT  O  N N 66  
ASP H    H  N N 67  
ASP H2   H  N N 68  
ASP HA   H  N N 69  
ASP HB2  H  N N 70  
ASP HB3  H  N N 71  
ASP HD2  H  N N 72  
ASP HXT  H  N N 73  
CMO C    C  N N 74  
CMO O    O  N N 75  
CYS N    N  N N 76  
CYS CA   C  N R 77  
CYS C    C  N N 78  
CYS O    O  N N 79  
CYS CB   C  N N 80  
CYS SG   S  N N 81  
CYS OXT  O  N N 82  
CYS H    H  N N 83  
CYS H2   H  N N 84  
CYS HA   H  N N 85  
CYS HB2  H  N N 86  
CYS HB3  H  N N 87  
CYS HG   H  N N 88  
CYS HXT  H  N N 89  
GLN N    N  N N 90  
GLN CA   C  N S 91  
GLN C    C  N N 92  
GLN O    O  N N 93  
GLN CB   C  N N 94  
GLN CG   C  N N 95  
GLN CD   C  N N 96  
GLN OE1  O  N N 97  
GLN NE2  N  N N 98  
GLN OXT  O  N N 99  
GLN H    H  N N 100 
GLN H2   H  N N 101 
GLN HA   H  N N 102 
GLN HB2  H  N N 103 
GLN HB3  H  N N 104 
GLN HG2  H  N N 105 
GLN HG3  H  N N 106 
GLN HE21 H  N N 107 
GLN HE22 H  N N 108 
GLN HXT  H  N N 109 
GLU N    N  N N 110 
GLU CA   C  N S 111 
GLU C    C  N N 112 
GLU O    O  N N 113 
GLU CB   C  N N 114 
GLU CG   C  N N 115 
GLU CD   C  N N 116 
GLU OE1  O  N N 117 
GLU OE2  O  N N 118 
GLU OXT  O  N N 119 
GLU H    H  N N 120 
GLU H2   H  N N 121 
GLU HA   H  N N 122 
GLU HB2  H  N N 123 
GLU HB3  H  N N 124 
GLU HG2  H  N N 125 
GLU HG3  H  N N 126 
GLU HE2  H  N N 127 
GLU HXT  H  N N 128 
GLY N    N  N N 129 
GLY CA   C  N N 130 
GLY C    C  N N 131 
GLY O    O  N N 132 
GLY OXT  O  N N 133 
GLY H    H  N N 134 
GLY H2   H  N N 135 
GLY HA2  H  N N 136 
GLY HA3  H  N N 137 
GLY HXT  H  N N 138 
HEM CHA  C  N N 139 
HEM CHB  C  N N 140 
HEM CHC  C  N N 141 
HEM CHD  C  N N 142 
HEM C1A  C  Y N 143 
HEM C2A  C  Y N 144 
HEM C3A  C  Y N 145 
HEM C4A  C  Y N 146 
HEM CMA  C  N N 147 
HEM CAA  C  N N 148 
HEM CBA  C  N N 149 
HEM CGA  C  N N 150 
HEM O1A  O  N N 151 
HEM O2A  O  N N 152 
HEM C1B  C  N N 153 
HEM C2B  C  N N 154 
HEM C3B  C  N N 155 
HEM C4B  C  N N 156 
HEM CMB  C  N N 157 
HEM CAB  C  N N 158 
HEM CBB  C  N N 159 
HEM C1C  C  Y N 160 
HEM C2C  C  Y N 161 
HEM C3C  C  Y N 162 
HEM C4C  C  Y N 163 
HEM CMC  C  N N 164 
HEM CAC  C  N N 165 
HEM CBC  C  N N 166 
HEM C1D  C  N N 167 
HEM C2D  C  N N 168 
HEM C3D  C  N N 169 
HEM C4D  C  N N 170 
HEM CMD  C  N N 171 
HEM CAD  C  N N 172 
HEM CBD  C  N N 173 
HEM CGD  C  N N 174 
HEM O1D  O  N N 175 
HEM O2D  O  N N 176 
HEM NA   N  Y N 177 
HEM NB   N  N N 178 
HEM NC   N  Y N 179 
HEM ND   N  N N 180 
HEM FE   FE N N 181 
HEM HHB  H  N N 182 
HEM HHC  H  N N 183 
HEM HHD  H  N N 184 
HEM HMA  H  N N 185 
HEM HMAA H  N N 186 
HEM HMAB H  N N 187 
HEM HAA  H  N N 188 
HEM HAAA H  N N 189 
HEM HBA  H  N N 190 
HEM HBAA H  N N 191 
HEM HMB  H  N N 192 
HEM HMBA H  N N 193 
HEM HMBB H  N N 194 
HEM HAB  H  N N 195 
HEM HBB  H  N N 196 
HEM HBBA H  N N 197 
HEM HMC  H  N N 198 
HEM HMCA H  N N 199 
HEM HMCB H  N N 200 
HEM HAC  H  N N 201 
HEM HBC  H  N N 202 
HEM HBCA H  N N 203 
HEM HMD  H  N N 204 
HEM HMDA H  N N 205 
HEM HMDB H  N N 206 
HEM HAD  H  N N 207 
HEM HADA H  N N 208 
HEM HBD  H  N N 209 
HEM HBDA H  N N 210 
HEM H2A  H  N N 211 
HEM H2D  H  N N 212 
HEM HHA  H  N N 213 
HIS N    N  N N 214 
HIS CA   C  N S 215 
HIS C    C  N N 216 
HIS O    O  N N 217 
HIS CB   C  N N 218 
HIS CG   C  Y N 219 
HIS ND1  N  Y N 220 
HIS CD2  C  Y N 221 
HIS CE1  C  Y N 222 
HIS NE2  N  Y N 223 
HIS OXT  O  N N 224 
HIS H    H  N N 225 
HIS H2   H  N N 226 
HIS HA   H  N N 227 
HIS HB2  H  N N 228 
HIS HB3  H  N N 229 
HIS HD1  H  N N 230 
HIS HD2  H  N N 231 
HIS HE1  H  N N 232 
HIS HE2  H  N N 233 
HIS HXT  H  N N 234 
HOH O    O  N N 235 
HOH H1   H  N N 236 
HOH H2   H  N N 237 
ILE N    N  N N 238 
ILE CA   C  N S 239 
ILE C    C  N N 240 
ILE O    O  N N 241 
ILE CB   C  N S 242 
ILE CG1  C  N N 243 
ILE CG2  C  N N 244 
ILE CD1  C  N N 245 
ILE OXT  O  N N 246 
ILE H    H  N N 247 
ILE H2   H  N N 248 
ILE HA   H  N N 249 
ILE HB   H  N N 250 
ILE HG12 H  N N 251 
ILE HG13 H  N N 252 
ILE HG21 H  N N 253 
ILE HG22 H  N N 254 
ILE HG23 H  N N 255 
ILE HD11 H  N N 256 
ILE HD12 H  N N 257 
ILE HD13 H  N N 258 
ILE HXT  H  N N 259 
LEU N    N  N N 260 
LEU CA   C  N S 261 
LEU C    C  N N 262 
LEU O    O  N N 263 
LEU CB   C  N N 264 
LEU CG   C  N N 265 
LEU CD1  C  N N 266 
LEU CD2  C  N N 267 
LEU OXT  O  N N 268 
LEU H    H  N N 269 
LEU H2   H  N N 270 
LEU HA   H  N N 271 
LEU HB2  H  N N 272 
LEU HB3  H  N N 273 
LEU HG   H  N N 274 
LEU HD11 H  N N 275 
LEU HD12 H  N N 276 
LEU HD13 H  N N 277 
LEU HD21 H  N N 278 
LEU HD22 H  N N 279 
LEU HD23 H  N N 280 
LEU HXT  H  N N 281 
LYS N    N  N N 282 
LYS CA   C  N S 283 
LYS C    C  N N 284 
LYS O    O  N N 285 
LYS CB   C  N N 286 
LYS CG   C  N N 287 
LYS CD   C  N N 288 
LYS CE   C  N N 289 
LYS NZ   N  N N 290 
LYS OXT  O  N N 291 
LYS H    H  N N 292 
LYS H2   H  N N 293 
LYS HA   H  N N 294 
LYS HB2  H  N N 295 
LYS HB3  H  N N 296 
LYS HG2  H  N N 297 
LYS HG3  H  N N 298 
LYS HD2  H  N N 299 
LYS HD3  H  N N 300 
LYS HE2  H  N N 301 
LYS HE3  H  N N 302 
LYS HZ1  H  N N 303 
LYS HZ2  H  N N 304 
LYS HZ3  H  N N 305 
LYS HXT  H  N N 306 
MET N    N  N N 307 
MET CA   C  N S 308 
MET C    C  N N 309 
MET O    O  N N 310 
MET CB   C  N N 311 
MET CG   C  N N 312 
MET SD   S  N N 313 
MET CE   C  N N 314 
MET OXT  O  N N 315 
MET H    H  N N 316 
MET H2   H  N N 317 
MET HA   H  N N 318 
MET HB2  H  N N 319 
MET HB3  H  N N 320 
MET HG2  H  N N 321 
MET HG3  H  N N 322 
MET HE1  H  N N 323 
MET HE2  H  N N 324 
MET HE3  H  N N 325 
MET HXT  H  N N 326 
PHE N    N  N N 327 
PHE CA   C  N S 328 
PHE C    C  N N 329 
PHE O    O  N N 330 
PHE CB   C  N N 331 
PHE CG   C  Y N 332 
PHE CD1  C  Y N 333 
PHE CD2  C  Y N 334 
PHE CE1  C  Y N 335 
PHE CE2  C  Y N 336 
PHE CZ   C  Y N 337 
PHE OXT  O  N N 338 
PHE H    H  N N 339 
PHE H2   H  N N 340 
PHE HA   H  N N 341 
PHE HB2  H  N N 342 
PHE HB3  H  N N 343 
PHE HD1  H  N N 344 
PHE HD2  H  N N 345 
PHE HE1  H  N N 346 
PHE HE2  H  N N 347 
PHE HZ   H  N N 348 
PHE HXT  H  N N 349 
PRO N    N  N N 350 
PRO CA   C  N S 351 
PRO C    C  N N 352 
PRO O    O  N N 353 
PRO CB   C  N N 354 
PRO CG   C  N N 355 
PRO CD   C  N N 356 
PRO OXT  O  N N 357 
PRO H    H  N N 358 
PRO HA   H  N N 359 
PRO HB2  H  N N 360 
PRO HB3  H  N N 361 
PRO HG2  H  N N 362 
PRO HG3  H  N N 363 
PRO HD2  H  N N 364 
PRO HD3  H  N N 365 
PRO HXT  H  N N 366 
SER N    N  N N 367 
SER CA   C  N S 368 
SER C    C  N N 369 
SER O    O  N N 370 
SER CB   C  N N 371 
SER OG   O  N N 372 
SER OXT  O  N N 373 
SER H    H  N N 374 
SER H2   H  N N 375 
SER HA   H  N N 376 
SER HB2  H  N N 377 
SER HB3  H  N N 378 
SER HG   H  N N 379 
SER HXT  H  N N 380 
THR N    N  N N 381 
THR CA   C  N S 382 
THR C    C  N N 383 
THR O    O  N N 384 
THR CB   C  N R 385 
THR OG1  O  N N 386 
THR CG2  C  N N 387 
THR OXT  O  N N 388 
THR H    H  N N 389 
THR H2   H  N N 390 
THR HA   H  N N 391 
THR HB   H  N N 392 
THR HG1  H  N N 393 
THR HG21 H  N N 394 
THR HG22 H  N N 395 
THR HG23 H  N N 396 
THR HXT  H  N N 397 
TRP N    N  N N 398 
TRP CA   C  N S 399 
TRP C    C  N N 400 
TRP O    O  N N 401 
TRP CB   C  N N 402 
TRP CG   C  Y N 403 
TRP CD1  C  Y N 404 
TRP CD2  C  Y N 405 
TRP NE1  N  Y N 406 
TRP CE2  C  Y N 407 
TRP CE3  C  Y N 408 
TRP CZ2  C  Y N 409 
TRP CZ3  C  Y N 410 
TRP CH2  C  Y N 411 
TRP OXT  O  N N 412 
TRP H    H  N N 413 
TRP H2   H  N N 414 
TRP HA   H  N N 415 
TRP HB2  H  N N 416 
TRP HB3  H  N N 417 
TRP HD1  H  N N 418 
TRP HE1  H  N N 419 
TRP HE3  H  N N 420 
TRP HZ2  H  N N 421 
TRP HZ3  H  N N 422 
TRP HH2  H  N N 423 
TRP HXT  H  N N 424 
TYR N    N  N N 425 
TYR CA   C  N S 426 
TYR C    C  N N 427 
TYR O    O  N N 428 
TYR CB   C  N N 429 
TYR CG   C  Y N 430 
TYR CD1  C  Y N 431 
TYR CD2  C  Y N 432 
TYR CE1  C  Y N 433 
TYR CE2  C  Y N 434 
TYR CZ   C  Y N 435 
TYR OH   O  N N 436 
TYR OXT  O  N N 437 
TYR H    H  N N 438 
TYR H2   H  N N 439 
TYR HA   H  N N 440 
TYR HB2  H  N N 441 
TYR HB3  H  N N 442 
TYR HD1  H  N N 443 
TYR HD2  H  N N 444 
TYR HE1  H  N N 445 
TYR HE2  H  N N 446 
TYR HH   H  N N 447 
TYR HXT  H  N N 448 
VAL N    N  N N 449 
VAL CA   C  N S 450 
VAL C    C  N N 451 
VAL O    O  N N 452 
VAL CB   C  N N 453 
VAL CG1  C  N N 454 
VAL CG2  C  N N 455 
VAL OXT  O  N N 456 
VAL H    H  N N 457 
VAL H2   H  N N 458 
VAL HA   H  N N 459 
VAL HB   H  N N 460 
VAL HG11 H  N N 461 
VAL HG12 H  N N 462 
VAL HG13 H  N N 463 
VAL HG21 H  N N 464 
VAL HG22 H  N N 465 
VAL HG23 H  N N 466 
VAL HXT  H  N N 467 
# 
loop_
_chem_comp_bond.comp_id 
_chem_comp_bond.atom_id_1 
_chem_comp_bond.atom_id_2 
_chem_comp_bond.value_order 
_chem_comp_bond.pdbx_aromatic_flag 
_chem_comp_bond.pdbx_stereo_config 
_chem_comp_bond.pdbx_ordinal 
ALA N   CA   sing N N 1   
ALA N   H    sing N N 2   
ALA N   H2   sing N N 3   
ALA CA  C    sing N N 4   
ALA CA  CB   sing N N 5   
ALA CA  HA   sing N N 6   
ALA C   O    doub N N 7   
ALA C   OXT  sing N N 8   
ALA CB  HB1  sing N N 9   
ALA CB  HB2  sing N N 10  
ALA CB  HB3  sing N N 11  
ALA OXT HXT  sing N N 12  
ARG N   CA   sing N N 13  
ARG N   H    sing N N 14  
ARG N   H2   sing N N 15  
ARG CA  C    sing N N 16  
ARG CA  CB   sing N N 17  
ARG CA  HA   sing N N 18  
ARG C   O    doub N N 19  
ARG C   OXT  sing N N 20  
ARG CB  CG   sing N N 21  
ARG CB  HB2  sing N N 22  
ARG CB  HB3  sing N N 23  
ARG CG  CD   sing N N 24  
ARG CG  HG2  sing N N 25  
ARG CG  HG3  sing N N 26  
ARG CD  NE   sing N N 27  
ARG CD  HD2  sing N N 28  
ARG CD  HD3  sing N N 29  
ARG NE  CZ   sing N N 30  
ARG NE  HE   sing N N 31  
ARG CZ  NH1  sing N N 32  
ARG CZ  NH2  doub N N 33  
ARG NH1 HH11 sing N N 34  
ARG NH1 HH12 sing N N 35  
ARG NH2 HH21 sing N N 36  
ARG NH2 HH22 sing N N 37  
ARG OXT HXT  sing N N 38  
ASN N   CA   sing N N 39  
ASN N   H    sing N N 40  
ASN N   H2   sing N N 41  
ASN CA  C    sing N N 42  
ASN CA  CB   sing N N 43  
ASN CA  HA   sing N N 44  
ASN C   O    doub N N 45  
ASN C   OXT  sing N N 46  
ASN CB  CG   sing N N 47  
ASN CB  HB2  sing N N 48  
ASN CB  HB3  sing N N 49  
ASN CG  OD1  doub N N 50  
ASN CG  ND2  sing N N 51  
ASN ND2 HD21 sing N N 52  
ASN ND2 HD22 sing N N 53  
ASN OXT HXT  sing N N 54  
ASP N   CA   sing N N 55  
ASP N   H    sing N N 56  
ASP N   H2   sing N N 57  
ASP CA  C    sing N N 58  
ASP CA  CB   sing N N 59  
ASP CA  HA   sing N N 60  
ASP C   O    doub N N 61  
ASP C   OXT  sing N N 62  
ASP CB  CG   sing N N 63  
ASP CB  HB2  sing N N 64  
ASP CB  HB3  sing N N 65  
ASP CG  OD1  doub N N 66  
ASP CG  OD2  sing N N 67  
ASP OD2 HD2  sing N N 68  
ASP OXT HXT  sing N N 69  
CMO C   O    trip N N 70  
CYS N   CA   sing N N 71  
CYS N   H    sing N N 72  
CYS N   H2   sing N N 73  
CYS CA  C    sing N N 74  
CYS CA  CB   sing N N 75  
CYS CA  HA   sing N N 76  
CYS C   O    doub N N 77  
CYS C   OXT  sing N N 78  
CYS CB  SG   sing N N 79  
CYS CB  HB2  sing N N 80  
CYS CB  HB3  sing N N 81  
CYS SG  HG   sing N N 82  
CYS OXT HXT  sing N N 83  
GLN N   CA   sing N N 84  
GLN N   H    sing N N 85  
GLN N   H2   sing N N 86  
GLN CA  C    sing N N 87  
GLN CA  CB   sing N N 88  
GLN CA  HA   sing N N 89  
GLN C   O    doub N N 90  
GLN C   OXT  sing N N 91  
GLN CB  CG   sing N N 92  
GLN CB  HB2  sing N N 93  
GLN CB  HB3  sing N N 94  
GLN CG  CD   sing N N 95  
GLN CG  HG2  sing N N 96  
GLN CG  HG3  sing N N 97  
GLN CD  OE1  doub N N 98  
GLN CD  NE2  sing N N 99  
GLN NE2 HE21 sing N N 100 
GLN NE2 HE22 sing N N 101 
GLN OXT HXT  sing N N 102 
GLU N   CA   sing N N 103 
GLU N   H    sing N N 104 
GLU N   H2   sing N N 105 
GLU CA  C    sing N N 106 
GLU CA  CB   sing N N 107 
GLU CA  HA   sing N N 108 
GLU C   O    doub N N 109 
GLU C   OXT  sing N N 110 
GLU CB  CG   sing N N 111 
GLU CB  HB2  sing N N 112 
GLU CB  HB3  sing N N 113 
GLU CG  CD   sing N N 114 
GLU CG  HG2  sing N N 115 
GLU CG  HG3  sing N N 116 
GLU CD  OE1  doub N N 117 
GLU CD  OE2  sing N N 118 
GLU OE2 HE2  sing N N 119 
GLU OXT HXT  sing N N 120 
GLY N   CA   sing N N 121 
GLY N   H    sing N N 122 
GLY N   H2   sing N N 123 
GLY CA  C    sing N N 124 
GLY CA  HA2  sing N N 125 
GLY CA  HA3  sing N N 126 
GLY C   O    doub N N 127 
GLY C   OXT  sing N N 128 
GLY OXT HXT  sing N N 129 
HEM CHA C1A  sing N N 130 
HEM CHA C4D  doub N N 131 
HEM CHA HHA  sing N N 132 
HEM CHB C4A  sing N N 133 
HEM CHB C1B  doub N N 134 
HEM CHB HHB  sing N N 135 
HEM CHC C4B  sing N N 136 
HEM CHC C1C  doub N N 137 
HEM CHC HHC  sing N N 138 
HEM CHD C4C  doub N N 139 
HEM CHD C1D  sing N N 140 
HEM CHD HHD  sing N N 141 
HEM C1A C2A  doub Y N 142 
HEM C1A NA   sing Y N 143 
HEM C2A C3A  sing Y N 144 
HEM C2A CAA  sing N N 145 
HEM C3A C4A  doub Y N 146 
HEM C3A CMA  sing N N 147 
HEM C4A NA   sing Y N 148 
HEM CMA HMA  sing N N 149 
HEM CMA HMAA sing N N 150 
HEM CMA HMAB sing N N 151 
HEM CAA CBA  sing N N 152 
HEM CAA HAA  sing N N 153 
HEM CAA HAAA sing N N 154 
HEM CBA CGA  sing N N 155 
HEM CBA HBA  sing N N 156 
HEM CBA HBAA sing N N 157 
HEM CGA O1A  doub N N 158 
HEM CGA O2A  sing N N 159 
HEM C1B C2B  sing N N 160 
HEM C1B NB   sing N N 161 
HEM C2B C3B  doub N N 162 
HEM C2B CMB  sing N N 163 
HEM C3B C4B  sing N N 164 
HEM C3B CAB  sing N N 165 
HEM C4B NB   doub N N 166 
HEM CMB HMB  sing N N 167 
HEM CMB HMBA sing N N 168 
HEM CMB HMBB sing N N 169 
HEM CAB CBB  doub N N 170 
HEM CAB HAB  sing N N 171 
HEM CBB HBB  sing N N 172 
HEM CBB HBBA sing N N 173 
HEM C1C C2C  sing Y N 174 
HEM C1C NC   sing Y N 175 
HEM C2C C3C  doub Y N 176 
HEM C2C CMC  sing N N 177 
HEM C3C C4C  sing Y N 178 
HEM C3C CAC  sing N N 179 
HEM C4C NC   sing Y N 180 
HEM CMC HMC  sing N N 181 
HEM CMC HMCA sing N N 182 
HEM CMC HMCB sing N N 183 
HEM CAC CBC  doub N N 184 
HEM CAC HAC  sing N N 185 
HEM CBC HBC  sing N N 186 
HEM CBC HBCA sing N N 187 
HEM C1D C2D  sing N N 188 
HEM C1D ND   doub N N 189 
HEM C2D C3D  doub N N 190 
HEM C2D CMD  sing N N 191 
HEM C3D C4D  sing N N 192 
HEM C3D CAD  sing N N 193 
HEM C4D ND   sing N N 194 
HEM CMD HMD  sing N N 195 
HEM CMD HMDA sing N N 196 
HEM CMD HMDB sing N N 197 
HEM CAD CBD  sing N N 198 
HEM CAD HAD  sing N N 199 
HEM CAD HADA sing N N 200 
HEM CBD CGD  sing N N 201 
HEM CBD HBD  sing N N 202 
HEM CBD HBDA sing N N 203 
HEM CGD O1D  doub N N 204 
HEM CGD O2D  sing N N 205 
HEM O2A H2A  sing N N 206 
HEM O2D H2D  sing N N 207 
HEM FE  NA   sing N N 208 
HEM FE  NB   sing N N 209 
HEM FE  NC   sing N N 210 
HEM FE  ND   sing N N 211 
HIS N   CA   sing N N 212 
HIS N   H    sing N N 213 
HIS N   H2   sing N N 214 
HIS CA  C    sing N N 215 
HIS CA  CB   sing N N 216 
HIS CA  HA   sing N N 217 
HIS C   O    doub N N 218 
HIS C   OXT  sing N N 219 
HIS CB  CG   sing N N 220 
HIS CB  HB2  sing N N 221 
HIS CB  HB3  sing N N 222 
HIS CG  ND1  sing Y N 223 
HIS CG  CD2  doub Y N 224 
HIS ND1 CE1  doub Y N 225 
HIS ND1 HD1  sing N N 226 
HIS CD2 NE2  sing Y N 227 
HIS CD2 HD2  sing N N 228 
HIS CE1 NE2  sing Y N 229 
HIS CE1 HE1  sing N N 230 
HIS NE2 HE2  sing N N 231 
HIS OXT HXT  sing N N 232 
HOH O   H1   sing N N 233 
HOH O   H2   sing N N 234 
ILE N   CA   sing N N 235 
ILE N   H    sing N N 236 
ILE N   H2   sing N N 237 
ILE CA  C    sing N N 238 
ILE CA  CB   sing N N 239 
ILE CA  HA   sing N N 240 
ILE C   O    doub N N 241 
ILE C   OXT  sing N N 242 
ILE CB  CG1  sing N N 243 
ILE CB  CG2  sing N N 244 
ILE CB  HB   sing N N 245 
ILE CG1 CD1  sing N N 246 
ILE CG1 HG12 sing N N 247 
ILE CG1 HG13 sing N N 248 
ILE CG2 HG21 sing N N 249 
ILE CG2 HG22 sing N N 250 
ILE CG2 HG23 sing N N 251 
ILE CD1 HD11 sing N N 252 
ILE CD1 HD12 sing N N 253 
ILE CD1 HD13 sing N N 254 
ILE OXT HXT  sing N N 255 
LEU N   CA   sing N N 256 
LEU N   H    sing N N 257 
LEU N   H2   sing N N 258 
LEU CA  C    sing N N 259 
LEU CA  CB   sing N N 260 
LEU CA  HA   sing N N 261 
LEU C   O    doub N N 262 
LEU C   OXT  sing N N 263 
LEU CB  CG   sing N N 264 
LEU CB  HB2  sing N N 265 
LEU CB  HB3  sing N N 266 
LEU CG  CD1  sing N N 267 
LEU CG  CD2  sing N N 268 
LEU CG  HG   sing N N 269 
LEU CD1 HD11 sing N N 270 
LEU CD1 HD12 sing N N 271 
LEU CD1 HD13 sing N N 272 
LEU CD2 HD21 sing N N 273 
LEU CD2 HD22 sing N N 274 
LEU CD2 HD23 sing N N 275 
LEU OXT HXT  sing N N 276 
LYS N   CA   sing N N 277 
LYS N   H    sing N N 278 
LYS N   H2   sing N N 279 
LYS CA  C    sing N N 280 
LYS CA  CB   sing N N 281 
LYS CA  HA   sing N N 282 
LYS C   O    doub N N 283 
LYS C   OXT  sing N N 284 
LYS CB  CG   sing N N 285 
LYS CB  HB2  sing N N 286 
LYS CB  HB3  sing N N 287 
LYS CG  CD   sing N N 288 
LYS CG  HG2  sing N N 289 
LYS CG  HG3  sing N N 290 
LYS CD  CE   sing N N 291 
LYS CD  HD2  sing N N 292 
LYS CD  HD3  sing N N 293 
LYS CE  NZ   sing N N 294 
LYS CE  HE2  sing N N 295 
LYS CE  HE3  sing N N 296 
LYS NZ  HZ1  sing N N 297 
LYS NZ  HZ2  sing N N 298 
LYS NZ  HZ3  sing N N 299 
LYS OXT HXT  sing N N 300 
MET N   CA   sing N N 301 
MET N   H    sing N N 302 
MET N   H2   sing N N 303 
MET CA  C    sing N N 304 
MET CA  CB   sing N N 305 
MET CA  HA   sing N N 306 
MET C   O    doub N N 307 
MET C   OXT  sing N N 308 
MET CB  CG   sing N N 309 
MET CB  HB2  sing N N 310 
MET CB  HB3  sing N N 311 
MET CG  SD   sing N N 312 
MET CG  HG2  sing N N 313 
MET CG  HG3  sing N N 314 
MET SD  CE   sing N N 315 
MET CE  HE1  sing N N 316 
MET CE  HE2  sing N N 317 
MET CE  HE3  sing N N 318 
MET OXT HXT  sing N N 319 
PHE N   CA   sing N N 320 
PHE N   H    sing N N 321 
PHE N   H2   sing N N 322 
PHE CA  C    sing N N 323 
PHE CA  CB   sing N N 324 
PHE CA  HA   sing N N 325 
PHE C   O    doub N N 326 
PHE C   OXT  sing N N 327 
PHE CB  CG   sing N N 328 
PHE CB  HB2  sing N N 329 
PHE CB  HB3  sing N N 330 
PHE CG  CD1  doub Y N 331 
PHE CG  CD2  sing Y N 332 
PHE CD1 CE1  sing Y N 333 
PHE CD1 HD1  sing N N 334 
PHE CD2 CE2  doub Y N 335 
PHE CD2 HD2  sing N N 336 
PHE CE1 CZ   doub Y N 337 
PHE CE1 HE1  sing N N 338 
PHE CE2 CZ   sing Y N 339 
PHE CE2 HE2  sing N N 340 
PHE CZ  HZ   sing N N 341 
PHE OXT HXT  sing N N 342 
PRO N   CA   sing N N 343 
PRO N   CD   sing N N 344 
PRO N   H    sing N N 345 
PRO CA  C    sing N N 346 
PRO CA  CB   sing N N 347 
PRO CA  HA   sing N N 348 
PRO C   O    doub N N 349 
PRO C   OXT  sing N N 350 
PRO CB  CG   sing N N 351 
PRO CB  HB2  sing N N 352 
PRO CB  HB3  sing N N 353 
PRO CG  CD   sing N N 354 
PRO CG  HG2  sing N N 355 
PRO CG  HG3  sing N N 356 
PRO CD  HD2  sing N N 357 
PRO CD  HD3  sing N N 358 
PRO OXT HXT  sing N N 359 
SER N   CA   sing N N 360 
SER N   H    sing N N 361 
SER N   H2   sing N N 362 
SER CA  C    sing N N 363 
SER CA  CB   sing N N 364 
SER CA  HA   sing N N 365 
SER C   O    doub N N 366 
SER C   OXT  sing N N 367 
SER CB  OG   sing N N 368 
SER CB  HB2  sing N N 369 
SER CB  HB3  sing N N 370 
SER OG  HG   sing N N 371 
SER OXT HXT  sing N N 372 
THR N   CA   sing N N 373 
THR N   H    sing N N 374 
THR N   H2   sing N N 375 
THR CA  C    sing N N 376 
THR CA  CB   sing N N 377 
THR CA  HA   sing N N 378 
THR C   O    doub N N 379 
THR C   OXT  sing N N 380 
THR CB  OG1  sing N N 381 
THR CB  CG2  sing N N 382 
THR CB  HB   sing N N 383 
THR OG1 HG1  sing N N 384 
THR CG2 HG21 sing N N 385 
THR CG2 HG22 sing N N 386 
THR CG2 HG23 sing N N 387 
THR OXT HXT  sing N N 388 
TRP N   CA   sing N N 389 
TRP N   H    sing N N 390 
TRP N   H2   sing N N 391 
TRP CA  C    sing N N 392 
TRP CA  CB   sing N N 393 
TRP CA  HA   sing N N 394 
TRP C   O    doub N N 395 
TRP C   OXT  sing N N 396 
TRP CB  CG   sing N N 397 
TRP CB  HB2  sing N N 398 
TRP CB  HB3  sing N N 399 
TRP CG  CD1  doub Y N 400 
TRP CG  CD2  sing Y N 401 
TRP CD1 NE1  sing Y N 402 
TRP CD1 HD1  sing N N 403 
TRP CD2 CE2  doub Y N 404 
TRP CD2 CE3  sing Y N 405 
TRP NE1 CE2  sing Y N 406 
TRP NE1 HE1  sing N N 407 
TRP CE2 CZ2  sing Y N 408 
TRP CE3 CZ3  doub Y N 409 
TRP CE3 HE3  sing N N 410 
TRP CZ2 CH2  doub Y N 411 
TRP CZ2 HZ2  sing N N 412 
TRP CZ3 CH2  sing Y N 413 
TRP CZ3 HZ3  sing N N 414 
TRP CH2 HH2  sing N N 415 
TRP OXT HXT  sing N N 416 
TYR N   CA   sing N N 417 
TYR N   H    sing N N 418 
TYR N   H2   sing N N 419 
TYR CA  C    sing N N 420 
TYR CA  CB   sing N N 421 
TYR CA  HA   sing N N 422 
TYR C   O    doub N N 423 
TYR C   OXT  sing N N 424 
TYR CB  CG   sing N N 425 
TYR CB  HB2  sing N N 426 
TYR CB  HB3  sing N N 427 
TYR CG  CD1  doub Y N 428 
TYR CG  CD2  sing Y N 429 
TYR CD1 CE1  sing Y N 430 
TYR CD1 HD1  sing N N 431 
TYR CD2 CE2  doub Y N 432 
TYR CD2 HD2  sing N N 433 
TYR CE1 CZ   doub Y N 434 
TYR CE1 HE1  sing N N 435 
TYR CE2 CZ   sing Y N 436 
TYR CE2 HE2  sing N N 437 
TYR CZ  OH   sing N N 438 
TYR OH  HH   sing N N 439 
TYR OXT HXT  sing N N 440 
VAL N   CA   sing N N 441 
VAL N   H    sing N N 442 
VAL N   H2   sing N N 443 
VAL CA  C    sing N N 444 
VAL CA  CB   sing N N 445 
VAL CA  HA   sing N N 446 
VAL C   O    doub N N 447 
VAL C   OXT  sing N N 448 
VAL CB  CG1  sing N N 449 
VAL CB  CG2  sing N N 450 
VAL CB  HB   sing N N 451 
VAL CG1 HG11 sing N N 452 
VAL CG1 HG12 sing N N 453 
VAL CG1 HG13 sing N N 454 
VAL CG2 HG21 sing N N 455 
VAL CG2 HG22 sing N N 456 
VAL CG2 HG23 sing N N 457 
VAL OXT HXT  sing N N 458 
# 
loop_
_pdbx_entity_nonpoly.entity_id 
_pdbx_entity_nonpoly.name 
_pdbx_entity_nonpoly.comp_id 
2 'PROTOPORPHYRIN IX CONTAINING FE' HEM 
3 'CARBON MONOXIDE'                 CMO 
4 water                             HOH 
# 
_pdbx_initial_refinement_model.id               1 
_pdbx_initial_refinement_model.entity_id_list   ? 
_pdbx_initial_refinement_model.type             'experimental model' 
_pdbx_initial_refinement_model.source_name      PDB 
_pdbx_initial_refinement_model.accession_code   1V5H 
_pdbx_initial_refinement_model.details          'PDB ENTRY 1V5H' 
# 
